data_2YIU
#
_entry.id   2YIU
#
_cell.length_a   85.300
_cell.length_b   164.910
_cell.length_c   100.610
_cell.angle_alpha   90.00
_cell.angle_beta   103.18
_cell.angle_gamma   90.00
#
_symmetry.space_group_name_H-M   'P 1 21 1'
#
loop_
_entity.id
_entity.type
_entity.pdbx_description
1 polymer 'CYTOCHROME B'
2 polymer 'CYTOCHROME C1, HEME PROTEIN'
3 polymer 'UBIQUINOL-CYTOCHROME C REDUCTASE IRON-SULFUR SUBUNIT'
4 non-polymer 'PROTOPORPHYRIN IX CONTAINING FE'
5 non-polymer 'STIGMATELLIN A'
6 non-polymer 'HEME C'
7 non-polymer 'FE2/S2 (INORGANIC) CLUSTER'
8 water water
#
loop_
_entity_poly.entity_id
_entity_poly.type
_entity_poly.pdbx_seq_one_letter_code
_entity_poly.pdbx_strand_id
1 'polypeptide(L)'
;MAGIPHDHYEPKTGFERWLHRRLPIVSLVYDTLMIPTPKNLNWWWIWGIVLAFCLVLQIATGIVLVMHYTPHVDLAFASV
EHIMRDVNGGYMLRYLHANGASLFFLAVYIHIFRGLYYGSYKAPREVTWIVGMLIYLMMMGTAFMGYVLPWGQMSFWGAT
VITGLFGAIPGVGEAIQTWLLGGPAVDNPTLNRFFSLHYLLPFVIAALVVVHIWAFHTTGNNNPTGVEVRRGSKEEAKKD
TLPFWPYFVIKDLFALAVVLVVFFAIVGFMPNYLGHPDNYIEANPLVTPAHIVPEWYFLPFYAILRAFTADVWVVMLVNW
LSFGIIDAKFFGVIAMFGAILVMALVPWLDTSRVRSGQYRPLFKWWFWLLAVDFVVLMWVGAMPAEGIYPYIALAGSAYW
FAYFLIILPLLGIIEKPDAMPQTIEEDFNAHYGPETHPAEHHHHHHHHHH
;
A,D
2 'polypeptide(L)'
;QDASTAPGTTAPAGAAQEAGDSHAAAHIEDISFSFEGPFGKFDQHQLQRGLQVYTEVCSACHGLRYVPLRTLADEGGPQL
PEDQVRAYAANFDITDPETEEDRPRVPTDHFPTVSGEGMGPDLSLMAKARAGFHGPYGTGLSQLFNGIGGPEYIHAVLTG
YDGEEKEEAGAVLYHNAAFAGNWIQMAAPLSDDQVTYEDGTPATVDQMATDVAAFLMWTAEPKMMDRKQVGFVSVIFLIV
LAALLYLTNKKLWQPIKHPRKPE
;
B,E
3 'polypeptide(L)'
;MSHADEHAGDHGATRRDFLYYATAGAGTVAAGAAAWTLVNQMNPSADVQALASIQVDVSGVETGTQLTVKWLGKPVFIRR
RTEDEIQAGREVDLGQLIDRSAQNSNKPDAPATDENRTMDEAGEWLVMIGVCTHLGCVPIGDGAGDFGGWFCPCHGSHYD
TSGRIRRGPAPQNLHIPVAEFLDDTTIKLG
;
C,F
#
# COMPACT_ATOMS: atom_id res chain seq x y z
N GLY A 3 29.10 4.73 32.08
CA GLY A 3 27.67 4.37 32.32
C GLY A 3 27.30 4.57 33.77
N ILE A 4 26.02 4.71 34.04
CA ILE A 4 25.57 4.94 35.42
C ILE A 4 25.46 3.68 36.27
N PRO A 5 26.31 3.55 37.29
CA PRO A 5 26.01 2.44 38.18
C PRO A 5 24.48 2.24 38.26
N HIS A 6 24.02 1.01 38.00
CA HIS A 6 22.61 0.62 38.06
C HIS A 6 22.64 -0.86 38.47
N ASP A 7 21.55 -1.37 39.04
CA ASP A 7 21.49 -2.80 39.36
C ASP A 7 20.85 -3.59 38.21
N HIS A 8 21.53 -4.62 37.73
CA HIS A 8 21.08 -5.33 36.52
C HIS A 8 20.23 -6.59 36.80
N TYR A 9 19.62 -7.12 35.74
CA TYR A 9 18.61 -8.18 35.85
C TYR A 9 19.16 -9.53 36.27
N GLU A 10 18.42 -10.18 37.15
CA GLU A 10 18.84 -11.45 37.68
C GLU A 10 17.63 -12.39 37.63
N PRO A 11 17.77 -13.50 36.92
CA PRO A 11 16.71 -14.51 36.78
C PRO A 11 16.59 -15.44 38.01
N LYS A 12 15.34 -15.73 38.39
CA LYS A 12 15.07 -16.64 39.52
C LYS A 12 14.20 -17.81 39.07
N THR A 13 12.93 -17.54 38.69
CA THR A 13 12.05 -18.52 38.03
C THR A 13 12.86 -19.56 37.26
N GLY A 14 12.29 -20.76 37.14
CA GLY A 14 12.87 -21.77 36.25
C GLY A 14 12.93 -21.30 34.79
N PHE A 15 11.78 -20.82 34.30
CA PHE A 15 11.66 -20.25 32.97
C PHE A 15 12.68 -19.16 32.68
N GLU A 16 12.77 -18.18 33.58
CA GLU A 16 13.69 -17.07 33.38
C GLU A 16 15.12 -17.55 33.28
N ARG A 17 15.44 -18.65 33.96
CA ARG A 17 16.78 -19.23 33.89
C ARG A 17 17.04 -19.92 32.54
N TRP A 18 16.08 -20.75 32.17
CA TRP A 18 15.99 -21.37 30.87
C TRP A 18 16.10 -20.28 29.83
N LEU A 19 15.23 -19.28 29.91
CA LEU A 19 15.18 -18.31 28.83
C LEU A 19 16.45 -17.47 28.73
N HIS A 20 17.04 -17.16 29.87
CA HIS A 20 18.21 -16.30 29.89
C HIS A 20 19.39 -16.91 29.16
N ARG A 21 19.55 -18.23 29.28
CA ARG A 21 20.66 -18.92 28.61
C ARG A 21 20.56 -18.88 27.08
N ARG A 22 19.34 -18.72 26.53
CA ARG A 22 19.07 -18.92 25.10
C ARG A 22 18.72 -17.62 24.32
N LEU A 23 18.04 -16.69 24.99
CA LEU A 23 17.73 -15.34 24.44
C LEU A 23 17.53 -14.33 25.59
N PRO A 24 18.54 -13.54 25.90
CA PRO A 24 18.34 -12.87 27.17
C PRO A 24 17.47 -11.63 26.96
N ILE A 25 16.26 -11.86 26.45
CA ILE A 25 15.36 -10.79 26.04
C ILE A 25 14.83 -10.09 27.26
N VAL A 26 14.84 -10.74 28.41
CA VAL A 26 14.30 -10.09 29.61
C VAL A 26 15.34 -9.15 30.23
N SER A 27 16.60 -9.55 30.16
CA SER A 27 17.68 -8.63 30.50
C SER A 27 17.60 -7.34 29.69
N LEU A 28 17.26 -7.46 28.40
CA LEU A 28 17.18 -6.28 27.55
C LEU A 28 16.02 -5.38 28.00
N VAL A 29 14.81 -5.91 28.04
CA VAL A 29 13.73 -5.17 28.59
C VAL A 29 14.09 -4.50 29.93
N TYR A 30 14.65 -5.25 30.87
CA TYR A 30 14.99 -4.70 32.18
C TYR A 30 15.94 -3.49 32.15
N ASP A 31 17.01 -3.55 31.38
CA ASP A 31 17.95 -2.44 31.34
C ASP A 31 17.39 -1.19 30.65
N THR A 32 16.13 -1.24 30.26
CA THR A 32 15.57 -0.23 29.42
C THR A 32 14.56 0.49 30.26
N LEU A 33 13.79 -0.30 30.97
CA LEU A 33 12.75 0.18 31.81
C LEU A 33 13.33 0.62 33.18
N MET A 34 14.62 0.39 33.37
CA MET A 34 15.22 0.60 34.67
C MET A 34 16.43 1.50 34.62
N ILE A 35 16.68 2.02 33.42
CA ILE A 35 17.74 2.97 33.24
C ILE A 35 17.57 3.97 34.35
N PRO A 36 18.67 4.38 34.96
CA PRO A 36 18.57 5.39 36.02
C PRO A 36 18.30 6.79 35.45
N THR A 37 17.22 7.41 35.87
CA THR A 37 16.92 8.72 35.36
C THR A 37 17.16 9.84 36.42
N PRO A 38 17.72 10.98 35.98
CA PRO A 38 17.79 12.12 36.91
C PRO A 38 16.40 12.36 37.52
N LYS A 39 16.38 12.53 38.85
CA LYS A 39 15.12 12.65 39.58
C LYS A 39 14.50 14.04 39.47
N ASN A 40 15.24 14.99 38.90
CA ASN A 40 14.81 16.39 38.89
C ASN A 40 14.20 16.78 37.58
N LEU A 41 13.79 15.81 36.76
CA LEU A 41 13.31 16.15 35.42
C LEU A 41 12.02 16.90 35.57
N ASN A 42 11.78 17.86 34.69
CA ASN A 42 10.50 18.53 34.73
C ASN A 42 9.55 18.15 33.55
N TRP A 43 8.40 18.82 33.50
CA TRP A 43 7.36 18.46 32.58
C TRP A 43 7.81 18.62 31.17
N TRP A 44 8.90 19.32 30.93
CA TRP A 44 9.37 19.29 29.57
C TRP A 44 9.83 17.91 29.13
N TRP A 45 10.32 17.08 30.03
CA TRP A 45 10.87 15.79 29.64
C TRP A 45 9.79 14.82 29.10
N ILE A 46 8.51 15.17 29.20
CA ILE A 46 7.44 14.28 28.70
C ILE A 46 7.12 14.22 27.19
N TRP A 47 7.67 15.11 26.38
CA TRP A 47 7.29 15.07 24.97
C TRP A 47 7.84 13.89 24.16
N GLY A 48 8.89 13.25 24.68
CA GLY A 48 9.37 12.03 24.10
C GLY A 48 8.34 10.91 24.15
N ILE A 49 7.64 10.75 25.26
CA ILE A 49 6.76 9.63 25.30
C ILE A 49 5.53 9.94 24.44
N VAL A 50 5.31 11.20 24.16
CA VAL A 50 4.10 11.63 23.46
C VAL A 50 4.36 11.38 22.01
N LEU A 51 5.63 11.47 21.65
CA LEU A 51 6.03 11.28 20.28
C LEU A 51 5.98 9.79 19.94
N ALA A 52 6.63 8.98 20.76
CA ALA A 52 6.51 7.53 20.72
C ALA A 52 5.05 7.16 20.57
N PHE A 53 4.18 7.80 21.38
CA PHE A 53 2.76 7.53 21.25
C PHE A 53 2.20 7.84 19.88
N CYS A 54 2.54 9.00 19.36
CA CYS A 54 2.13 9.42 18.03
C CYS A 54 2.65 8.50 16.94
N LEU A 55 3.91 8.10 17.05
CA LEU A 55 4.45 7.14 16.09
C LEU A 55 3.60 5.86 16.06
N VAL A 56 3.24 5.36 17.23
CA VAL A 56 2.54 4.11 17.30
C VAL A 56 1.10 4.33 16.86
N LEU A 57 0.63 5.57 16.99
CA LEU A 57 -0.74 5.88 16.66
C LEU A 57 -0.91 6.08 15.16
N GLN A 58 0.05 6.78 14.55
CA GLN A 58 0.00 7.00 13.09
C GLN A 58 0.10 5.69 12.32
N ILE A 59 0.90 4.76 12.83
CA ILE A 59 1.07 3.47 12.17
C ILE A 59 -0.12 2.54 12.32
N ALA A 60 -0.51 2.27 13.56
CA ALA A 60 -1.77 1.59 13.83
C ALA A 60 -2.91 2.15 12.95
N THR A 61 -3.22 3.45 13.01
CA THR A 61 -4.39 3.92 12.24
C THR A 61 -4.14 3.81 10.71
N GLY A 62 -2.85 3.90 10.36
CA GLY A 62 -2.43 3.91 8.97
C GLY A 62 -2.59 2.56 8.31
N ILE A 63 -2.08 1.51 8.96
CA ILE A 63 -2.18 0.15 8.42
C ILE A 63 -3.63 -0.15 8.08
N VAL A 64 -4.49 0.41 8.94
CA VAL A 64 -5.87 0.06 8.97
C VAL A 64 -6.61 0.92 7.96
N LEU A 65 -6.21 2.19 7.80
CA LEU A 65 -6.73 2.99 6.69
C LEU A 65 -6.34 2.43 5.32
N VAL A 66 -5.13 1.92 5.18
CA VAL A 66 -4.74 1.33 3.90
C VAL A 66 -5.71 0.20 3.47
N MET A 67 -6.29 -0.53 4.44
CA MET A 67 -7.25 -1.57 4.11
C MET A 67 -8.50 -1.10 3.33
N HIS A 68 -8.75 0.21 3.29
CA HIS A 68 -9.99 0.70 2.69
C HIS A 68 -9.73 1.86 1.73
N TYR A 69 -8.47 2.06 1.40
CA TYR A 69 -8.05 3.24 0.63
C TYR A 69 -7.56 2.69 -0.72
N THR A 70 -7.70 3.47 -1.76
CA THR A 70 -7.26 3.07 -3.07
C THR A 70 -6.36 4.17 -3.63
N PRO A 71 -5.10 3.84 -3.91
CA PRO A 71 -4.32 4.91 -4.43
C PRO A 71 -4.41 4.95 -5.94
N HIS A 72 -5.56 5.37 -6.44
CA HIS A 72 -5.70 5.71 -7.87
C HIS A 72 -6.35 7.09 -8.03
N VAL A 73 -5.81 7.91 -8.93
CA VAL A 73 -6.41 9.24 -9.11
C VAL A 73 -7.94 9.23 -9.31
N ASP A 74 -8.52 8.15 -9.83
CA ASP A 74 -9.96 8.12 -10.07
C ASP A 74 -10.73 7.62 -8.83
N LEU A 75 -10.01 7.22 -7.78
CA LEU A 75 -10.65 6.50 -6.67
C LEU A 75 -10.10 6.91 -5.33
N ALA A 76 -8.93 7.56 -5.30
CA ALA A 76 -8.41 8.08 -4.03
C ALA A 76 -9.41 8.89 -3.21
N PHE A 77 -9.93 9.97 -3.75
CA PHE A 77 -10.86 10.84 -3.02
C PHE A 77 -12.15 10.10 -2.63
N ALA A 78 -12.82 9.48 -3.61
CA ALA A 78 -13.96 8.60 -3.27
C ALA A 78 -13.59 7.60 -2.13
N SER A 79 -12.44 6.95 -2.23
CA SER A 79 -12.07 5.99 -1.17
C SER A 79 -11.98 6.64 0.23
N VAL A 80 -11.43 7.87 0.33
CA VAL A 80 -11.45 8.54 1.62
C VAL A 80 -12.88 8.81 2.03
N GLU A 81 -13.69 9.36 1.14
CA GLU A 81 -15.14 9.48 1.43
C GLU A 81 -15.83 8.16 1.88
N HIS A 82 -15.54 7.03 1.23
CA HIS A 82 -16.08 5.74 1.66
C HIS A 82 -15.56 5.34 3.05
N ILE A 83 -14.28 5.62 3.31
CA ILE A 83 -13.76 5.42 4.65
C ILE A 83 -14.57 6.22 5.67
N MET A 84 -14.85 7.48 5.36
CA MET A 84 -15.56 8.34 6.32
C MET A 84 -16.97 7.84 6.52
N ARG A 85 -17.66 7.50 5.45
CA ARG A 85 -19.06 7.13 5.54
C ARG A 85 -19.35 5.67 5.90
N ASP A 86 -18.65 4.70 5.31
CA ASP A 86 -19.11 3.32 5.40
C ASP A 86 -18.33 2.40 6.33
N VAL A 87 -17.08 2.71 6.59
CA VAL A 87 -16.27 1.83 7.40
C VAL A 87 -16.56 1.99 8.88
N ASN A 88 -16.75 0.87 9.56
CA ASN A 88 -16.88 0.92 11.01
C ASN A 88 -15.80 1.79 11.63
N GLY A 89 -16.22 2.90 12.24
CA GLY A 89 -15.27 3.75 12.95
C GLY A 89 -14.36 4.50 12.00
N GLY A 90 -14.75 4.52 10.72
CA GLY A 90 -13.95 5.09 9.67
C GLY A 90 -13.56 6.52 9.92
N TYR A 91 -14.58 7.37 10.03
CA TYR A 91 -14.41 8.79 10.30
C TYR A 91 -13.45 8.96 11.50
N MET A 92 -13.71 8.25 12.57
CA MET A 92 -12.82 8.38 13.71
C MET A 92 -11.35 8.03 13.44
N LEU A 93 -11.10 6.87 12.85
CA LEU A 93 -9.74 6.58 12.44
C LEU A 93 -9.23 7.64 11.48
N ARG A 94 -10.07 8.06 10.51
CA ARG A 94 -9.53 9.03 9.57
C ARG A 94 -9.12 10.26 10.38
N TYR A 95 -9.96 10.71 11.32
CA TYR A 95 -9.64 11.98 12.04
C TYR A 95 -8.46 11.79 13.00
N LEU A 96 -8.39 10.62 13.65
CA LEU A 96 -7.20 10.26 14.43
C LEU A 96 -5.89 10.35 13.61
N HIS A 97 -5.85 9.72 12.44
CA HIS A 97 -4.61 9.74 11.65
C HIS A 97 -4.29 11.17 11.27
N ALA A 98 -5.30 11.96 10.90
CA ALA A 98 -5.04 13.36 10.45
C ALA A 98 -4.56 14.34 11.58
N ASN A 99 -5.34 14.44 12.66
CA ASN A 99 -4.94 15.27 13.76
C ASN A 99 -3.70 14.73 14.43
N GLY A 100 -3.68 13.39 14.54
CA GLY A 100 -2.51 12.57 14.81
C GLY A 100 -1.26 13.20 14.27
N ALA A 101 -1.23 13.51 12.97
CA ALA A 101 -0.02 14.11 12.37
C ALA A 101 0.30 15.43 13.07
N SER A 102 -0.76 16.11 13.46
CA SER A 102 -0.61 17.44 14.03
C SER A 102 -0.14 17.37 15.44
N LEU A 103 -0.69 16.44 16.21
CA LEU A 103 -0.13 16.19 17.54
C LEU A 103 1.39 15.86 17.40
N PHE A 104 1.69 14.98 16.45
CA PHE A 104 3.08 14.58 16.18
C PHE A 104 4.04 15.78 16.06
N PHE A 105 3.73 16.73 15.17
CA PHE A 105 4.50 17.96 14.99
C PHE A 105 4.39 18.91 16.14
N LEU A 106 3.21 18.97 16.75
CA LEU A 106 3.10 19.79 17.95
C LEU A 106 4.19 19.28 18.89
N ALA A 107 4.26 17.97 19.04
CA ALA A 107 5.10 17.42 20.05
C ALA A 107 6.59 17.53 19.64
N VAL A 108 6.92 17.45 18.36
CA VAL A 108 8.37 17.49 18.05
C VAL A 108 8.95 18.86 18.32
N TYR A 109 8.13 19.87 17.99
CA TYR A 109 8.55 21.26 18.08
C TYR A 109 8.82 21.56 19.53
N ILE A 110 7.84 21.26 20.37
CA ILE A 110 8.06 21.36 21.82
C ILE A 110 9.30 20.59 22.27
N HIS A 111 9.30 19.26 22.10
CA HIS A 111 10.47 18.37 22.23
C HIS A 111 11.78 19.00 21.81
N ILE A 112 11.85 19.34 20.53
CA ILE A 112 13.02 20.04 20.02
C ILE A 112 13.44 21.28 20.86
N PHE A 113 12.45 22.10 21.24
CA PHE A 113 12.73 23.41 21.83
C PHE A 113 13.20 23.23 23.23
N ARG A 114 12.60 22.29 23.95
CA ARG A 114 13.23 21.79 25.17
C ARG A 114 14.71 21.53 24.92
N GLY A 115 15.02 20.79 23.86
CA GLY A 115 16.41 20.45 23.58
C GLY A 115 17.29 21.67 23.39
N LEU A 116 16.80 22.62 22.60
CA LEU A 116 17.55 23.81 22.26
C LEU A 116 17.75 24.69 23.45
N TYR A 117 16.96 24.50 24.49
CA TYR A 117 17.04 25.38 25.64
C TYR A 117 17.97 24.82 26.75
N TYR A 118 17.97 23.49 26.85
CA TYR A 118 18.60 22.76 27.94
C TYR A 118 19.92 22.14 27.53
N GLY A 119 20.35 22.34 26.30
CA GLY A 119 21.68 21.87 25.89
C GLY A 119 21.70 20.37 25.73
N SER A 120 20.69 19.81 25.07
CA SER A 120 20.59 18.36 24.99
C SER A 120 21.28 17.90 23.73
N TYR A 121 21.74 18.87 22.95
CA TYR A 121 22.56 18.62 21.78
C TYR A 121 24.06 18.82 22.03
N LYS A 122 24.42 19.31 23.21
CA LYS A 122 25.82 19.61 23.48
C LYS A 122 26.51 18.32 23.92
N ALA A 123 27.84 18.28 23.75
CA ALA A 123 28.62 17.10 24.12
C ALA A 123 28.02 16.63 25.43
N PRO A 124 27.89 15.30 25.63
CA PRO A 124 28.19 14.25 24.63
C PRO A 124 26.94 13.79 23.83
N ARG A 125 25.91 14.64 23.68
CA ARG A 125 24.68 14.18 23.12
C ARG A 125 24.43 14.54 21.63
N GLU A 126 25.49 14.94 20.92
CA GLU A 126 25.43 15.24 19.49
C GLU A 126 24.82 14.17 18.63
N VAL A 127 25.16 12.92 18.90
CA VAL A 127 24.59 11.83 18.08
C VAL A 127 23.12 11.68 18.29
N THR A 128 22.66 11.64 19.53
CA THR A 128 21.21 11.73 19.78
C THR A 128 20.48 12.82 19.00
N TRP A 129 21.14 13.96 18.77
CA TRP A 129 20.54 15.09 18.23
C TRP A 129 20.45 14.83 16.72
N ILE A 130 21.57 14.36 16.18
CA ILE A 130 21.60 14.16 14.73
C ILE A 130 20.65 13.07 14.31
N VAL A 131 20.55 12.01 15.09
CA VAL A 131 19.54 11.05 14.77
C VAL A 131 18.17 11.72 14.89
N GLY A 132 17.96 12.54 15.93
CA GLY A 132 16.76 13.42 16.05
C GLY A 132 16.45 14.22 14.78
N MET A 133 17.46 14.80 14.17
CA MET A 133 17.21 15.55 12.99
C MET A 133 16.82 14.70 11.77
N LEU A 134 17.44 13.54 11.60
CA LEU A 134 17.00 12.60 10.57
C LEU A 134 15.51 12.30 10.73
N ILE A 135 15.16 11.84 11.92
CA ILE A 135 13.77 11.55 12.21
C ILE A 135 12.94 12.74 11.78
N TYR A 136 13.41 13.95 12.12
CA TYR A 136 12.65 15.15 11.79
C TYR A 136 12.42 15.32 10.26
N LEU A 137 13.50 15.26 9.48
CA LEU A 137 13.39 15.28 8.01
C LEU A 137 12.41 14.25 7.50
N MET A 138 12.51 13.05 8.09
CA MET A 138 11.71 11.93 7.68
C MET A 138 10.24 12.21 8.00
N MET A 139 9.96 12.70 9.20
CA MET A 139 8.59 13.04 9.54
C MET A 139 8.02 14.00 8.50
N MET A 140 8.82 14.95 8.03
CA MET A 140 8.27 15.98 7.16
C MET A 140 7.95 15.37 5.82
N GLY A 141 8.89 14.58 5.31
CA GLY A 141 8.67 13.89 4.04
C GLY A 141 7.47 12.98 4.12
N THR A 142 7.44 12.19 5.19
CA THR A 142 6.32 11.30 5.44
C THR A 142 5.01 12.05 5.39
N ALA A 143 4.96 13.20 6.06
CA ALA A 143 3.70 13.89 6.26
C ALA A 143 3.22 14.46 4.95
N PHE A 144 4.13 15.01 4.16
CA PHE A 144 3.78 15.55 2.86
C PHE A 144 3.09 14.48 2.00
N MET A 145 3.72 13.31 1.91
CA MET A 145 3.21 12.29 1.02
C MET A 145 1.81 11.86 1.45
N GLY A 146 1.60 11.71 2.76
CA GLY A 146 0.30 11.28 3.22
C GLY A 146 -0.71 12.31 2.77
N TYR A 147 -0.28 13.55 2.76
CA TYR A 147 -1.19 14.61 2.52
C TYR A 147 -1.65 14.59 1.03
N VAL A 148 -0.88 13.91 0.18
CA VAL A 148 -1.25 13.80 -1.20
C VAL A 148 -2.35 12.76 -1.26
N LEU A 149 -2.34 11.86 -0.30
CA LEU A 149 -3.13 10.64 -0.53
C LEU A 149 -4.61 10.89 -0.85
N PRO A 150 -5.29 11.84 -0.15
CA PRO A 150 -6.72 12.06 -0.44
C PRO A 150 -6.97 12.64 -1.83
N TRP A 151 -5.90 13.14 -2.46
CA TRP A 151 -6.00 13.69 -3.81
C TRP A 151 -7.03 14.82 -3.91
N GLY A 152 -7.08 15.66 -2.87
CA GLY A 152 -7.84 16.91 -2.88
C GLY A 152 -7.06 17.99 -3.62
N GLN A 153 -7.57 19.22 -3.59
CA GLN A 153 -6.90 20.37 -4.24
C GLN A 153 -5.57 20.67 -3.55
N MET A 154 -5.57 20.66 -2.21
CA MET A 154 -4.31 20.80 -1.44
C MET A 154 -3.28 19.69 -1.70
N SER A 155 -3.73 18.43 -1.72
CA SER A 155 -2.84 17.32 -2.09
C SER A 155 -2.09 17.58 -3.39
N PHE A 156 -2.87 17.93 -4.41
CA PHE A 156 -2.33 18.07 -5.73
C PHE A 156 -1.38 19.26 -5.88
N TRP A 157 -1.79 20.45 -5.44
CA TRP A 157 -0.96 21.64 -5.68
C TRP A 157 0.21 21.59 -4.67
N GLY A 158 -0.07 21.04 -3.49
CA GLY A 158 0.95 20.72 -2.52
C GLY A 158 2.00 19.83 -3.18
N ALA A 159 1.58 18.99 -4.12
CA ALA A 159 2.43 17.91 -4.61
C ALA A 159 3.25 18.52 -5.69
N THR A 160 2.57 19.23 -6.60
CA THR A 160 3.27 20.06 -7.57
C THR A 160 4.39 20.91 -6.91
N VAL A 161 4.04 21.63 -5.85
CA VAL A 161 4.94 22.60 -5.31
C VAL A 161 6.16 21.97 -4.64
N ILE A 162 5.92 20.95 -3.82
CA ILE A 162 7.07 20.34 -3.19
C ILE A 162 7.91 19.54 -4.19
N THR A 163 7.31 18.85 -5.13
CA THR A 163 8.19 18.25 -6.15
C THR A 163 8.94 19.35 -6.90
N GLY A 164 8.38 20.58 -6.89
CA GLY A 164 8.97 21.71 -7.58
C GLY A 164 10.30 22.07 -6.93
N LEU A 165 10.43 21.83 -5.62
CA LEU A 165 11.63 22.26 -4.91
C LEU A 165 12.88 21.64 -5.52
N PHE A 166 12.78 20.37 -5.91
CA PHE A 166 13.90 19.66 -6.49
C PHE A 166 14.25 20.17 -7.88
N GLY A 167 13.23 20.57 -8.63
CA GLY A 167 13.46 21.07 -9.97
C GLY A 167 14.23 22.37 -9.91
N ALA A 168 14.27 23.02 -8.77
CA ALA A 168 15.10 24.23 -8.63
C ALA A 168 16.60 23.93 -8.69
N ILE A 169 17.05 22.74 -8.33
CA ILE A 169 18.49 22.50 -8.38
C ILE A 169 19.12 22.70 -9.79
N PRO A 170 20.15 23.57 -9.87
CA PRO A 170 20.64 23.87 -11.20
C PRO A 170 21.22 22.58 -11.72
N GLY A 171 21.24 22.40 -13.04
CA GLY A 171 21.89 21.24 -13.62
C GLY A 171 21.10 19.95 -13.60
N VAL A 172 20.80 19.42 -12.43
CA VAL A 172 20.20 18.10 -12.34
C VAL A 172 18.70 18.11 -11.91
N GLY A 173 18.20 19.29 -11.52
CA GLY A 173 16.84 19.47 -11.04
C GLY A 173 15.71 19.02 -11.94
N GLU A 174 15.73 19.28 -13.23
CA GLU A 174 14.63 18.76 -14.05
C GLU A 174 14.57 17.20 -14.00
N ALA A 175 15.71 16.53 -14.10
CA ALA A 175 15.75 15.08 -13.98
C ALA A 175 15.24 14.55 -12.61
N ILE A 176 15.65 15.14 -11.48
CA ILE A 176 15.15 14.63 -10.19
C ILE A 176 13.65 14.85 -10.14
N GLN A 177 13.23 15.97 -10.69
CA GLN A 177 11.82 16.30 -10.77
C GLN A 177 11.04 15.28 -11.62
N THR A 178 11.55 14.96 -12.80
CA THR A 178 10.88 14.01 -13.65
C THR A 178 10.83 12.62 -12.98
N TRP A 179 11.92 12.26 -12.34
CA TRP A 179 12.02 11.01 -11.61
C TRP A 179 10.99 10.95 -10.46
N LEU A 180 10.87 11.99 -9.63
CA LEU A 180 9.87 11.96 -8.55
C LEU A 180 8.47 11.96 -9.12
N LEU A 181 8.24 12.75 -10.16
CA LEU A 181 6.89 12.85 -10.69
C LEU A 181 6.49 11.51 -11.30
N GLY A 182 7.34 10.97 -12.17
CA GLY A 182 7.01 9.75 -12.92
C GLY A 182 6.44 10.16 -14.27
N GLY A 183 6.67 11.40 -14.65
CA GLY A 183 6.22 11.91 -15.92
C GLY A 183 6.38 13.42 -15.90
N PRO A 184 5.72 14.10 -16.82
CA PRO A 184 5.84 15.55 -16.96
C PRO A 184 4.94 16.31 -16.00
N ALA A 185 4.10 15.62 -15.25
CA ALA A 185 3.22 16.34 -14.32
C ALA A 185 2.75 15.46 -13.19
N VAL A 186 2.48 16.07 -12.05
CA VAL A 186 1.87 15.34 -10.98
C VAL A 186 0.71 14.57 -11.55
N ASP A 187 0.67 13.27 -11.46
CA ASP A 187 -0.47 12.50 -12.02
C ASP A 187 -0.53 11.13 -11.30
N ASN A 188 -1.26 10.17 -11.83
CA ASN A 188 -1.33 8.85 -11.15
C ASN A 188 0.01 8.19 -10.75
N PRO A 189 1.01 8.20 -11.66
CA PRO A 189 2.28 7.66 -11.17
C PRO A 189 2.73 8.35 -9.88
N THR A 190 2.53 9.66 -9.75
CA THR A 190 2.94 10.38 -8.52
C THR A 190 2.17 9.87 -7.31
N LEU A 191 0.87 9.77 -7.48
CA LEU A 191 0.00 9.37 -6.39
C LEU A 191 0.48 8.03 -5.87
N ASN A 192 0.76 7.18 -6.85
CA ASN A 192 1.03 5.77 -6.65
C ASN A 192 2.38 5.46 -6.00
N ARG A 193 3.41 6.25 -6.30
CA ARG A 193 4.69 6.04 -5.61
C ARG A 193 4.69 6.66 -4.18
N PHE A 194 4.12 7.86 -4.01
CA PHE A 194 4.00 8.50 -2.69
C PHE A 194 3.23 7.58 -1.77
N PHE A 195 2.33 6.80 -2.35
CA PHE A 195 1.62 5.88 -1.47
C PHE A 195 2.57 4.81 -0.86
N SER A 196 3.43 4.25 -1.70
CA SER A 196 4.42 3.28 -1.23
C SER A 196 5.29 3.86 -0.13
N LEU A 197 5.97 4.93 -0.51
CA LEU A 197 6.84 5.64 0.41
C LEU A 197 6.11 6.09 1.71
N HIS A 198 4.87 6.52 1.61
CA HIS A 198 4.14 6.84 2.85
C HIS A 198 4.07 5.64 3.74
N TYR A 199 3.92 4.45 3.17
CA TYR A 199 3.88 3.23 3.97
C TYR A 199 5.27 2.87 4.52
N LEU A 200 6.27 2.90 3.65
CA LEU A 200 7.65 2.59 4.05
C LEU A 200 8.23 3.52 5.13
N LEU A 201 8.18 4.84 4.90
CA LEU A 201 8.94 5.78 5.70
C LEU A 201 8.66 5.69 7.19
N PRO A 202 7.40 5.50 7.58
CA PRO A 202 7.16 5.37 9.03
C PRO A 202 7.89 4.18 9.68
N PHE A 203 8.14 3.11 8.91
CA PHE A 203 9.03 2.05 9.41
C PHE A 203 10.50 2.46 9.55
N VAL A 204 11.01 3.26 8.62
CA VAL A 204 12.36 3.74 8.76
C VAL A 204 12.45 4.65 9.99
N ILE A 205 11.40 5.44 10.21
CA ILE A 205 11.35 6.33 11.35
C ILE A 205 11.39 5.53 12.66
N ALA A 206 10.58 4.47 12.72
CA ALA A 206 10.66 3.58 13.89
C ALA A 206 12.08 3.03 14.13
N ALA A 207 12.79 2.61 13.08
CA ALA A 207 14.14 2.16 13.25
C ALA A 207 15.02 3.26 13.86
N LEU A 208 14.96 4.45 13.26
CA LEU A 208 15.74 5.57 13.77
C LEU A 208 15.40 5.83 15.22
N VAL A 209 14.14 5.69 15.57
CA VAL A 209 13.74 5.92 16.97
C VAL A 209 14.40 4.89 17.90
N VAL A 210 14.49 3.64 17.43
CA VAL A 210 15.26 2.66 18.20
C VAL A 210 16.71 3.19 18.37
N VAL A 211 17.38 3.53 17.28
CA VAL A 211 18.70 4.12 17.44
C VAL A 211 18.71 5.39 18.33
N HIS A 212 17.60 6.10 18.34
CA HIS A 212 17.44 7.32 19.16
C HIS A 212 17.49 6.95 20.66
N ILE A 213 16.50 6.20 21.12
CA ILE A 213 16.51 5.76 22.48
C ILE A 213 17.86 5.13 22.89
N TRP A 214 18.49 4.40 21.98
CA TRP A 214 19.72 3.71 22.30
C TRP A 214 20.77 4.73 22.70
N ALA A 215 20.88 5.79 21.91
CA ALA A 215 21.82 6.87 22.15
C ALA A 215 21.60 7.56 23.51
N PHE A 216 20.38 7.93 23.81
CA PHE A 216 20.26 8.59 25.10
C PHE A 216 20.51 7.65 26.30
N HIS A 217 20.22 6.36 26.15
CA HIS A 217 20.60 5.35 27.13
C HIS A 217 22.11 5.25 27.26
N THR A 218 22.85 5.48 26.19
CA THR A 218 24.28 5.39 26.27
C THR A 218 24.88 6.56 27.05
N THR A 219 24.42 7.78 26.77
CA THR A 219 24.90 8.94 27.49
C THR A 219 24.16 9.14 28.81
N GLY A 220 22.98 8.58 28.98
CA GLY A 220 22.12 9.09 30.05
C GLY A 220 21.33 10.35 29.62
N ASN A 221 20.08 10.39 30.08
CA ASN A 221 19.23 11.56 30.00
C ASN A 221 19.89 12.83 30.50
N ASN A 222 19.43 13.95 29.97
CA ASN A 222 19.84 15.26 30.40
C ASN A 222 18.83 15.70 31.43
N ASN A 223 19.08 16.80 32.09
CA ASN A 223 18.11 17.30 33.07
C ASN A 223 18.13 18.81 33.07
N PRO A 224 17.10 19.39 33.65
CA PRO A 224 16.97 20.85 33.62
C PRO A 224 18.27 21.60 34.01
N THR A 225 19.06 21.09 35.00
CA THR A 225 20.34 21.73 35.42
C THR A 225 21.53 21.58 34.49
N GLY A 226 21.52 20.57 33.62
CA GLY A 226 22.67 20.35 32.75
C GLY A 226 23.82 19.71 33.46
N VAL A 227 23.56 19.30 34.71
CA VAL A 227 24.55 18.62 35.58
C VAL A 227 24.39 17.08 35.60
N GLU A 228 25.37 16.39 34.99
CA GLU A 228 25.32 14.95 34.76
C GLU A 228 25.13 14.17 36.05
N VAL A 229 24.37 13.10 35.99
CA VAL A 229 24.35 12.13 37.10
C VAL A 229 25.79 11.75 37.51
N ARG A 230 26.05 11.78 38.82
CA ARG A 230 27.33 11.31 39.36
C ARG A 230 27.59 9.79 39.15
N ARG A 231 28.78 9.47 38.64
CA ARG A 231 29.19 8.08 38.41
C ARG A 231 30.22 7.56 39.45
N GLY A 232 30.48 8.34 40.50
CA GLY A 232 31.54 8.01 41.49
C GLY A 232 31.32 6.72 42.25
N SER A 233 30.06 6.30 42.40
CA SER A 233 29.68 5.09 43.13
C SER A 233 28.17 4.88 42.94
N LYS A 234 27.63 3.75 43.37
CA LYS A 234 26.18 3.54 43.23
C LYS A 234 25.39 4.39 44.21
N GLU A 235 25.94 4.62 45.41
CA GLU A 235 25.23 5.37 46.45
C GLU A 235 25.06 6.84 46.04
N GLU A 236 26.05 7.40 45.36
CA GLU A 236 25.93 8.73 44.78
C GLU A 236 24.88 8.82 43.64
N ALA A 237 25.02 7.92 42.66
CA ALA A 237 24.16 7.93 41.49
C ALA A 237 22.71 7.75 41.94
N LYS A 238 22.49 6.86 42.90
CA LYS A 238 21.16 6.70 43.45
C LYS A 238 20.62 8.02 44.03
N LYS A 239 21.49 8.86 44.57
CA LYS A 239 21.05 10.15 45.13
C LYS A 239 20.54 11.13 44.08
N ASP A 240 21.06 10.97 42.86
CA ASP A 240 20.82 11.86 41.73
C ASP A 240 19.73 11.36 40.78
N THR A 241 19.28 10.14 40.99
CA THR A 241 18.46 9.48 39.99
C THR A 241 17.39 8.61 40.62
N LEU A 242 16.60 7.99 39.76
CA LEU A 242 15.52 7.07 40.13
C LEU A 242 15.36 6.17 38.92
N PRO A 243 14.81 4.95 39.11
CA PRO A 243 14.57 4.09 37.97
C PRO A 243 13.42 4.62 37.10
N PHE A 244 13.64 4.57 35.77
CA PHE A 244 12.68 5.07 34.77
C PHE A 244 11.35 4.42 35.10
N TRP A 245 11.37 3.11 35.39
CA TRP A 245 10.15 2.46 35.91
C TRP A 245 10.23 2.25 37.46
N PRO A 246 9.11 2.51 38.22
CA PRO A 246 7.74 3.04 37.90
C PRO A 246 7.62 4.58 37.81
N TYR A 247 8.69 5.27 38.21
CA TYR A 247 8.63 6.69 38.53
C TYR A 247 8.31 7.64 37.35
N PHE A 248 9.01 7.52 36.23
CA PHE A 248 8.74 8.37 35.09
C PHE A 248 7.78 7.76 34.06
N VAL A 249 7.73 6.43 33.97
CA VAL A 249 6.72 5.75 33.15
C VAL A 249 5.35 6.28 33.57
N ILE A 250 5.19 6.46 34.88
CA ILE A 250 3.93 6.92 35.40
C ILE A 250 3.72 8.46 35.34
N LYS A 251 4.78 9.24 35.63
CA LYS A 251 4.73 10.64 35.38
C LYS A 251 4.39 10.82 33.89
N ASP A 252 5.08 10.07 33.02
CA ASP A 252 4.85 10.14 31.55
C ASP A 252 3.44 9.76 31.11
N LEU A 253 2.98 8.63 31.61
CA LEU A 253 1.68 8.13 31.20
C LEU A 253 0.62 9.13 31.65
N PHE A 254 0.84 9.79 32.78
CA PHE A 254 -0.13 10.77 33.30
C PHE A 254 -0.22 11.99 32.39
N ALA A 255 0.94 12.54 32.07
CA ALA A 255 1.07 13.67 31.17
C ALA A 255 0.43 13.41 29.79
N LEU A 256 0.81 12.26 29.21
CA LEU A 256 0.19 11.76 27.99
C LEU A 256 -1.31 11.78 28.14
N ALA A 257 -1.81 11.24 29.25
CA ALA A 257 -3.24 11.20 29.49
C ALA A 257 -3.80 12.59 29.40
N VAL A 258 -3.19 13.56 30.09
CA VAL A 258 -3.66 14.93 29.93
C VAL A 258 -3.61 15.42 28.47
N VAL A 259 -2.53 15.09 27.75
CA VAL A 259 -2.43 15.50 26.34
C VAL A 259 -3.58 14.85 25.52
N LEU A 260 -3.81 13.56 25.74
CA LEU A 260 -4.82 12.84 25.00
C LEU A 260 -6.22 13.37 25.29
N VAL A 261 -6.41 13.91 26.52
CA VAL A 261 -7.66 14.57 26.88
C VAL A 261 -7.94 15.72 25.89
N VAL A 262 -6.95 16.56 25.59
CA VAL A 262 -7.16 17.60 24.58
C VAL A 262 -7.28 17.02 23.17
N PHE A 263 -6.39 16.10 22.85
CA PHE A 263 -6.40 15.44 21.55
C PHE A 263 -7.76 14.91 21.08
N PHE A 264 -8.36 14.08 21.95
CA PHE A 264 -9.67 13.56 21.66
C PHE A 264 -10.80 14.63 21.68
N ALA A 265 -10.70 15.62 22.58
CA ALA A 265 -11.58 16.77 22.51
C ALA A 265 -11.60 17.34 21.08
N ILE A 266 -10.40 17.64 20.57
CA ILE A 266 -10.26 18.15 19.22
C ILE A 266 -10.84 17.14 18.24
N VAL A 267 -10.40 15.88 18.36
CA VAL A 267 -10.86 14.83 17.43
C VAL A 267 -12.38 14.67 17.47
N GLY A 268 -12.98 14.92 18.62
CA GLY A 268 -14.39 14.69 18.79
C GLY A 268 -15.16 15.91 18.40
N PHE A 269 -14.61 17.08 18.69
CA PHE A 269 -15.40 18.28 18.44
C PHE A 269 -14.84 19.27 17.42
N MET A 270 -13.57 19.18 17.03
CA MET A 270 -13.02 20.16 16.12
C MET A 270 -12.07 19.45 15.20
N PRO A 271 -12.57 18.33 14.69
CA PRO A 271 -11.75 17.38 13.89
C PRO A 271 -11.02 18.08 12.73
N ASN A 272 -11.56 19.21 12.24
CA ASN A 272 -11.12 19.89 11.01
C ASN A 272 -10.60 21.35 11.20
N TYR A 273 -10.79 21.93 12.37
CA TYR A 273 -10.22 23.24 12.60
C TYR A 273 -8.69 23.32 12.31
N LEU A 274 -7.91 22.26 12.57
CA LEU A 274 -6.43 22.35 12.25
C LEU A 274 -6.02 22.06 10.75
N GLY A 275 -6.99 21.84 9.85
CA GLY A 275 -6.70 21.64 8.46
C GLY A 275 -7.36 22.67 7.55
N HIS A 276 -7.14 22.52 6.25
CA HIS A 276 -7.65 23.36 5.20
C HIS A 276 -8.86 22.77 4.42
N PRO A 277 -10.09 23.29 4.71
CA PRO A 277 -11.38 22.93 4.04
C PRO A 277 -11.21 22.52 2.62
N ASP A 278 -10.18 23.03 2.02
CA ASP A 278 -10.12 23.10 0.61
C ASP A 278 -9.67 21.79 0.02
N ASN A 279 -9.21 20.92 0.91
CA ASN A 279 -8.82 19.58 0.53
C ASN A 279 -10.05 18.70 0.55
N TYR A 280 -11.16 19.22 1.01
CA TYR A 280 -12.44 18.61 0.67
C TYR A 280 -12.95 18.90 -0.77
N ILE A 281 -12.15 19.54 -1.61
CA ILE A 281 -12.44 19.65 -3.02
C ILE A 281 -11.40 18.81 -3.80
N GLU A 282 -11.83 18.28 -4.92
CA GLU A 282 -11.08 17.26 -5.64
C GLU A 282 -9.97 17.87 -6.46
N ALA A 283 -8.76 17.37 -6.30
CA ALA A 283 -7.69 17.89 -7.15
C ALA A 283 -8.22 18.32 -8.53
N ASN A 284 -7.90 19.56 -8.94
CA ASN A 284 -8.20 20.04 -10.27
C ASN A 284 -6.91 20.55 -10.91
N PRO A 285 -6.48 19.87 -11.97
CA PRO A 285 -5.18 20.23 -12.56
C PRO A 285 -5.18 21.53 -13.34
N LEU A 286 -6.35 22.10 -13.62
CA LEU A 286 -6.48 23.40 -14.33
C LEU A 286 -6.53 24.61 -13.40
N VAL A 287 -7.00 24.46 -12.17
CA VAL A 287 -7.07 25.59 -11.23
C VAL A 287 -6.29 25.38 -9.92
N THR A 288 -5.39 26.29 -9.60
CA THR A 288 -4.90 26.38 -8.22
C THR A 288 -5.81 27.40 -7.46
N PRO A 289 -6.40 26.97 -6.32
CA PRO A 289 -7.30 27.69 -5.44
C PRO A 289 -6.69 28.97 -4.88
N ALA A 290 -7.54 29.98 -4.69
CA ALA A 290 -6.96 31.30 -4.36
C ALA A 290 -6.36 31.28 -2.97
N HIS A 291 -6.97 30.61 -2.02
CA HIS A 291 -6.34 30.65 -0.71
C HIS A 291 -5.65 29.34 -0.46
N ILE A 292 -4.38 29.24 -0.81
CA ILE A 292 -3.69 27.97 -0.68
C ILE A 292 -2.64 27.95 0.44
N VAL A 293 -3.01 27.54 1.62
CA VAL A 293 -2.07 27.64 2.71
C VAL A 293 -1.61 26.29 3.12
N PRO A 294 -0.31 26.05 3.11
CA PRO A 294 0.29 24.82 3.62
C PRO A 294 -0.27 24.43 4.95
N GLU A 295 -0.09 23.16 5.27
CA GLU A 295 -0.27 22.57 6.59
C GLU A 295 0.50 23.40 7.68
N TRP A 296 -0.12 23.62 8.84
CA TRP A 296 0.42 24.60 9.76
C TRP A 296 1.88 24.27 10.15
N TYR A 297 2.15 23.02 10.52
CA TYR A 297 3.51 22.60 10.89
C TYR A 297 4.58 22.87 9.83
N PHE A 298 4.16 23.21 8.62
CA PHE A 298 5.09 23.50 7.56
C PHE A 298 5.22 25.02 7.41
N LEU A 299 4.34 25.76 8.08
CA LEU A 299 4.21 27.23 7.83
C LEU A 299 5.52 28.05 8.03
N PRO A 300 6.28 27.81 9.13
CA PRO A 300 7.52 28.59 9.26
C PRO A 300 8.51 28.40 8.09
N PHE A 301 8.59 27.19 7.55
CA PHE A 301 9.64 26.94 6.60
C PHE A 301 9.16 27.48 5.31
N TYR A 302 7.84 27.47 5.17
CA TYR A 302 7.19 28.00 4.01
C TYR A 302 7.40 29.52 3.96
N ALA A 303 7.07 30.18 5.06
CA ALA A 303 7.37 31.59 5.30
C ALA A 303 8.81 31.90 4.91
N ILE A 304 9.76 31.11 5.40
CA ILE A 304 11.13 31.40 5.02
C ILE A 304 11.25 31.36 3.52
N LEU A 305 10.66 30.34 2.89
CA LEU A 305 10.66 30.31 1.43
C LEU A 305 10.21 31.58 0.69
N ARG A 306 8.95 32.06 0.80
CA ARG A 306 8.53 33.21 -0.04
C ARG A 306 9.17 34.53 0.35
N ALA A 307 9.53 34.66 1.62
CA ALA A 307 10.32 35.81 2.01
C ALA A 307 11.35 36.15 0.96
N PHE A 308 11.85 35.21 0.14
CA PHE A 308 12.98 35.57 -0.74
C PHE A 308 12.63 35.83 -2.22
N THR A 309 12.04 36.98 -2.46
CA THR A 309 11.67 37.43 -3.82
C THR A 309 12.84 38.16 -4.53
N ALA A 310 12.66 38.51 -5.82
CA ALA A 310 13.71 39.22 -6.60
C ALA A 310 14.10 40.58 -5.96
N ASP A 311 13.10 41.30 -5.45
CA ASP A 311 13.24 42.54 -4.69
C ASP A 311 14.35 42.47 -3.62
N VAL A 312 14.51 41.33 -2.96
CA VAL A 312 15.37 41.27 -1.77
C VAL A 312 16.87 41.45 -2.08
N TRP A 313 17.53 42.36 -1.35
CA TRP A 313 18.93 42.73 -1.66
C TRP A 313 19.94 41.58 -1.59
N VAL A 314 19.76 40.71 -0.60
CA VAL A 314 20.72 39.61 -0.44
C VAL A 314 20.56 38.72 -1.66
N VAL A 315 19.32 38.66 -2.15
CA VAL A 315 19.01 37.88 -3.36
C VAL A 315 19.60 38.46 -4.62
N MET A 316 19.59 39.78 -4.78
CA MET A 316 20.26 40.45 -5.94
C MET A 316 21.77 40.43 -5.86
N LEU A 317 22.31 40.69 -4.67
CA LEU A 317 23.74 40.54 -4.48
C LEU A 317 24.15 39.13 -4.89
N VAL A 318 23.50 38.12 -4.32
CA VAL A 318 23.87 36.75 -4.60
C VAL A 318 23.52 36.33 -6.00
N ASN A 319 22.46 36.91 -6.55
CA ASN A 319 22.14 36.57 -7.90
C ASN A 319 23.29 37.02 -8.77
N TRP A 320 23.79 38.22 -8.45
CA TRP A 320 24.85 38.87 -9.21
C TRP A 320 26.21 38.14 -9.04
N LEU A 321 26.71 38.08 -7.80
CA LEU A 321 27.91 37.29 -7.53
C LEU A 321 27.85 35.92 -8.21
N SER A 322 26.67 35.31 -8.24
CA SER A 322 26.55 33.94 -8.78
C SER A 322 26.34 33.91 -10.29
N PHE A 323 26.43 35.06 -10.94
CA PHE A 323 26.24 35.12 -12.40
C PHE A 323 24.89 34.54 -12.84
N GLY A 324 23.86 34.70 -12.02
CA GLY A 324 22.53 34.21 -12.36
C GLY A 324 22.21 32.78 -11.92
N ILE A 325 23.20 32.04 -11.48
CA ILE A 325 22.94 30.65 -11.14
C ILE A 325 22.12 30.54 -9.85
N ILE A 326 22.26 31.48 -8.93
CA ILE A 326 21.40 31.45 -7.78
C ILE A 326 20.41 32.61 -7.86
N ASP A 327 19.18 32.33 -8.27
CA ASP A 327 18.19 33.37 -8.32
C ASP A 327 17.27 33.24 -7.11
N ALA A 328 16.32 34.15 -6.99
CA ALA A 328 15.35 34.07 -5.91
C ALA A 328 14.72 32.66 -5.79
N LYS A 329 14.46 32.02 -6.92
CA LYS A 329 13.88 30.69 -6.82
C LYS A 329 14.79 29.65 -6.08
N PHE A 330 16.04 29.55 -6.49
CA PHE A 330 16.96 28.66 -5.80
C PHE A 330 17.34 29.11 -4.37
N PHE A 331 17.65 30.39 -4.21
CA PHE A 331 17.92 30.96 -2.90
C PHE A 331 16.84 30.59 -1.85
N GLY A 332 15.58 30.75 -2.21
CA GLY A 332 14.50 30.53 -1.26
C GLY A 332 14.44 29.10 -0.77
N VAL A 333 14.65 28.18 -1.70
CA VAL A 333 14.77 26.75 -1.37
C VAL A 333 16.01 26.49 -0.46
N ILE A 334 17.19 26.96 -0.88
CA ILE A 334 18.39 26.83 -0.09
C ILE A 334 18.19 27.41 1.29
N ALA A 335 17.64 28.60 1.34
CA ALA A 335 17.35 29.22 2.62
C ALA A 335 16.43 28.34 3.49
N MET A 336 15.52 27.63 2.85
CA MET A 336 14.57 26.82 3.61
C MET A 336 15.22 25.55 4.17
N PHE A 337 16.01 24.85 3.34
CA PHE A 337 16.66 23.65 3.82
C PHE A 337 17.83 24.12 4.68
N GLY A 338 18.40 25.26 4.31
CA GLY A 338 19.40 25.86 5.16
C GLY A 338 18.81 26.10 6.52
N ALA A 339 17.59 26.62 6.58
CA ALA A 339 17.00 26.90 7.88
C ALA A 339 17.06 25.66 8.72
N ILE A 340 16.66 24.52 8.15
CA ILE A 340 16.68 23.24 8.86
C ILE A 340 18.09 22.74 9.26
N LEU A 341 19.01 22.74 8.30
CA LEU A 341 20.38 22.34 8.49
C LEU A 341 21.12 23.13 9.58
N VAL A 342 21.01 24.43 9.60
CA VAL A 342 21.82 25.11 10.58
C VAL A 342 21.31 24.69 11.96
N MET A 343 20.02 24.42 12.09
CA MET A 343 19.54 23.87 13.37
C MET A 343 20.21 22.51 13.68
N ALA A 344 20.48 21.75 12.63
CA ALA A 344 21.06 20.43 12.79
C ALA A 344 22.41 20.61 13.41
N LEU A 345 23.20 21.52 12.85
CA LEU A 345 24.59 21.76 13.25
C LEU A 345 24.81 22.47 14.60
N VAL A 346 23.74 22.79 15.32
CA VAL A 346 23.89 23.51 16.60
C VAL A 346 24.95 22.97 17.61
N PRO A 347 25.21 21.65 17.66
CA PRO A 347 26.20 21.32 18.67
C PRO A 347 27.57 21.92 18.35
N TRP A 348 27.84 22.20 17.09
CA TRP A 348 29.15 22.72 16.75
C TRP A 348 29.12 24.23 16.56
N LEU A 349 28.01 24.85 16.94
CA LEU A 349 27.89 26.28 16.75
C LEU A 349 27.79 26.88 18.17
N ASP A 350 27.00 26.23 19.03
CA ASP A 350 26.90 26.71 20.40
C ASP A 350 28.19 26.41 21.19
N THR A 351 29.14 27.33 21.11
CA THR A 351 30.46 27.12 21.69
C THR A 351 30.49 27.39 23.19
N SER A 352 29.41 27.93 23.76
CA SER A 352 29.36 28.11 25.19
C SER A 352 29.63 26.76 25.81
N ARG A 353 30.56 26.68 26.76
CA ARG A 353 30.80 25.41 27.45
C ARG A 353 29.72 25.11 28.52
N VAL A 354 28.92 26.07 28.94
CA VAL A 354 27.83 25.75 29.87
C VAL A 354 26.64 25.05 29.16
N ARG A 355 26.07 24.03 29.79
CA ARG A 355 25.14 23.16 29.10
C ARG A 355 23.74 23.71 29.05
N SER A 356 23.16 23.90 30.22
CA SER A 356 21.77 24.29 30.38
C SER A 356 21.60 25.80 30.21
N GLY A 357 20.54 26.19 29.51
CA GLY A 357 20.16 27.59 29.42
C GLY A 357 19.78 28.22 30.76
N GLN A 358 19.28 27.42 31.69
CA GLN A 358 18.96 27.94 33.01
C GLN A 358 20.06 28.89 33.53
N TYR A 359 21.31 28.47 33.40
CA TYR A 359 22.41 29.22 33.94
C TYR A 359 23.02 30.16 32.92
N ARG A 360 22.30 30.47 31.85
CA ARG A 360 22.85 31.41 30.86
C ARG A 360 21.93 32.65 30.70
N PRO A 361 22.43 33.84 31.07
CA PRO A 361 21.40 34.90 31.24
C PRO A 361 21.16 35.76 30.01
N LEU A 362 22.16 35.84 29.13
CA LEU A 362 22.04 36.45 27.83
C LEU A 362 21.36 35.49 26.84
N PHE A 363 21.52 34.20 27.11
CA PHE A 363 20.95 33.18 26.28
C PHE A 363 19.41 33.22 26.39
N LYS A 364 18.92 33.19 27.64
CA LYS A 364 17.47 33.10 27.82
C LYS A 364 16.73 34.05 26.91
N TRP A 365 17.32 35.21 26.66
CA TRP A 365 16.70 36.23 25.83
C TRP A 365 16.70 35.83 24.36
N TRP A 366 17.87 35.61 23.79
CA TRP A 366 17.98 35.19 22.41
C TRP A 366 17.17 33.93 22.08
N PHE A 367 17.08 33.02 23.04
CA PHE A 367 16.31 31.80 22.87
C PHE A 367 14.81 32.09 22.78
N TRP A 368 14.25 32.91 23.67
CA TRP A 368 12.82 33.17 23.54
C TRP A 368 12.53 33.93 22.25
N LEU A 369 13.38 34.88 21.91
CA LEU A 369 13.26 35.56 20.64
C LEU A 369 13.16 34.51 19.51
N LEU A 370 14.07 33.54 19.55
CA LEU A 370 14.06 32.41 18.64
C LEU A 370 12.70 31.79 18.59
N ALA A 371 12.20 31.45 19.77
CA ALA A 371 10.92 30.79 19.91
C ALA A 371 9.76 31.63 19.30
N VAL A 372 9.72 32.92 19.67
CA VAL A 372 8.71 33.82 19.21
C VAL A 372 8.81 33.82 17.70
N ASP A 373 10.05 33.98 17.22
CA ASP A 373 10.37 33.98 15.81
C ASP A 373 9.65 32.84 15.10
N PHE A 374 9.67 31.69 15.76
CA PHE A 374 9.22 30.49 15.10
C PHE A 374 7.69 30.63 15.01
N VAL A 375 7.03 31.06 16.10
CA VAL A 375 5.57 31.21 16.00
C VAL A 375 5.22 32.31 15.05
N VAL A 376 5.94 33.40 15.13
CA VAL A 376 5.59 34.50 14.27
C VAL A 376 5.72 34.04 12.79
N LEU A 377 6.79 33.29 12.49
CA LEU A 377 6.95 32.78 11.12
C LEU A 377 5.75 31.89 10.70
N MET A 378 5.38 30.96 11.59
CA MET A 378 4.21 30.15 11.32
C MET A 378 3.05 31.07 10.92
N TRP A 379 3.00 32.23 11.61
CA TRP A 379 1.86 33.12 11.52
C TRP A 379 1.85 33.81 10.16
N VAL A 380 2.99 34.38 9.81
CA VAL A 380 3.05 35.08 8.55
C VAL A 380 2.75 34.16 7.38
N GLY A 381 3.43 33.00 7.33
CA GLY A 381 3.16 31.97 6.32
C GLY A 381 1.69 31.85 6.02
N ALA A 382 0.86 32.05 7.03
CA ALA A 382 -0.58 32.08 6.83
C ALA A 382 -1.16 33.44 6.47
N MET A 383 -0.33 34.47 6.27
CA MET A 383 -0.80 35.82 5.84
C MET A 383 -0.39 36.09 4.41
N PRO A 384 -1.09 36.99 3.72
CA PRO A 384 -0.68 37.23 2.33
C PRO A 384 0.72 37.82 2.18
N ALA A 385 1.35 37.59 1.04
CA ALA A 385 2.63 38.24 0.72
C ALA A 385 2.54 39.77 0.97
N GLU A 386 1.99 40.51 0.00
CA GLU A 386 1.55 41.92 0.24
C GLU A 386 2.02 42.58 1.56
N GLY A 387 3.00 43.50 1.46
CA GLY A 387 3.76 44.00 2.66
C GLY A 387 2.64 44.46 3.55
N ILE A 388 2.81 44.59 4.89
CA ILE A 388 4.05 44.53 5.65
C ILE A 388 4.52 43.14 6.04
N TYR A 389 3.82 42.12 5.60
CA TYR A 389 4.22 40.77 5.97
C TYR A 389 5.55 40.36 5.34
N PRO A 390 5.78 40.67 4.08
CA PRO A 390 7.11 40.24 3.70
C PRO A 390 8.20 40.73 4.62
N TYR A 391 8.15 41.98 5.06
CA TYR A 391 9.18 42.51 5.97
C TYR A 391 9.27 41.74 7.23
N ILE A 392 8.10 41.37 7.78
CA ILE A 392 8.03 40.59 9.00
C ILE A 392 8.64 39.19 8.76
N ALA A 393 8.35 38.62 7.59
CA ALA A 393 8.98 37.35 7.22
C ALA A 393 10.47 37.46 7.06
N LEU A 394 10.97 38.57 6.56
CA LEU A 394 12.40 38.65 6.32
C LEU A 394 13.18 38.84 7.61
N ALA A 395 12.74 39.79 8.44
CA ALA A 395 13.24 39.96 9.77
C ALA A 395 13.38 38.60 10.47
N GLY A 396 12.26 37.85 10.40
CA GLY A 396 12.13 36.54 11.05
C GLY A 396 13.24 35.58 10.64
N SER A 397 13.47 35.49 9.34
CA SER A 397 14.41 34.54 8.86
C SER A 397 15.77 35.01 9.31
N ALA A 398 16.01 36.29 9.17
CA ALA A 398 17.32 36.79 9.32
C ALA A 398 17.56 36.52 10.77
N TYR A 399 16.54 36.62 11.59
CA TYR A 399 16.84 36.29 12.97
C TYR A 399 17.22 34.83 13.17
N TRP A 400 16.50 33.94 12.47
CA TRP A 400 16.72 32.51 12.58
C TRP A 400 18.18 32.11 12.30
N PHE A 401 18.75 32.58 11.17
CA PHE A 401 20.17 32.31 10.83
C PHE A 401 21.12 33.09 11.75
N ALA A 402 20.82 34.37 11.93
CA ALA A 402 21.54 35.15 12.89
C ALA A 402 21.72 34.31 14.17
N TYR A 403 20.66 33.67 14.65
CA TYR A 403 20.73 33.06 15.97
C TYR A 403 21.74 31.91 16.07
N PHE A 404 21.59 30.89 15.23
CA PHE A 404 22.59 29.81 15.13
C PHE A 404 23.97 30.24 14.55
N LEU A 405 23.99 31.17 13.60
CA LEU A 405 25.26 31.48 12.92
C LEU A 405 26.13 32.57 13.59
N ILE A 406 25.51 33.38 14.42
CA ILE A 406 26.16 34.56 14.97
C ILE A 406 25.95 34.59 16.49
N ILE A 407 24.68 34.61 16.92
CA ILE A 407 24.42 34.81 18.34
C ILE A 407 25.04 33.70 19.19
N LEU A 408 24.81 32.44 18.82
CA LEU A 408 25.34 31.35 19.62
C LEU A 408 26.88 31.31 19.65
N PRO A 409 27.56 31.47 18.49
CA PRO A 409 29.03 31.54 18.59
C PRO A 409 29.47 32.76 19.43
N LEU A 410 28.85 33.92 19.22
CA LEU A 410 29.22 35.03 20.08
C LEU A 410 29.25 34.66 21.56
N LEU A 411 28.11 34.26 22.10
CA LEU A 411 28.04 33.96 23.54
C LEU A 411 29.13 32.97 23.98
N GLY A 412 29.68 32.22 23.04
CA GLY A 412 30.84 31.40 23.38
C GLY A 412 31.80 32.24 24.19
N ILE A 413 32.09 33.43 23.68
CA ILE A 413 33.05 34.37 24.28
C ILE A 413 32.43 35.35 25.26
N ILE A 414 31.35 35.99 24.86
CA ILE A 414 30.76 37.01 25.68
C ILE A 414 30.32 36.57 27.09
N GLU A 415 29.59 35.45 27.20
CA GLU A 415 28.66 35.26 28.36
C GLU A 415 29.23 34.75 29.69
N LYS A 416 28.54 35.02 30.79
CA LYS A 416 29.01 34.52 32.09
C LYS A 416 27.99 33.73 32.89
N PRO A 417 28.19 32.40 32.95
CA PRO A 417 27.34 31.50 33.71
C PRO A 417 26.99 32.06 35.07
N ASP A 418 25.71 32.09 35.40
CA ASP A 418 25.30 32.21 36.77
C ASP A 418 25.72 30.91 37.49
N ALA A 419 25.63 30.87 38.82
CA ALA A 419 26.16 29.74 39.60
C ALA A 419 25.24 28.50 39.62
N MET A 420 25.79 27.37 39.17
CA MET A 420 25.05 26.12 39.09
C MET A 420 25.04 25.39 40.44
N PRO A 421 24.02 24.54 40.66
CA PRO A 421 24.05 23.61 41.75
C PRO A 421 25.10 22.62 41.35
N GLN A 422 25.63 21.92 42.34
CA GLN A 422 26.81 21.05 42.15
C GLN A 422 26.45 19.58 41.77
N THR A 423 25.28 19.15 42.24
CA THR A 423 24.76 17.85 41.90
C THR A 423 23.26 17.89 41.60
N ILE A 424 22.76 16.84 40.98
CA ILE A 424 21.35 16.82 40.64
C ILE A 424 20.56 16.84 41.94
N GLU A 425 21.10 16.12 42.93
CA GLU A 425 20.40 15.87 44.18
C GLU A 425 20.28 17.19 44.93
N GLU A 426 21.36 17.98 44.86
CA GLU A 426 21.30 19.39 45.18
C GLU A 426 20.00 20.02 44.61
N ASP A 427 19.97 20.23 43.30
CA ASP A 427 18.76 20.76 42.66
C ASP A 427 17.48 20.18 43.26
N PHE A 428 17.38 18.86 43.34
CA PHE A 428 16.10 18.28 43.69
C PHE A 428 15.62 18.79 45.05
N ASN A 429 16.52 18.79 46.04
CA ASN A 429 16.18 19.23 47.40
C ASN A 429 15.59 20.64 47.46
N ALA A 430 16.05 21.55 46.60
CA ALA A 430 15.28 22.75 46.32
C ALA A 430 14.07 22.48 45.39
N ASP B 30 -23.57 34.77 10.84
CA ASP B 30 -23.51 33.91 12.07
C ASP B 30 -24.93 33.50 12.51
N ILE B 31 -25.77 33.02 11.59
CA ILE B 31 -27.01 32.37 12.03
C ILE B 31 -26.62 31.15 12.87
N SER B 32 -27.60 30.45 13.43
CA SER B 32 -27.24 29.23 14.15
C SER B 32 -28.17 28.01 13.86
N PHE B 33 -27.70 26.83 14.26
CA PHE B 33 -28.31 25.58 13.91
C PHE B 33 -28.36 24.65 15.13
N SER B 34 -29.27 23.68 15.11
CA SER B 34 -29.31 22.69 16.19
C SER B 34 -27.93 22.07 16.52
N PHE B 35 -27.04 22.07 15.54
CA PHE B 35 -25.87 21.19 15.61
C PHE B 35 -24.51 21.81 15.95
N GLU B 36 -24.34 23.13 15.85
CA GLU B 36 -23.06 23.70 16.27
C GLU B 36 -22.98 23.49 17.79
N GLY B 37 -21.78 23.54 18.38
CA GLY B 37 -21.62 23.31 19.81
C GLY B 37 -21.42 21.84 20.06
N PRO B 38 -20.99 21.47 21.27
CA PRO B 38 -20.60 20.09 21.54
C PRO B 38 -21.78 19.22 21.94
N PHE B 39 -22.90 19.83 22.26
CA PHE B 39 -24.10 19.04 22.55
C PHE B 39 -25.13 19.22 21.41
N GLY B 40 -24.74 19.82 20.30
CA GLY B 40 -25.65 20.01 19.17
C GLY B 40 -26.07 18.69 18.53
N LYS B 41 -27.20 18.66 17.85
CA LYS B 41 -27.62 17.47 17.10
C LYS B 41 -28.38 17.95 15.88
N PHE B 42 -28.42 17.17 14.82
CA PHE B 42 -29.20 17.66 13.69
C PHE B 42 -30.64 17.76 14.15
N ASP B 43 -31.44 18.54 13.46
CA ASP B 43 -32.88 18.46 13.67
C ASP B 43 -33.42 17.66 12.54
N GLN B 44 -34.03 16.52 12.84
CA GLN B 44 -34.50 15.65 11.76
C GLN B 44 -35.39 16.35 10.73
N HIS B 45 -36.47 16.95 11.23
CA HIS B 45 -37.40 17.64 10.38
C HIS B 45 -36.72 18.64 9.47
N GLN B 46 -35.96 19.55 10.04
CA GLN B 46 -35.23 20.51 9.25
C GLN B 46 -34.48 19.74 8.15
N LEU B 47 -33.79 18.67 8.54
CA LEU B 47 -33.03 17.92 7.55
C LEU B 47 -33.85 17.44 6.35
N GLN B 48 -35.13 17.18 6.57
CA GLN B 48 -36.04 16.68 5.53
C GLN B 48 -36.56 17.84 4.73
N ARG B 49 -36.88 18.92 5.43
CA ARG B 49 -37.20 20.15 4.75
C ARG B 49 -36.06 20.38 3.75
N GLY B 50 -34.83 20.43 4.26
CA GLY B 50 -33.62 20.65 3.46
C GLY B 50 -33.39 19.61 2.35
N LEU B 51 -33.60 18.35 2.65
CA LEU B 51 -33.51 17.36 1.61
C LEU B 51 -34.48 17.77 0.48
N GLN B 52 -35.69 18.18 0.86
CA GLN B 52 -36.74 18.54 -0.09
C GLN B 52 -36.39 19.76 -0.96
N VAL B 53 -35.95 20.81 -0.30
CA VAL B 53 -35.35 21.92 -1.02
C VAL B 53 -34.33 21.35 -2.00
N TYR B 54 -33.52 20.38 -1.54
CA TYR B 54 -32.48 19.85 -2.45
C TYR B 54 -33.10 19.17 -3.67
N THR B 55 -33.93 18.20 -3.38
CA THR B 55 -34.55 17.43 -4.41
C THR B 55 -35.19 18.37 -5.43
N GLU B 56 -35.98 19.32 -4.93
CA GLU B 56 -36.90 20.05 -5.80
C GLU B 56 -36.31 21.29 -6.46
N VAL B 57 -35.12 21.68 -6.04
CA VAL B 57 -34.49 22.92 -6.49
C VAL B 57 -33.00 22.73 -6.85
N CYS B 58 -32.20 22.30 -5.90
CA CYS B 58 -30.75 22.29 -6.08
C CYS B 58 -30.22 21.21 -7.04
N SER B 59 -30.92 20.08 -7.07
CA SER B 59 -30.40 18.92 -7.75
C SER B 59 -30.44 19.05 -9.26
N ALA B 60 -31.12 20.06 -9.78
CA ALA B 60 -31.10 20.31 -11.23
C ALA B 60 -29.69 20.73 -11.65
N CYS B 61 -29.02 21.52 -10.83
CA CYS B 61 -27.66 22.01 -11.16
C CYS B 61 -26.52 21.40 -10.31
N HIS B 62 -26.84 20.65 -9.25
CA HIS B 62 -25.83 20.15 -8.29
C HIS B 62 -26.05 18.70 -7.89
N GLY B 63 -24.99 17.90 -7.98
CA GLY B 63 -25.14 16.49 -7.60
C GLY B 63 -24.62 16.23 -6.20
N LEU B 64 -24.74 15.00 -5.77
CA LEU B 64 -24.18 14.63 -4.49
C LEU B 64 -23.54 13.28 -4.63
N ARG B 65 -22.46 13.18 -5.41
CA ARG B 65 -21.82 11.89 -5.69
C ARG B 65 -21.49 11.05 -4.49
N TYR B 66 -21.09 11.66 -3.39
CA TYR B 66 -20.61 10.85 -2.28
C TYR B 66 -21.69 10.48 -1.30
N VAL B 67 -22.93 10.66 -1.66
CA VAL B 67 -23.95 10.33 -0.68
C VAL B 67 -24.74 9.12 -1.20
N PRO B 68 -24.67 7.98 -0.49
CA PRO B 68 -25.45 6.86 -0.94
C PRO B 68 -26.88 7.07 -0.48
N LEU B 69 -27.85 6.83 -1.35
CA LEU B 69 -29.25 7.08 -1.06
C LEU B 69 -29.75 6.43 0.21
N ARG B 70 -29.30 5.20 0.46
CA ARG B 70 -29.65 4.46 1.67
C ARG B 70 -29.34 5.18 2.98
N THR B 71 -28.39 6.12 2.97
CA THR B 71 -28.05 6.78 4.24
C THR B 71 -29.16 7.70 4.74
N LEU B 72 -29.97 8.23 3.81
CA LEU B 72 -31.26 8.90 4.11
C LEU B 72 -32.03 8.15 5.20
N ALA B 73 -31.84 6.84 5.25
CA ALA B 73 -32.40 6.01 6.31
C ALA B 73 -31.71 6.06 7.70
N ASP B 74 -30.46 6.51 7.81
CA ASP B 74 -29.70 6.23 9.04
C ASP B 74 -29.92 7.13 10.26
N GLU B 75 -29.76 6.55 11.46
CA GLU B 75 -29.75 7.31 12.71
C GLU B 75 -28.77 8.44 12.52
N GLY B 76 -29.17 9.67 12.82
CA GLY B 76 -28.24 10.78 12.67
C GLY B 76 -28.45 11.62 11.41
N GLY B 77 -29.60 11.48 10.77
CA GLY B 77 -29.84 12.23 9.55
C GLY B 77 -31.32 12.39 9.40
N PRO B 78 -31.78 12.68 8.18
CA PRO B 78 -33.18 12.79 7.91
C PRO B 78 -33.91 11.55 8.42
N GLN B 79 -33.18 10.44 8.49
CA GLN B 79 -33.79 9.17 8.84
C GLN B 79 -35.21 9.05 8.32
N LEU B 80 -35.41 9.06 7.01
CA LEU B 80 -36.69 8.62 6.44
C LEU B 80 -36.85 7.14 6.68
N PRO B 81 -38.06 6.61 6.55
CA PRO B 81 -38.13 5.15 6.72
C PRO B 81 -37.81 4.40 5.42
N GLU B 82 -37.43 3.12 5.52
CA GLU B 82 -36.92 2.35 4.38
C GLU B 82 -37.74 2.54 3.12
N ASP B 83 -39.05 2.29 3.23
CA ASP B 83 -39.96 2.32 2.07
C ASP B 83 -40.02 3.69 1.39
N GLN B 84 -39.98 4.75 2.18
CA GLN B 84 -39.81 6.12 1.64
C GLN B 84 -38.47 6.36 0.93
N VAL B 85 -37.37 5.90 1.53
CA VAL B 85 -36.04 6.01 0.96
C VAL B 85 -36.04 5.24 -0.36
N ARG B 86 -36.79 4.15 -0.39
CA ARG B 86 -36.86 3.32 -1.57
C ARG B 86 -37.66 4.04 -2.64
N ALA B 87 -38.81 4.58 -2.24
CA ALA B 87 -39.62 5.42 -3.11
C ALA B 87 -38.83 6.64 -3.63
N TYR B 88 -38.13 7.33 -2.72
CA TYR B 88 -37.36 8.49 -3.09
C TYR B 88 -36.31 8.06 -4.10
N ALA B 89 -35.49 7.08 -3.75
CA ALA B 89 -34.48 6.59 -4.69
C ALA B 89 -35.06 6.37 -6.10
N ALA B 90 -36.33 5.96 -6.16
CA ALA B 90 -36.94 5.54 -7.42
C ALA B 90 -37.20 6.67 -8.43
N ASN B 91 -37.06 7.92 -8.02
CA ASN B 91 -37.29 9.04 -8.91
C ASN B 91 -36.06 9.45 -9.70
N PHE B 92 -34.99 8.70 -9.49
CA PHE B 92 -33.74 9.06 -10.10
C PHE B 92 -33.38 8.00 -11.07
N ASP B 93 -32.72 8.39 -12.15
CA ASP B 93 -32.38 7.43 -13.19
C ASP B 93 -30.94 7.07 -13.05
N ILE B 94 -30.59 5.87 -13.50
CA ILE B 94 -29.19 5.46 -13.54
C ILE B 94 -28.90 4.48 -14.67
N THR B 95 -27.85 4.77 -15.42
CA THR B 95 -27.35 3.86 -16.44
C THR B 95 -26.61 2.71 -15.78
N ASP B 96 -27.25 1.55 -15.75
CA ASP B 96 -26.69 0.36 -15.10
C ASP B 96 -25.33 -0.04 -15.72
N PRO B 97 -24.26 -0.01 -14.91
CA PRO B 97 -22.95 -0.31 -15.45
C PRO B 97 -22.94 -1.71 -16.06
N GLU B 98 -23.22 -2.71 -15.21
CA GLU B 98 -23.32 -4.13 -15.60
C GLU B 98 -24.21 -4.41 -16.83
N THR B 99 -25.30 -3.67 -16.96
CA THR B 99 -26.18 -3.75 -18.13
C THR B 99 -25.77 -2.74 -19.17
N GLU B 100 -26.56 -1.67 -19.28
CA GLU B 100 -26.34 -0.66 -20.28
C GLU B 100 -27.69 -0.03 -20.61
N GLU B 101 -28.72 -0.50 -19.92
CA GLU B 101 -30.00 0.19 -19.90
C GLU B 101 -30.07 1.02 -18.63
N ASP B 102 -30.95 2.01 -18.61
CA ASP B 102 -31.31 2.70 -17.38
C ASP B 102 -32.11 1.78 -16.49
N ARG B 103 -32.12 2.10 -15.21
CA ARG B 103 -33.15 1.58 -14.31
C ARG B 103 -33.43 2.71 -13.35
N PRO B 104 -34.60 2.69 -12.73
CA PRO B 104 -34.76 3.67 -11.66
C PRO B 104 -33.69 3.37 -10.59
N ARG B 105 -33.32 4.35 -9.79
CA ARG B 105 -32.28 4.14 -8.77
C ARG B 105 -32.73 3.30 -7.61
N VAL B 106 -31.79 2.75 -6.86
CA VAL B 106 -32.13 2.04 -5.62
C VAL B 106 -31.24 2.52 -4.50
N PRO B 107 -31.66 2.26 -3.27
CA PRO B 107 -30.92 2.77 -2.11
C PRO B 107 -29.39 2.52 -2.12
N THR B 108 -28.93 1.46 -2.78
CA THR B 108 -27.49 1.28 -2.75
C THR B 108 -26.74 2.24 -3.64
N ASP B 109 -27.40 2.85 -4.63
CA ASP B 109 -26.78 3.87 -5.49
C ASP B 109 -26.48 5.21 -4.78
N HIS B 110 -25.49 5.95 -5.28
CA HIS B 110 -25.27 7.33 -4.82
C HIS B 110 -26.27 8.25 -5.50
N PHE B 111 -26.51 9.43 -4.95
CA PHE B 111 -27.29 10.41 -5.67
C PHE B 111 -26.56 10.57 -6.96
N PRO B 112 -27.18 11.21 -7.97
CA PRO B 112 -26.50 11.35 -9.22
C PRO B 112 -25.39 12.34 -9.11
N THR B 113 -24.40 12.15 -9.96
CA THR B 113 -23.40 13.11 -10.27
C THR B 113 -23.98 14.04 -11.33
N VAL B 114 -23.88 15.36 -11.13
CA VAL B 114 -24.44 16.29 -12.10
C VAL B 114 -23.31 17.03 -12.78
N SER B 115 -23.38 17.21 -14.09
CA SER B 115 -22.48 18.19 -14.68
C SER B 115 -22.63 18.55 -16.17
N GLY B 116 -21.62 19.25 -16.67
CA GLY B 116 -21.69 19.79 -18.02
C GLY B 116 -21.78 21.30 -17.98
N GLU B 117 -22.58 21.87 -18.85
CA GLU B 117 -22.51 23.32 -19.00
C GLU B 117 -23.54 24.04 -18.06
N GLY B 118 -23.05 25.05 -17.31
CA GLY B 118 -23.90 25.82 -16.40
C GLY B 118 -24.27 25.11 -15.12
N MET B 119 -23.35 24.28 -14.61
CA MET B 119 -23.68 23.30 -13.60
C MET B 119 -22.73 23.51 -12.42
N GLY B 120 -23.23 23.38 -11.22
CA GLY B 120 -22.42 23.81 -10.11
C GLY B 120 -21.56 22.73 -9.53
N PRO B 121 -20.64 23.11 -8.67
CA PRO B 121 -19.77 22.17 -7.97
C PRO B 121 -20.58 21.14 -7.20
N ASP B 122 -20.10 19.90 -7.13
CA ASP B 122 -20.83 18.89 -6.41
C ASP B 122 -20.94 19.44 -5.01
N LEU B 123 -21.99 19.08 -4.28
CA LEU B 123 -22.26 19.66 -2.98
C LEU B 123 -22.15 18.70 -1.80
N SER B 124 -21.95 17.40 -2.03
CA SER B 124 -21.79 16.43 -0.91
C SER B 124 -20.86 16.93 0.25
N LEU B 125 -19.77 17.64 -0.09
CA LEU B 125 -18.85 18.20 0.94
C LEU B 125 -18.85 19.76 1.11
N MET B 126 -19.66 20.49 0.32
CA MET B 126 -19.69 21.95 0.43
C MET B 126 -19.66 22.45 1.88
N ALA B 127 -20.54 21.95 2.74
CA ALA B 127 -20.56 22.52 4.07
C ALA B 127 -19.16 22.46 4.74
N LYS B 128 -18.30 21.52 4.30
CA LYS B 128 -16.97 21.37 4.95
C LYS B 128 -15.88 22.02 4.13
N ALA B 129 -16.18 22.14 2.84
CA ALA B 129 -15.23 22.72 1.89
C ALA B 129 -15.08 24.28 1.94
N ARG B 130 -15.84 24.97 2.78
CA ARG B 130 -15.91 26.42 2.69
C ARG B 130 -15.88 27.08 4.03
N ILE B 148 -15.61 26.54 11.47
CA ILE B 148 -15.10 26.80 10.12
C ILE B 148 -16.12 27.57 9.17
N GLY B 149 -17.39 27.65 9.58
CA GLY B 149 -18.39 28.54 8.95
C GLY B 149 -19.08 27.99 7.71
N GLY B 150 -19.17 26.66 7.63
CA GLY B 150 -19.67 26.01 6.45
C GLY B 150 -21.11 26.31 6.16
N PRO B 151 -22.04 25.75 6.97
CA PRO B 151 -23.42 26.00 6.63
C PRO B 151 -23.77 27.49 6.62
N GLU B 152 -23.01 28.33 7.32
CA GLU B 152 -23.26 29.78 7.27
C GLU B 152 -22.93 30.32 5.91
N TYR B 153 -21.79 29.92 5.37
CA TYR B 153 -21.44 30.32 4.02
C TYR B 153 -22.52 29.88 2.99
N ILE B 154 -22.98 28.63 3.05
CA ILE B 154 -24.04 28.25 2.10
C ILE B 154 -25.26 29.17 2.23
N HIS B 155 -25.64 29.44 3.47
CA HIS B 155 -26.81 30.25 3.77
C HIS B 155 -26.55 31.69 3.40
N ALA B 156 -25.38 32.22 3.79
CA ALA B 156 -25.00 33.53 3.34
C ALA B 156 -25.14 33.66 1.83
N VAL B 157 -24.67 32.67 1.07
CA VAL B 157 -24.67 32.79 -0.37
C VAL B 157 -26.06 32.74 -0.94
N LEU B 158 -26.85 31.76 -0.53
CA LEU B 158 -28.22 31.60 -1.08
C LEU B 158 -29.02 32.90 -0.87
N THR B 159 -28.64 33.62 0.18
CA THR B 159 -29.39 34.71 0.77
C THR B 159 -28.76 36.05 0.47
N GLY B 160 -27.85 36.08 -0.51
CA GLY B 160 -26.95 37.21 -0.67
C GLY B 160 -26.99 37.83 -2.03
N TYR B 161 -28.07 37.59 -2.75
CA TYR B 161 -28.29 38.21 -4.04
C TYR B 161 -29.07 39.51 -3.86
N ASP B 162 -28.56 40.58 -4.48
CA ASP B 162 -29.23 41.89 -4.43
C ASP B 162 -30.07 42.16 -5.69
N GLY B 163 -29.48 42.03 -6.87
CA GLY B 163 -30.31 42.07 -8.08
C GLY B 163 -29.43 42.34 -9.27
N GLU B 164 -28.31 43.02 -9.01
CA GLU B 164 -27.35 43.38 -10.05
C GLU B 164 -27.00 42.23 -10.99
N GLU B 165 -26.34 42.53 -12.11
CA GLU B 165 -26.03 41.55 -13.14
C GLU B 165 -24.89 41.93 -14.11
N LYS B 166 -23.68 42.15 -13.64
CA LYS B 166 -22.58 42.45 -14.58
C LYS B 166 -22.11 41.24 -15.37
N VAL B 172 -22.37 36.20 -17.81
CA VAL B 172 -23.61 36.50 -17.12
C VAL B 172 -23.48 36.33 -15.62
N LEU B 173 -22.88 37.31 -14.94
CA LEU B 173 -22.67 37.23 -13.50
C LEU B 173 -23.82 37.84 -12.69
N TYR B 174 -23.72 37.82 -11.34
CA TYR B 174 -24.75 38.35 -10.40
C TYR B 174 -24.17 38.74 -9.04
N HIS B 175 -24.37 39.99 -8.62
CA HIS B 175 -23.77 40.40 -7.36
C HIS B 175 -24.23 39.48 -6.21
N ASN B 176 -23.28 39.09 -5.36
CA ASN B 176 -23.58 38.32 -4.16
C ASN B 176 -22.81 38.76 -2.94
N ALA B 177 -23.52 38.98 -1.83
CA ALA B 177 -22.91 39.39 -0.58
C ALA B 177 -21.71 38.51 -0.22
N ALA B 178 -21.85 37.20 -0.40
CA ALA B 178 -20.93 36.28 0.24
C ALA B 178 -19.93 35.56 -0.65
N PHE B 179 -20.18 35.47 -1.94
CA PHE B 179 -19.34 34.69 -2.82
C PHE B 179 -17.90 35.19 -3.09
N ALA B 180 -17.34 34.74 -4.22
CA ALA B 180 -16.04 35.20 -4.80
C ALA B 180 -15.63 36.59 -4.36
N GLY B 181 -16.59 37.36 -3.86
CA GLY B 181 -16.42 38.80 -3.84
C GLY B 181 -16.42 39.22 -5.30
N ASN B 182 -17.59 39.44 -5.90
CA ASN B 182 -18.89 39.17 -5.29
C ASN B 182 -19.81 38.82 -6.42
N TRP B 183 -19.25 38.26 -7.48
CA TRP B 183 -20.06 37.94 -8.59
C TRP B 183 -20.05 36.46 -8.74
N ILE B 184 -21.15 35.84 -8.33
CA ILE B 184 -21.38 34.40 -8.52
C ILE B 184 -22.05 34.16 -9.87
N GLN B 185 -21.79 33.01 -10.47
CA GLN B 185 -22.37 32.71 -11.76
C GLN B 185 -23.67 31.93 -11.61
N MET B 186 -24.11 31.76 -10.35
CA MET B 186 -25.37 31.06 -10.05
C MET B 186 -26.50 32.07 -9.83
N ALA B 187 -27.40 32.18 -10.81
CA ALA B 187 -28.58 32.99 -10.61
C ALA B 187 -29.21 32.60 -9.27
N ALA B 188 -29.47 33.59 -8.41
CA ALA B 188 -30.24 33.35 -7.22
C ALA B 188 -31.30 32.32 -7.57
N PRO B 189 -31.25 31.14 -6.92
CA PRO B 189 -32.05 29.94 -7.15
C PRO B 189 -33.36 29.84 -6.39
N LEU B 190 -33.47 30.57 -5.28
CA LEU B 190 -34.66 30.46 -4.42
C LEU B 190 -35.57 31.70 -4.46
N SER B 191 -36.87 31.48 -4.65
CA SER B 191 -37.89 32.48 -4.29
C SER B 191 -39.01 31.85 -3.40
N ASP B 192 -39.78 32.70 -2.70
CA ASP B 192 -40.66 32.22 -1.63
C ASP B 192 -41.72 31.24 -2.05
N ASP B 193 -42.13 30.40 -1.09
CA ASP B 193 -43.06 29.30 -1.35
C ASP B 193 -42.71 28.61 -2.68
N GLN B 194 -41.41 28.42 -2.92
CA GLN B 194 -40.98 27.66 -4.07
C GLN B 194 -41.07 26.16 -3.76
N VAL B 195 -41.42 25.89 -2.51
CA VAL B 195 -41.54 24.53 -2.03
C VAL B 195 -42.68 24.56 -1.00
N THR B 196 -43.50 23.50 -0.94
CA THR B 196 -44.46 23.39 0.16
C THR B 196 -43.97 22.32 1.10
N TYR B 197 -43.78 22.64 2.37
CA TYR B 197 -43.34 21.63 3.33
C TYR B 197 -44.59 20.87 3.86
N GLU B 198 -44.56 19.55 3.87
CA GLU B 198 -45.74 18.83 4.40
C GLU B 198 -45.88 19.26 5.85
N ASP B 199 -44.95 20.06 6.34
CA ASP B 199 -44.94 20.27 7.77
C ASP B 199 -45.25 21.73 8.21
N GLY B 200 -46.03 22.43 7.39
CA GLY B 200 -46.43 23.77 7.74
C GLY B 200 -45.37 24.83 7.47
N THR B 201 -44.23 24.71 8.12
CA THR B 201 -43.17 25.71 7.97
C THR B 201 -43.32 26.61 6.74
N PRO B 202 -43.38 27.92 6.97
CA PRO B 202 -43.41 28.85 5.87
C PRO B 202 -42.16 28.71 5.00
N ALA B 203 -42.33 28.28 3.74
CA ALA B 203 -41.27 28.27 2.74
C ALA B 203 -40.72 29.67 2.33
N THR B 204 -40.27 30.45 3.31
CA THR B 204 -39.62 31.72 2.97
C THR B 204 -38.22 31.38 2.54
N VAL B 205 -37.71 32.13 1.57
CA VAL B 205 -36.34 32.01 1.12
C VAL B 205 -35.32 31.79 2.27
N ASP B 206 -35.35 32.63 3.29
CA ASP B 206 -34.42 32.47 4.41
C ASP B 206 -34.54 31.07 5.02
N GLN B 207 -35.75 30.70 5.42
CA GLN B 207 -36.05 29.34 5.86
C GLN B 207 -35.43 28.28 4.96
N MET B 208 -35.78 28.35 3.68
CA MET B 208 -35.31 27.36 2.72
C MET B 208 -33.77 27.31 2.65
N ALA B 209 -33.14 28.47 2.68
CA ALA B 209 -31.70 28.47 2.63
C ALA B 209 -31.17 27.79 3.88
N THR B 210 -31.94 27.86 4.97
CA THR B 210 -31.42 27.41 6.23
C THR B 210 -31.53 25.91 6.26
N ASP B 211 -32.65 25.40 5.75
CA ASP B 211 -32.94 23.99 5.86
C ASP B 211 -31.93 23.26 4.99
N VAL B 212 -31.79 23.68 3.76
CA VAL B 212 -30.88 23.00 2.90
C VAL B 212 -29.42 23.21 3.41
N ALA B 213 -29.15 24.24 4.23
CA ALA B 213 -27.79 24.36 4.83
C ALA B 213 -27.53 23.27 5.88
N ALA B 214 -28.42 23.15 6.84
CA ALA B 214 -28.45 22.01 7.71
C ALA B 214 -28.34 20.71 6.91
N PHE B 215 -29.24 20.49 5.96
CA PHE B 215 -29.19 19.26 5.18
C PHE B 215 -27.82 19.08 4.54
N LEU B 216 -27.30 20.14 3.93
CA LEU B 216 -25.95 20.04 3.38
C LEU B 216 -24.91 19.76 4.45
N MET B 217 -25.10 20.24 5.67
CA MET B 217 -24.08 20.00 6.67
C MET B 217 -23.94 18.49 6.93
N TRP B 218 -25.10 17.83 6.92
CA TRP B 218 -25.22 16.39 7.12
C TRP B 218 -24.68 15.54 5.97
N THR B 219 -24.74 16.02 4.73
CA THR B 219 -24.14 15.26 3.64
C THR B 219 -22.62 15.33 3.81
N ALA B 220 -22.12 16.46 4.29
CA ALA B 220 -20.72 16.58 4.64
C ALA B 220 -20.32 15.64 5.83
N GLU B 221 -20.95 15.80 6.99
CA GLU B 221 -20.63 15.02 8.17
C GLU B 221 -21.77 14.12 8.58
N PRO B 222 -21.94 12.99 7.90
CA PRO B 222 -23.08 12.21 8.37
C PRO B 222 -22.91 11.65 9.77
N LYS B 223 -21.67 11.48 10.20
CA LYS B 223 -21.41 10.80 11.44
C LYS B 223 -21.16 11.83 12.51
N MET B 224 -21.65 13.03 12.29
CA MET B 224 -21.42 14.03 13.30
C MET B 224 -21.99 13.59 14.62
N MET B 225 -23.23 13.20 14.64
CA MET B 225 -23.71 12.78 15.93
C MET B 225 -22.84 11.69 16.56
N ASP B 226 -22.62 10.55 15.88
CA ASP B 226 -21.69 9.51 16.40
C ASP B 226 -20.39 10.17 16.90
N ARG B 227 -19.83 11.04 16.09
CA ARG B 227 -18.52 11.59 16.42
C ARG B 227 -18.57 12.48 17.65
N LYS B 228 -19.57 13.34 17.79
CA LYS B 228 -19.77 14.03 19.07
C LYS B 228 -19.99 13.04 20.25
N GLN B 229 -20.92 12.10 20.14
CA GLN B 229 -21.09 11.07 21.19
C GLN B 229 -19.80 10.29 21.63
N VAL B 230 -19.08 9.72 20.68
CA VAL B 230 -17.88 8.98 21.03
C VAL B 230 -16.91 9.93 21.71
N GLY B 231 -16.78 11.14 21.15
CA GLY B 231 -15.89 12.15 21.69
C GLY B 231 -16.21 12.44 23.13
N PHE B 232 -17.48 12.60 23.43
CA PHE B 232 -17.92 12.82 24.80
C PHE B 232 -17.44 11.74 25.79
N VAL B 233 -17.71 10.49 25.47
CA VAL B 233 -17.20 9.38 26.23
C VAL B 233 -15.65 9.27 26.26
N SER B 234 -14.95 9.66 25.20
CA SER B 234 -13.49 9.51 25.23
C SER B 234 -12.89 10.52 26.23
N VAL B 235 -13.34 11.77 26.09
CA VAL B 235 -12.88 12.85 26.91
C VAL B 235 -13.21 12.57 28.34
N ILE B 236 -14.48 12.27 28.61
CA ILE B 236 -14.84 11.93 29.99
C ILE B 236 -13.96 10.79 30.44
N PHE B 237 -13.80 9.74 29.61
CA PHE B 237 -12.93 8.60 30.00
C PHE B 237 -11.44 8.92 30.24
N LEU B 238 -10.88 9.76 29.37
CA LEU B 238 -9.53 10.14 29.59
C LEU B 238 -9.41 11.01 30.82
N ILE B 239 -10.42 11.85 31.09
CA ILE B 239 -10.36 12.72 32.28
C ILE B 239 -10.33 11.85 33.56
N VAL B 240 -11.13 10.80 33.57
CA VAL B 240 -11.10 9.87 34.68
C VAL B 240 -9.72 9.25 34.74
N LEU B 241 -9.25 8.75 33.59
CA LEU B 241 -7.94 8.10 33.56
C LEU B 241 -6.83 9.05 33.96
N ALA B 242 -6.76 10.21 33.33
CA ALA B 242 -5.81 11.24 33.74
C ALA B 242 -5.83 11.35 35.23
N ALA B 243 -7.01 11.37 35.84
CA ALA B 243 -7.08 11.58 37.30
C ALA B 243 -6.37 10.50 38.09
N LEU B 244 -6.64 9.23 37.77
CA LEU B 244 -6.09 8.08 38.49
C LEU B 244 -4.57 7.92 38.26
N LEU B 245 -4.11 8.17 37.05
CA LEU B 245 -2.68 8.20 36.84
C LEU B 245 -2.09 9.39 37.67
N TYR B 246 -2.85 10.48 37.79
CA TYR B 246 -2.39 11.58 38.60
C TYR B 246 -2.13 11.16 40.05
N LEU B 247 -3.10 10.46 40.65
CA LEU B 247 -2.99 10.05 42.05
C LEU B 247 -1.88 9.00 42.22
N THR B 248 -2.04 7.88 41.52
CA THR B 248 -0.99 6.88 41.41
C THR B 248 0.30 7.59 41.37
N ASN B 249 0.44 8.50 40.44
CA ASN B 249 1.73 9.12 40.27
C ASN B 249 2.10 9.88 41.50
N LYS B 250 1.13 10.54 42.10
CA LYS B 250 1.44 11.31 43.29
C LYS B 250 1.90 10.40 44.45
N LYS B 251 1.26 9.26 44.56
CA LYS B 251 1.54 8.33 45.64
C LYS B 251 2.91 7.68 45.45
N LEU B 252 3.26 7.42 44.21
CA LEU B 252 4.58 6.93 43.89
C LEU B 252 5.64 7.95 44.28
N TRP B 253 5.27 9.23 44.30
CA TRP B 253 6.29 10.28 44.42
C TRP B 253 6.40 10.98 45.80
N GLN B 254 5.36 10.93 46.66
CA GLN B 254 5.39 11.62 47.97
C GLN B 254 6.57 11.18 48.84
N PRO B 255 6.88 9.87 48.83
CA PRO B 255 8.03 9.28 49.55
C PRO B 255 9.36 9.83 49.08
N ILE B 256 9.41 10.42 47.89
CA ILE B 256 10.70 10.86 47.36
C ILE B 256 10.88 12.37 47.49
N LYS B 257 9.77 13.09 47.61
CA LYS B 257 9.79 14.55 47.56
C LYS B 257 10.14 15.18 48.92
N ASP C 17 -4.20 0.92 46.54
CA ASP C 17 -4.33 -0.48 46.03
C ASP C 17 -5.81 -0.90 45.91
N PHE C 18 -6.69 0.09 45.82
CA PHE C 18 -7.93 -0.03 45.09
C PHE C 18 -7.69 0.91 43.92
N LEU C 19 -6.82 1.87 44.21
CA LEU C 19 -6.27 2.77 43.22
C LEU C 19 -5.62 1.97 42.12
N TYR C 20 -4.77 1.04 42.52
CA TYR C 20 -4.09 0.13 41.61
C TYR C 20 -5.04 -0.51 40.61
N TYR C 21 -6.15 -1.05 41.09
CA TYR C 21 -7.12 -1.71 40.24
C TYR C 21 -7.85 -0.77 39.29
N ALA C 22 -8.26 0.39 39.78
CA ALA C 22 -8.97 1.31 38.92
C ALA C 22 -8.01 1.76 37.81
N THR C 23 -6.71 1.77 38.09
CA THR C 23 -5.78 2.27 37.11
C THR C 23 -5.44 1.21 36.10
N ALA C 24 -5.00 0.05 36.59
CA ALA C 24 -4.88 -1.11 35.72
C ALA C 24 -6.17 -1.31 34.94
N GLY C 25 -7.31 -1.20 35.63
CA GLY C 25 -8.61 -1.46 35.00
C GLY C 25 -8.88 -0.57 33.78
N ALA C 26 -8.83 0.75 34.01
CA ALA C 26 -9.00 1.71 32.95
C ALA C 26 -7.90 1.61 31.86
N GLY C 27 -6.66 1.34 32.26
CA GLY C 27 -5.64 1.05 31.28
C GLY C 27 -6.19 -0.01 30.33
N THR C 28 -6.59 -1.14 30.92
CA THR C 28 -7.15 -2.22 30.15
C THR C 28 -8.26 -1.74 29.28
N VAL C 29 -9.17 -0.93 29.82
CA VAL C 29 -10.33 -0.57 29.00
C VAL C 29 -9.87 0.20 27.79
N ALA C 30 -8.97 1.15 27.97
CA ALA C 30 -8.62 1.99 26.85
C ALA C 30 -7.97 1.12 25.82
N ALA C 31 -7.18 0.16 26.30
CA ALA C 31 -6.57 -0.81 25.42
C ALA C 31 -7.67 -1.62 24.64
N GLY C 32 -8.69 -2.13 25.34
CA GLY C 32 -9.76 -2.90 24.71
C GLY C 32 -10.47 -2.14 23.59
N ALA C 33 -10.77 -0.88 23.87
CA ALA C 33 -11.51 0.00 23.02
C ALA C 33 -10.63 0.38 21.86
N ALA C 34 -9.33 0.42 22.12
CA ALA C 34 -8.40 0.73 21.05
C ALA C 34 -8.31 -0.47 20.07
N ALA C 35 -8.09 -1.67 20.63
CA ALA C 35 -8.09 -2.94 19.85
C ALA C 35 -9.41 -3.22 19.08
N TRP C 36 -10.55 -2.91 19.71
CA TRP C 36 -11.81 -3.14 19.05
C TRP C 36 -11.99 -2.20 17.87
N THR C 37 -11.51 -0.99 18.02
CA THR C 37 -11.56 -0.06 16.93
C THR C 37 -10.73 -0.65 15.80
N LEU C 38 -9.51 -1.06 16.10
CA LEU C 38 -8.68 -1.52 15.00
C LEU C 38 -9.30 -2.77 14.40
N VAL C 39 -9.90 -3.64 15.21
CA VAL C 39 -10.45 -4.90 14.73
C VAL C 39 -11.78 -4.67 13.96
N ASN C 40 -12.59 -3.77 14.47
CA ASN C 40 -13.90 -3.64 13.93
C ASN C 40 -14.00 -2.97 12.54
N GLN C 41 -13.01 -2.17 12.19
CA GLN C 41 -13.09 -1.53 10.89
C GLN C 41 -13.11 -2.60 9.77
N MET C 42 -12.84 -3.86 10.11
CA MET C 42 -12.64 -4.90 9.10
C MET C 42 -13.90 -5.71 8.91
N ASN C 43 -14.85 -5.52 9.82
CA ASN C 43 -16.16 -6.06 9.65
C ASN C 43 -16.87 -5.36 8.53
N PRO C 44 -17.78 -6.07 7.86
CA PRO C 44 -18.33 -5.53 6.62
C PRO C 44 -18.79 -4.09 6.85
N SER C 45 -18.45 -3.19 5.94
CA SER C 45 -18.72 -1.79 6.13
C SER C 45 -20.12 -1.51 5.61
N ALA C 46 -20.68 -0.32 5.87
CA ALA C 46 -22.14 -0.10 5.58
C ALA C 46 -22.63 -0.41 4.14
N ASP C 47 -21.78 -0.20 3.15
CA ASP C 47 -22.20 -0.23 1.75
C ASP C 47 -22.21 -1.63 1.23
N VAL C 48 -22.09 -2.55 2.14
CA VAL C 48 -21.79 -3.91 1.79
C VAL C 48 -22.81 -4.83 2.41
N GLN C 49 -23.71 -4.27 3.22
CA GLN C 49 -24.62 -5.07 4.01
C GLN C 49 -25.98 -5.02 3.37
N ALA C 50 -26.06 -4.34 2.22
CA ALA C 50 -27.30 -4.35 1.44
C ALA C 50 -27.34 -5.65 0.64
N LEU C 51 -27.89 -6.70 1.24
CA LEU C 51 -28.10 -7.94 0.52
C LEU C 51 -29.53 -7.96 -0.05
N ALA C 52 -29.69 -7.35 -1.22
CA ALA C 52 -30.99 -7.24 -1.87
C ALA C 52 -31.40 -8.49 -2.66
N SER C 53 -32.67 -8.81 -2.56
CA SER C 53 -33.30 -9.69 -3.51
C SER C 53 -32.88 -9.42 -4.97
N ILE C 54 -33.22 -10.34 -5.84
CA ILE C 54 -33.09 -10.13 -7.25
C ILE C 54 -33.99 -11.18 -7.87
N GLN C 55 -33.99 -11.24 -9.20
CA GLN C 55 -34.97 -12.04 -9.96
C GLN C 55 -34.39 -12.51 -11.28
N VAL C 56 -34.36 -13.81 -11.50
CA VAL C 56 -33.78 -14.32 -12.72
C VAL C 56 -34.82 -14.59 -13.79
N ASP C 57 -34.44 -14.45 -15.06
CA ASP C 57 -35.31 -14.83 -16.17
C ASP C 57 -34.94 -16.25 -16.61
N VAL C 58 -35.85 -17.19 -16.42
CA VAL C 58 -35.50 -18.59 -16.64
C VAL C 58 -36.21 -19.19 -17.87
N SER C 59 -36.82 -18.33 -18.68
CA SER C 59 -37.53 -18.76 -19.89
C SER C 59 -36.58 -19.28 -20.96
N GLY C 60 -35.30 -18.91 -20.85
CA GLY C 60 -34.28 -19.29 -21.83
C GLY C 60 -33.67 -20.65 -21.56
N VAL C 61 -33.73 -21.10 -20.31
CA VAL C 61 -33.10 -22.34 -19.93
C VAL C 61 -33.80 -23.62 -20.46
N GLU C 62 -33.12 -24.26 -21.39
CA GLU C 62 -33.58 -25.53 -21.91
C GLU C 62 -33.24 -26.63 -20.92
N THR C 63 -33.92 -27.75 -21.10
CA THR C 63 -33.73 -28.92 -20.29
C THR C 63 -32.31 -29.51 -20.40
N GLY C 64 -31.71 -29.83 -19.25
CA GLY C 64 -30.40 -30.48 -19.19
C GLY C 64 -29.37 -29.40 -19.28
N THR C 65 -29.72 -28.24 -18.77
CA THR C 65 -28.93 -27.03 -18.95
C THR C 65 -28.87 -26.32 -17.62
N GLN C 66 -27.75 -25.67 -17.33
CA GLN C 66 -27.65 -24.91 -16.10
C GLN C 66 -27.42 -23.43 -16.41
N LEU C 67 -28.15 -22.57 -15.69
CA LEU C 67 -27.87 -21.15 -15.74
C LEU C 67 -27.14 -20.77 -14.45
N THR C 68 -26.12 -19.93 -14.58
CA THR C 68 -25.31 -19.45 -13.47
C THR C 68 -25.38 -17.94 -13.47
N VAL C 69 -25.74 -17.41 -12.31
CA VAL C 69 -26.09 -16.02 -12.14
C VAL C 69 -25.46 -15.60 -10.86
N LYS C 70 -24.85 -14.42 -10.83
CA LYS C 70 -24.20 -14.00 -9.58
C LYS C 70 -25.19 -13.40 -8.63
N TRP C 71 -25.16 -13.86 -7.41
CA TRP C 71 -25.96 -13.25 -6.39
C TRP C 71 -25.20 -13.19 -5.04
N LEU C 72 -24.84 -11.99 -4.63
CA LEU C 72 -24.16 -11.86 -3.36
C LEU C 72 -22.68 -12.28 -3.49
N GLY C 73 -22.06 -11.82 -4.55
CA GLY C 73 -20.68 -12.16 -4.84
C GLY C 73 -20.47 -13.62 -5.19
N LYS C 74 -21.55 -14.40 -5.20
CA LYS C 74 -21.49 -15.85 -5.43
C LYS C 74 -22.41 -16.23 -6.57
N PRO C 75 -22.08 -17.35 -7.16
CA PRO C 75 -22.84 -18.09 -8.14
C PRO C 75 -24.13 -18.66 -7.56
N VAL C 76 -25.23 -18.54 -8.30
CA VAL C 76 -26.39 -19.37 -8.06
C VAL C 76 -26.53 -20.29 -9.25
N PHE C 77 -26.85 -21.56 -8.99
CA PHE C 77 -27.09 -22.55 -10.05
C PHE C 77 -28.59 -22.71 -10.24
N ILE C 78 -29.04 -22.49 -11.47
CA ILE C 78 -30.40 -22.89 -11.80
C ILE C 78 -30.38 -23.88 -12.94
N ARG C 79 -30.70 -25.13 -12.63
CA ARG C 79 -30.75 -26.16 -13.61
C ARG C 79 -32.17 -26.69 -13.77
N ARG C 80 -32.48 -27.00 -15.02
CA ARG C 80 -33.74 -27.58 -15.40
C ARG C 80 -33.40 -29.01 -15.70
N ARG C 81 -33.84 -29.93 -14.85
CA ARG C 81 -33.32 -31.30 -14.91
C ARG C 81 -33.97 -32.18 -15.98
N THR C 82 -33.25 -33.20 -16.44
CA THR C 82 -33.76 -34.12 -17.43
C THR C 82 -34.58 -35.04 -16.59
N GLU C 83 -35.43 -35.87 -17.20
CA GLU C 83 -36.19 -36.85 -16.40
C GLU C 83 -35.38 -38.01 -15.79
N ASP C 84 -34.20 -38.27 -16.33
CA ASP C 84 -33.27 -39.24 -15.74
C ASP C 84 -32.67 -38.73 -14.40
N GLU C 85 -32.19 -37.50 -14.41
CA GLU C 85 -31.66 -36.87 -13.20
C GLU C 85 -32.73 -36.82 -12.14
N ILE C 86 -33.98 -36.62 -12.53
CA ILE C 86 -35.07 -36.56 -11.57
C ILE C 86 -35.26 -37.94 -10.98
N GLN C 87 -35.23 -38.92 -11.87
CA GLN C 87 -35.34 -40.30 -11.46
C GLN C 87 -34.11 -40.63 -10.66
N ALA C 88 -32.94 -40.40 -11.25
CA ALA C 88 -31.69 -40.71 -10.57
C ALA C 88 -31.74 -40.18 -9.13
N GLY C 89 -32.10 -38.90 -9.00
CA GLY C 89 -32.16 -38.23 -7.70
C GLY C 89 -33.23 -38.79 -6.78
N ARG C 90 -34.27 -39.37 -7.37
CA ARG C 90 -35.35 -39.97 -6.59
C ARG C 90 -35.06 -41.39 -6.10
N GLU C 91 -34.15 -42.10 -6.76
CA GLU C 91 -33.86 -43.44 -6.33
C GLU C 91 -33.29 -43.42 -4.90
N VAL C 92 -32.09 -42.89 -4.73
CA VAL C 92 -31.36 -42.87 -3.45
C VAL C 92 -32.14 -42.85 -2.13
N ASP C 93 -31.67 -43.66 -1.19
CA ASP C 93 -32.24 -43.73 0.14
C ASP C 93 -31.55 -42.77 1.14
N LEU C 94 -32.36 -42.03 1.87
CA LEU C 94 -31.81 -41.15 2.89
C LEU C 94 -30.51 -41.72 3.49
N GLY C 95 -30.35 -43.04 3.44
CA GLY C 95 -29.27 -43.66 4.14
C GLY C 95 -27.95 -43.65 3.44
N GLN C 96 -27.97 -43.72 2.12
CA GLN C 96 -26.71 -43.72 1.38
C GLN C 96 -26.13 -42.33 1.42
N LEU C 97 -26.81 -41.36 2.06
CA LEU C 97 -26.38 -39.94 1.92
C LEU C 97 -25.50 -39.48 3.07
N ILE C 98 -24.39 -38.78 2.79
CA ILE C 98 -23.64 -38.10 3.86
C ILE C 98 -24.43 -37.03 4.65
N ASP C 99 -25.19 -36.20 3.95
CA ASP C 99 -25.90 -35.15 4.67
C ASP C 99 -27.41 -35.33 4.50
N ARG C 100 -28.08 -35.68 5.59
CA ARG C 100 -29.50 -36.03 5.54
C ARG C 100 -30.36 -34.78 5.59
N SER C 101 -29.75 -33.63 5.85
CA SER C 101 -30.53 -32.38 5.79
C SER C 101 -30.76 -31.98 4.33
N ALA C 102 -31.94 -31.44 4.02
CA ALA C 102 -32.20 -30.99 2.66
C ALA C 102 -31.53 -29.65 2.41
N GLN C 103 -30.96 -29.11 3.48
CA GLN C 103 -30.26 -27.83 3.44
C GLN C 103 -31.12 -26.85 2.69
N ASN C 104 -32.41 -26.85 3.00
CA ASN C 104 -33.39 -26.01 2.30
C ASN C 104 -33.97 -24.85 3.12
N SER C 105 -33.79 -23.63 2.63
CA SER C 105 -34.32 -22.45 3.33
C SER C 105 -35.83 -22.32 3.28
N ASN C 106 -36.44 -22.88 2.23
CA ASN C 106 -37.89 -22.87 2.02
C ASN C 106 -38.52 -24.13 2.57
N LYS C 107 -37.86 -24.76 3.53
CA LYS C 107 -38.33 -26.03 4.08
C LYS C 107 -37.36 -26.35 5.20
N PRO C 108 -37.04 -25.34 6.03
CA PRO C 108 -35.82 -25.31 6.83
C PRO C 108 -35.60 -26.61 7.58
N ASP C 109 -36.63 -27.42 7.70
CA ASP C 109 -36.53 -28.53 8.62
C ASP C 109 -36.59 -29.97 8.04
N ALA C 110 -36.67 -30.08 6.70
CA ALA C 110 -36.96 -31.36 6.02
C ALA C 110 -35.79 -32.29 5.73
N PRO C 111 -36.12 -33.56 5.37
CA PRO C 111 -35.16 -34.56 4.93
C PRO C 111 -34.50 -34.23 3.58
N ALA C 112 -33.41 -34.92 3.25
CA ALA C 112 -32.68 -34.65 2.01
C ALA C 112 -33.22 -35.42 0.82
N THR C 113 -34.52 -35.75 0.81
CA THR C 113 -35.10 -36.48 -0.33
C THR C 113 -34.93 -35.62 -1.58
N ASP C 114 -35.22 -36.17 -2.76
CA ASP C 114 -35.15 -35.33 -3.93
C ASP C 114 -36.25 -34.25 -3.87
N GLU C 115 -37.47 -34.61 -3.43
CA GLU C 115 -38.60 -33.68 -3.57
C GLU C 115 -38.46 -32.52 -2.63
N ASN C 116 -37.66 -32.68 -1.60
CA ASN C 116 -37.43 -31.57 -0.69
C ASN C 116 -36.41 -30.58 -1.22
N ARG C 117 -35.76 -30.92 -2.33
CA ARG C 117 -34.64 -30.17 -2.84
C ARG C 117 -34.94 -29.14 -3.93
N THR C 118 -35.77 -29.51 -4.91
CA THR C 118 -36.22 -28.58 -5.98
C THR C 118 -37.30 -27.58 -5.59
N MET C 119 -37.53 -26.63 -6.48
CA MET C 119 -38.55 -25.67 -6.22
C MET C 119 -39.95 -26.23 -6.51
N ASP C 120 -40.09 -27.04 -7.57
CA ASP C 120 -41.39 -27.58 -8.05
C ASP C 120 -41.74 -29.03 -7.66
N GLU C 121 -43.03 -29.40 -7.65
CA GLU C 121 -43.41 -30.78 -7.37
C GLU C 121 -42.83 -31.77 -8.41
N ALA C 122 -42.75 -31.36 -9.67
CA ALA C 122 -42.21 -32.21 -10.78
C ALA C 122 -40.69 -32.53 -10.71
N GLY C 123 -39.97 -31.88 -9.81
CA GLY C 123 -38.55 -32.13 -9.68
C GLY C 123 -37.70 -31.58 -10.81
N GLU C 124 -38.26 -30.67 -11.59
CA GLU C 124 -37.59 -30.16 -12.80
C GLU C 124 -36.60 -29.03 -12.51
N TRP C 125 -36.91 -28.20 -11.52
CA TRP C 125 -36.15 -26.98 -11.23
C TRP C 125 -35.31 -27.10 -9.94
N LEU C 126 -34.03 -27.42 -10.13
CA LEU C 126 -33.06 -27.50 -9.04
C LEU C 126 -32.32 -26.18 -8.98
N VAL C 127 -32.63 -25.41 -7.94
CA VAL C 127 -32.00 -24.14 -7.66
C VAL C 127 -31.04 -24.25 -6.42
N MET C 128 -29.79 -23.89 -6.60
CA MET C 128 -28.83 -23.99 -5.49
C MET C 128 -27.81 -22.85 -5.48
N ILE C 129 -27.37 -22.45 -4.30
CA ILE C 129 -26.24 -21.57 -4.18
C ILE C 129 -25.06 -22.42 -4.65
N GLY C 130 -24.33 -21.99 -5.66
CA GLY C 130 -23.37 -22.88 -6.31
C GLY C 130 -21.97 -22.76 -5.77
N VAL C 131 -21.77 -23.27 -4.58
CA VAL C 131 -20.53 -23.05 -3.86
C VAL C 131 -20.28 -24.27 -3.03
N CYS C 132 -19.13 -24.89 -3.22
CA CYS C 132 -18.97 -26.21 -2.70
C CYS C 132 -19.03 -25.98 -1.21
N THR C 133 -19.78 -26.79 -0.46
CA THR C 133 -19.97 -26.51 0.96
C THR C 133 -18.67 -26.81 1.67
N HIS C 134 -17.60 -27.15 0.92
CA HIS C 134 -16.38 -27.50 1.59
C HIS C 134 -15.60 -26.25 2.00
N LEU C 135 -15.12 -25.52 1.00
CA LEU C 135 -14.30 -24.36 1.24
C LEU C 135 -14.55 -23.37 0.09
N GLY C 136 -15.73 -23.47 -0.53
CA GLY C 136 -16.17 -22.45 -1.51
C GLY C 136 -15.83 -22.44 -3.01
N CYS C 137 -15.03 -23.36 -3.54
CA CYS C 137 -14.99 -23.42 -5.01
C CYS C 137 -16.33 -23.65 -5.67
N VAL C 138 -16.46 -23.21 -6.92
CA VAL C 138 -17.72 -23.43 -7.66
C VAL C 138 -17.76 -24.83 -8.27
N PRO C 139 -18.63 -25.74 -7.76
CA PRO C 139 -18.50 -27.01 -8.45
C PRO C 139 -19.00 -26.95 -9.90
N ILE C 140 -18.18 -27.49 -10.79
CA ILE C 140 -18.54 -27.86 -12.13
C ILE C 140 -19.74 -28.85 -12.25
N GLY C 141 -20.60 -28.65 -13.24
CA GLY C 141 -21.75 -29.50 -13.49
C GLY C 141 -21.71 -30.13 -14.88
N ASP C 142 -22.86 -30.09 -15.57
CA ASP C 142 -23.10 -30.88 -16.77
C ASP C 142 -22.79 -32.35 -16.50
N GLY C 143 -23.29 -32.84 -15.38
CA GLY C 143 -23.13 -34.25 -15.03
C GLY C 143 -21.74 -34.65 -14.58
N ALA C 144 -20.83 -33.68 -14.43
CA ALA C 144 -19.45 -33.98 -14.01
C ALA C 144 -19.39 -34.73 -12.65
N GLY C 145 -18.32 -35.48 -12.43
CA GLY C 145 -18.18 -36.29 -11.20
C GLY C 145 -18.81 -37.67 -11.23
N ASP C 146 -18.41 -38.48 -10.26
CA ASP C 146 -18.85 -39.87 -10.16
C ASP C 146 -20.35 -40.06 -10.02
N PHE C 147 -21.14 -39.01 -9.77
CA PHE C 147 -22.59 -39.22 -9.57
C PHE C 147 -23.38 -38.41 -10.55
N GLY C 148 -22.72 -37.99 -11.62
CA GLY C 148 -23.40 -37.28 -12.68
C GLY C 148 -24.16 -36.04 -12.26
N GLY C 149 -23.87 -35.50 -11.08
CA GLY C 149 -24.35 -34.18 -10.69
C GLY C 149 -23.24 -33.16 -10.96
N TRP C 150 -22.53 -32.79 -9.90
CA TRP C 150 -21.45 -31.83 -9.93
C TRP C 150 -20.17 -32.40 -9.31
N PHE C 151 -19.05 -31.90 -9.82
CA PHE C 151 -17.73 -32.18 -9.26
C PHE C 151 -17.00 -30.87 -8.88
N CYS C 152 -16.41 -30.81 -7.69
CA CYS C 152 -15.75 -29.58 -7.23
C CYS C 152 -14.28 -29.81 -7.33
N PRO C 153 -13.64 -29.11 -8.25
CA PRO C 153 -12.26 -29.39 -8.56
C PRO C 153 -11.28 -29.02 -7.44
N CYS C 154 -11.73 -28.46 -6.34
CA CYS C 154 -10.74 -27.98 -5.36
C CYS C 154 -10.27 -29.04 -4.36
N HIS C 155 -11.16 -29.86 -3.87
CA HIS C 155 -10.66 -31.00 -3.10
C HIS C 155 -11.32 -32.35 -3.43
N GLY C 156 -12.02 -32.36 -4.57
CA GLY C 156 -12.57 -33.57 -5.12
C GLY C 156 -13.87 -33.99 -4.52
N SER C 157 -14.76 -33.05 -4.20
CA SER C 157 -16.13 -33.39 -3.78
C SER C 157 -17.05 -33.72 -4.99
N HIS C 158 -17.89 -34.76 -4.83
CA HIS C 158 -18.85 -35.16 -5.85
C HIS C 158 -20.27 -35.02 -5.31
N TYR C 159 -21.12 -34.34 -6.08
CA TYR C 159 -22.50 -34.20 -5.68
C TYR C 159 -23.33 -34.87 -6.72
N ASP C 160 -24.47 -35.37 -6.27
CA ASP C 160 -25.31 -36.18 -7.13
C ASP C 160 -26.30 -35.28 -7.84
N THR C 161 -27.38 -35.91 -8.28
CA THR C 161 -28.25 -35.29 -9.27
C THR C 161 -29.14 -34.27 -8.61
N SER C 162 -29.30 -34.43 -7.29
CA SER C 162 -30.09 -33.47 -6.48
C SER C 162 -29.15 -32.51 -5.76
N GLY C 163 -27.89 -32.48 -6.19
CA GLY C 163 -26.90 -31.62 -5.60
C GLY C 163 -26.57 -31.99 -4.16
N ARG C 164 -26.87 -33.24 -3.77
CA ARG C 164 -26.55 -33.77 -2.47
C ARG C 164 -25.12 -34.29 -2.45
N ILE C 165 -24.43 -34.11 -1.32
CA ILE C 165 -22.99 -34.46 -1.24
C ILE C 165 -22.74 -35.96 -1.01
N ARG C 166 -21.98 -36.58 -1.93
CA ARG C 166 -21.80 -38.04 -1.97
C ARG C 166 -20.39 -38.51 -1.62
N ARG C 167 -19.38 -37.79 -2.09
CA ARG C 167 -18.04 -38.22 -1.82
C ARG C 167 -17.13 -37.00 -1.64
N GLY C 168 -16.16 -37.11 -0.75
CA GLY C 168 -15.17 -36.04 -0.55
C GLY C 168 -15.24 -35.34 0.79
N PRO C 169 -14.58 -34.16 0.90
CA PRO C 169 -14.44 -33.38 2.17
C PRO C 169 -15.68 -32.55 2.54
N ALA C 170 -16.48 -32.15 1.54
CA ALA C 170 -17.57 -31.20 1.79
C ALA C 170 -18.57 -31.75 2.80
N PRO C 171 -18.94 -30.97 3.82
CA PRO C 171 -19.87 -31.61 4.75
C PRO C 171 -21.33 -31.49 4.35
N GLN C 172 -21.69 -30.66 3.39
CA GLN C 172 -23.12 -30.49 3.15
C GLN C 172 -23.58 -30.45 1.70
N ASN C 173 -24.86 -30.76 1.52
CA ASN C 173 -25.48 -30.67 0.22
C ASN C 173 -25.46 -29.21 -0.23
N LEU C 174 -25.19 -28.93 -1.51
CA LEU C 174 -25.24 -27.56 -1.95
C LEU C 174 -26.51 -26.93 -1.36
N HIS C 175 -26.45 -25.72 -0.83
CA HIS C 175 -27.64 -25.19 -0.13
C HIS C 175 -28.76 -24.86 -1.10
N ILE C 176 -29.98 -24.85 -0.54
CA ILE C 176 -31.09 -24.29 -1.29
C ILE C 176 -31.54 -22.94 -0.73
N PRO C 177 -31.40 -21.89 -1.54
CA PRO C 177 -31.70 -20.49 -1.20
C PRO C 177 -33.17 -20.19 -0.96
N VAL C 178 -33.45 -19.06 -0.34
CA VAL C 178 -34.81 -18.52 -0.39
C VAL C 178 -35.16 -18.18 -1.86
N ALA C 179 -36.24 -18.76 -2.35
CA ALA C 179 -36.59 -18.59 -3.75
C ALA C 179 -37.98 -19.10 -4.04
N GLU C 180 -38.57 -18.55 -5.11
CA GLU C 180 -39.82 -19.09 -5.65
C GLU C 180 -40.09 -18.50 -7.02
N PHE C 181 -41.07 -19.08 -7.69
CA PHE C 181 -41.53 -18.61 -8.99
C PHE C 181 -42.59 -17.54 -8.82
N LEU C 182 -42.40 -16.41 -9.49
CA LEU C 182 -43.47 -15.44 -9.64
C LEU C 182 -44.34 -15.87 -10.84
N ASP C 183 -44.09 -15.28 -12.01
CA ASP C 183 -44.66 -15.82 -13.24
C ASP C 183 -44.08 -17.22 -13.56
N ASP C 184 -44.54 -17.83 -14.64
CA ASP C 184 -43.95 -19.06 -15.10
C ASP C 184 -42.43 -18.84 -15.22
N THR C 185 -42.04 -17.86 -16.02
CA THR C 185 -40.64 -17.62 -16.45
C THR C 185 -39.68 -16.92 -15.46
N THR C 186 -40.09 -16.76 -14.22
CA THR C 186 -39.29 -15.90 -13.35
C THR C 186 -39.16 -16.45 -11.95
N ILE C 187 -37.90 -16.65 -11.56
CA ILE C 187 -37.59 -17.09 -10.21
C ILE C 187 -37.13 -15.90 -9.36
N LYS C 188 -37.61 -15.85 -8.14
CA LYS C 188 -37.28 -14.76 -7.28
C LYS C 188 -36.30 -15.26 -6.22
N LEU C 189 -35.06 -14.81 -6.30
CA LEU C 189 -34.03 -15.10 -5.31
C LEU C 189 -34.06 -14.12 -4.15
N GLY C 190 -34.25 -14.67 -2.94
CA GLY C 190 -34.17 -13.90 -1.70
C GLY C 190 -35.44 -13.12 -1.39
N GLY D 3 29.01 -18.19 27.08
CA GLY D 3 29.27 -17.90 25.63
C GLY D 3 30.67 -18.31 25.17
N ILE D 4 30.95 -18.17 23.88
CA ILE D 4 32.27 -18.50 23.38
C ILE D 4 33.33 -17.41 23.65
N PRO D 5 34.44 -17.78 24.29
CA PRO D 5 35.50 -16.79 24.35
C PRO D 5 35.75 -16.18 22.97
N HIS D 6 35.55 -14.86 22.86
CA HIS D 6 35.82 -14.09 21.66
C HIS D 6 36.66 -12.90 22.10
N ASP D 7 37.04 -12.02 21.20
CA ASP D 7 37.75 -10.81 21.60
C ASP D 7 36.98 -9.55 21.17
N HIS D 8 36.75 -8.61 22.08
CA HIS D 8 35.90 -7.42 21.84
C HIS D 8 36.52 -6.30 20.97
N TYR D 9 35.68 -5.38 20.49
CA TYR D 9 36.10 -4.27 19.61
C TYR D 9 36.93 -3.19 20.29
N GLU D 10 37.83 -2.58 19.54
CA GLU D 10 38.83 -1.66 20.07
C GLU D 10 38.87 -0.36 19.26
N PRO D 11 38.33 0.73 19.81
CA PRO D 11 38.35 2.03 19.11
C PRO D 11 39.77 2.59 18.94
N LYS D 12 40.11 3.07 17.75
CA LYS D 12 41.45 3.69 17.53
C LYS D 12 41.40 5.12 16.98
N THR D 13 40.93 5.24 15.74
CA THR D 13 40.60 6.52 15.10
C THR D 13 40.18 7.59 16.10
N GLY D 14 40.30 8.85 15.68
CA GLY D 14 39.68 9.95 16.41
C GLY D 14 38.18 9.72 16.49
N PHE D 15 37.58 9.55 15.31
CA PHE D 15 36.17 9.26 15.13
C PHE D 15 35.63 8.12 16.00
N GLU D 16 36.31 6.98 15.99
CA GLU D 16 35.84 5.84 16.76
C GLU D 16 35.78 6.07 18.27
N ARG D 17 36.77 6.80 18.80
CA ARG D 17 36.78 7.12 20.24
C ARG D 17 35.58 7.99 20.59
N TRP D 18 35.42 9.06 19.81
CA TRP D 18 34.27 9.94 19.84
C TRP D 18 33.00 9.11 19.80
N LEU D 19 32.85 8.34 18.72
CA LEU D 19 31.62 7.63 18.46
C LEU D 19 31.29 6.63 19.53
N HIS D 20 32.32 5.92 20.00
CA HIS D 20 32.08 4.84 20.94
C HIS D 20 31.52 5.30 22.25
N ARG D 21 31.90 6.51 22.70
CA ARG D 21 31.40 7.02 23.97
C ARG D 21 29.90 7.28 23.95
N ARG D 22 29.34 7.40 22.74
CA ARG D 22 28.01 7.98 22.48
C ARG D 22 27.02 7.04 21.76
N LEU D 23 27.51 6.14 20.90
CA LEU D 23 26.65 5.09 20.30
C LEU D 23 27.47 3.87 19.90
N PRO D 24 27.54 2.85 20.75
CA PRO D 24 28.56 1.88 20.44
C PRO D 24 28.07 0.92 19.34
N ILE D 25 27.68 1.51 18.21
CA ILE D 25 27.18 0.82 17.02
C ILE D 25 28.30 0.08 16.31
N VAL D 26 29.51 0.61 16.31
CA VAL D 26 30.61 -0.13 15.69
C VAL D 26 31.01 -1.37 16.49
N SER D 27 30.90 -1.31 17.81
CA SER D 27 31.04 -2.52 18.62
C SER D 27 30.00 -3.55 18.26
N LEU D 28 28.77 -3.11 18.02
CA LEU D 28 27.69 -4.03 17.73
C LEU D 28 27.94 -4.73 16.39
N VAL D 29 28.22 -3.96 15.34
CA VAL D 29 28.57 -4.55 14.07
C VAL D 29 29.68 -5.62 14.24
N TYR D 30 30.78 -5.23 14.87
CA TYR D 30 31.95 -6.07 15.04
C TYR D 30 31.62 -7.40 15.70
N ASP D 31 30.87 -7.35 16.78
CA ASP D 31 30.45 -8.56 17.46
C ASP D 31 29.64 -9.55 16.59
N THR D 32 28.82 -9.01 15.71
CA THR D 32 27.95 -9.77 14.87
C THR D 32 28.78 -10.44 13.81
N LEU D 33 29.79 -9.72 13.34
CA LEU D 33 30.54 -10.12 12.15
C LEU D 33 31.80 -10.93 12.49
N MET D 34 32.18 -10.94 13.77
CA MET D 34 33.38 -11.62 14.20
C MET D 34 33.04 -12.80 15.11
N ILE D 35 31.76 -13.10 15.24
CA ILE D 35 31.36 -14.18 16.11
C ILE D 35 32.11 -15.43 15.69
N PRO D 36 32.82 -16.06 16.65
CA PRO D 36 33.51 -17.32 16.41
C PRO D 36 32.56 -18.39 15.84
N THR D 37 32.81 -18.82 14.61
CA THR D 37 32.00 -19.85 13.99
C THR D 37 32.71 -21.22 13.90
N PRO D 38 31.99 -22.31 14.24
CA PRO D 38 32.64 -23.62 14.17
C PRO D 38 33.23 -23.74 12.78
N LYS D 39 34.51 -24.12 12.72
CA LYS D 39 35.27 -24.21 11.47
C LYS D 39 34.80 -25.30 10.52
N ASN D 40 34.00 -26.25 11.03
CA ASN D 40 33.64 -27.43 10.22
C ASN D 40 32.21 -27.39 9.69
N LEU D 41 31.63 -26.19 9.55
CA LEU D 41 30.34 -26.05 8.89
C LEU D 41 30.46 -26.61 7.48
N ASN D 42 29.42 -27.28 6.99
CA ASN D 42 29.40 -27.67 5.57
C ASN D 42 28.37 -26.85 4.74
N TRP D 43 28.20 -27.17 3.47
CA TRP D 43 27.36 -26.38 2.59
C TRP D 43 25.90 -26.33 3.02
N TRP D 44 25.48 -27.29 3.82
CA TRP D 44 24.14 -27.16 4.36
C TRP D 44 23.96 -25.88 5.18
N TRP D 45 25.06 -25.25 5.58
CA TRP D 45 24.97 -24.08 6.45
C TRP D 45 24.70 -22.77 5.71
N ILE D 46 24.83 -22.79 4.39
CA ILE D 46 24.67 -21.58 3.59
C ILE D 46 23.21 -21.15 3.37
N TRP D 47 22.23 -21.90 3.84
CA TRP D 47 20.89 -21.46 3.45
C TRP D 47 20.31 -20.30 4.26
N GLY D 48 20.92 -19.98 5.39
CA GLY D 48 20.48 -18.81 6.12
C GLY D 48 20.77 -17.53 5.33
N ILE D 49 21.93 -17.49 4.71
CA ILE D 49 22.25 -16.31 3.97
C ILE D 49 21.36 -16.19 2.73
N VAL D 50 20.87 -17.31 2.21
CA VAL D 50 20.05 -17.23 1.03
C VAL D 50 18.68 -16.73 1.43
N LEU D 51 18.27 -17.08 2.65
CA LEU D 51 17.00 -16.60 3.17
C LEU D 51 17.06 -15.07 3.37
N ALA D 52 18.09 -14.60 4.08
CA ALA D 52 18.34 -13.18 4.30
C ALA D 52 18.30 -12.46 2.99
N PHE D 53 19.01 -13.00 2.00
CA PHE D 53 19.01 -12.42 0.66
C PHE D 53 17.58 -12.30 0.12
N CYS D 54 16.78 -13.34 0.31
CA CYS D 54 15.45 -13.43 -0.24
C CYS D 54 14.51 -12.46 0.44
N LEU D 55 14.68 -12.29 1.74
CA LEU D 55 13.85 -11.35 2.46
C LEU D 55 14.14 -9.95 1.95
N VAL D 56 15.40 -9.66 1.77
CA VAL D 56 15.81 -8.34 1.33
C VAL D 56 15.40 -8.13 -0.12
N LEU D 57 15.41 -9.21 -0.91
CA LEU D 57 14.99 -9.14 -2.30
C LEU D 57 13.45 -8.96 -2.45
N GLN D 58 12.68 -9.77 -1.73
CA GLN D 58 11.23 -9.61 -1.77
C GLN D 58 10.83 -8.17 -1.37
N ILE D 59 11.44 -7.65 -0.34
CA ILE D 59 11.06 -6.35 0.17
C ILE D 59 11.45 -5.23 -0.80
N ALA D 60 12.70 -5.24 -1.24
CA ALA D 60 13.11 -4.27 -2.22
C ALA D 60 12.20 -4.32 -3.46
N THR D 61 12.14 -5.43 -4.18
CA THR D 61 11.21 -5.48 -5.32
C THR D 61 9.77 -5.16 -4.89
N GLY D 62 9.43 -5.53 -3.67
CA GLY D 62 8.06 -5.36 -3.22
C GLY D 62 7.67 -3.89 -3.15
N ILE D 63 8.51 -3.09 -2.47
CA ILE D 63 8.22 -1.67 -2.25
C ILE D 63 8.02 -0.96 -3.57
N VAL D 64 8.84 -1.37 -4.53
CA VAL D 64 8.91 -0.74 -5.82
C VAL D 64 7.77 -1.22 -6.71
N LEU D 65 7.36 -2.47 -6.58
CA LEU D 65 6.18 -2.92 -7.31
C LEU D 65 4.98 -2.12 -6.84
N VAL D 66 4.87 -1.92 -5.53
CA VAL D 66 3.74 -1.18 -5.02
C VAL D 66 3.65 0.23 -5.64
N MET D 67 4.73 0.74 -6.24
CA MET D 67 4.66 2.06 -6.86
C MET D 67 3.83 2.07 -8.15
N HIS D 68 3.45 0.88 -8.66
CA HIS D 68 2.74 0.85 -9.94
C HIS D 68 1.54 -0.08 -9.90
N TYR D 69 1.28 -0.61 -8.72
CA TYR D 69 0.20 -1.58 -8.51
C TYR D 69 -1.01 -0.78 -7.98
N THR D 70 -2.22 -1.24 -8.25
CA THR D 70 -3.44 -0.64 -7.72
C THR D 70 -4.27 -1.74 -7.06
N PRO D 71 -4.53 -1.64 -5.76
CA PRO D 71 -5.30 -2.70 -5.11
C PRO D 71 -6.79 -2.47 -5.25
N HIS D 72 -7.28 -2.58 -6.47
CA HIS D 72 -8.72 -2.52 -6.68
C HIS D 72 -9.15 -3.56 -7.71
N VAL D 73 -10.26 -4.23 -7.43
CA VAL D 73 -10.65 -5.33 -8.27
C VAL D 73 -10.82 -4.98 -9.75
N ASP D 74 -11.16 -3.74 -10.08
CA ASP D 74 -11.26 -3.31 -11.48
C ASP D 74 -9.91 -2.98 -12.13
N LEU D 75 -8.84 -2.99 -11.32
CA LEU D 75 -7.57 -2.40 -11.76
C LEU D 75 -6.36 -3.18 -11.31
N ALA D 76 -6.50 -3.99 -10.26
CA ALA D 76 -5.38 -4.88 -9.89
C ALA D 76 -4.73 -5.56 -11.09
N PHE D 77 -5.46 -6.44 -11.75
CA PHE D 77 -4.86 -7.26 -12.80
C PHE D 77 -4.35 -6.44 -13.99
N ALA D 78 -5.13 -5.47 -14.46
CA ALA D 78 -4.60 -4.47 -15.39
C ALA D 78 -3.31 -3.81 -14.82
N SER D 79 -3.30 -3.44 -13.54
CA SER D 79 -2.08 -2.77 -13.07
C SER D 79 -0.84 -3.66 -13.17
N VAL D 80 -0.97 -4.97 -12.92
CA VAL D 80 0.18 -5.87 -13.08
C VAL D 80 0.59 -5.93 -14.54
N GLU D 81 -0.38 -6.06 -15.44
CA GLU D 81 -0.08 -5.94 -16.88
C GLU D 81 0.70 -4.67 -17.29
N HIS D 82 0.32 -3.52 -16.74
CA HIS D 82 1.00 -2.27 -17.02
C HIS D 82 2.41 -2.28 -16.40
N ILE D 83 2.59 -2.97 -15.27
CA ILE D 83 3.93 -3.18 -14.74
C ILE D 83 4.77 -4.02 -15.73
N MET D 84 4.22 -5.14 -16.17
CA MET D 84 4.96 -6.00 -17.13
C MET D 84 5.36 -5.22 -18.36
N ARG D 85 4.43 -4.51 -18.97
CA ARG D 85 4.65 -3.92 -20.28
C ARG D 85 5.28 -2.52 -20.29
N ASP D 86 4.89 -1.63 -19.36
CA ASP D 86 5.24 -0.23 -19.50
C ASP D 86 6.31 0.26 -18.56
N VAL D 87 6.49 -0.44 -17.45
CA VAL D 87 7.41 0.04 -16.42
C VAL D 87 8.85 -0.39 -16.71
N ASN D 88 9.76 0.57 -16.74
CA ASN D 88 11.19 0.27 -16.86
C ASN D 88 11.61 -0.86 -15.94
N GLY D 89 12.07 -1.95 -16.55
CA GLY D 89 12.53 -3.12 -15.80
C GLY D 89 11.36 -3.82 -15.10
N GLY D 90 10.15 -3.30 -15.34
CA GLY D 90 8.90 -3.85 -14.80
C GLY D 90 8.73 -5.35 -14.86
N TYR D 91 8.69 -5.92 -16.06
CA TYR D 91 8.65 -7.38 -16.21
C TYR D 91 9.70 -8.06 -15.31
N MET D 92 10.90 -7.54 -15.34
CA MET D 92 11.92 -8.16 -14.53
C MET D 92 11.68 -8.09 -13.02
N LEU D 93 11.30 -6.93 -12.51
CA LEU D 93 10.93 -6.80 -11.11
C LEU D 93 9.80 -7.79 -10.78
N ARG D 94 8.75 -7.79 -11.60
CA ARG D 94 7.66 -8.71 -11.35
C ARG D 94 8.16 -10.16 -11.26
N TYR D 95 8.91 -10.65 -12.27
CA TYR D 95 9.34 -12.06 -12.27
C TYR D 95 10.33 -12.29 -11.14
N LEU D 96 11.13 -11.26 -10.82
CA LEU D 96 12.00 -11.37 -9.64
C LEU D 96 11.17 -11.65 -8.35
N HIS D 97 10.09 -10.88 -8.17
CA HIS D 97 9.39 -10.91 -6.91
C HIS D 97 8.66 -12.23 -6.81
N ALA D 98 8.14 -12.71 -7.93
CA ALA D 98 7.32 -13.96 -7.90
C ALA D 98 8.19 -15.22 -7.74
N ASN D 99 9.26 -15.30 -8.53
CA ASN D 99 10.19 -16.40 -8.42
C ASN D 99 10.98 -16.34 -7.11
N GLY D 100 11.20 -15.11 -6.63
CA GLY D 100 11.89 -14.86 -5.41
C GLY D 100 11.13 -15.59 -4.35
N ALA D 101 9.81 -15.50 -4.41
CA ALA D 101 9.02 -16.20 -3.41
C ALA D 101 9.37 -17.72 -3.45
N SER D 102 9.55 -18.24 -4.66
CA SER D 102 9.86 -19.66 -4.79
C SER D 102 11.22 -19.99 -4.20
N LEU D 103 12.20 -19.14 -4.55
CA LEU D 103 13.55 -19.28 -4.02
C LEU D 103 13.46 -19.18 -2.49
N PHE D 104 12.73 -18.19 -2.01
CA PHE D 104 12.52 -18.07 -0.58
C PHE D 104 12.11 -19.41 -0.02
N PHE D 105 11.09 -20.05 -0.63
CA PHE D 105 10.54 -21.33 -0.10
C PHE D 105 11.38 -22.58 -0.26
N LEU D 106 12.06 -22.70 -1.39
CA LEU D 106 13.07 -23.70 -1.50
C LEU D 106 14.02 -23.51 -0.31
N ALA D 107 14.66 -22.35 -0.20
CA ALA D 107 15.59 -22.10 0.90
C ALA D 107 15.01 -22.49 2.27
N VAL D 108 13.76 -22.16 2.62
CA VAL D 108 13.35 -22.56 3.99
C VAL D 108 13.24 -24.09 4.25
N TYR D 109 12.55 -24.75 3.33
CA TYR D 109 12.44 -26.18 3.33
C TYR D 109 13.85 -26.79 3.47
N ILE D 110 14.79 -26.37 2.64
CA ILE D 110 16.14 -26.86 2.80
C ILE D 110 16.67 -26.57 4.20
N HIS D 111 16.98 -25.30 4.51
CA HIS D 111 17.20 -24.79 5.89
C HIS D 111 16.46 -25.58 7.00
N ILE D 112 15.15 -25.69 6.88
CA ILE D 112 14.43 -26.47 7.89
C ILE D 112 14.93 -27.92 8.03
N PHE D 113 15.12 -28.59 6.89
CA PHE D 113 15.56 -29.96 6.90
C PHE D 113 16.99 -30.12 7.34
N ARG D 114 17.83 -29.14 7.03
CA ARG D 114 19.19 -29.21 7.53
C ARG D 114 19.06 -29.32 9.04
N GLY D 115 18.15 -28.53 9.60
CA GLY D 115 18.06 -28.41 11.03
C GLY D 115 17.46 -29.67 11.59
N LEU D 116 16.55 -30.28 10.83
CA LEU D 116 15.82 -31.47 11.34
C LEU D 116 16.77 -32.66 11.42
N TYR D 117 17.83 -32.59 10.61
CA TYR D 117 18.80 -33.66 10.45
C TYR D 117 19.94 -33.57 11.49
N TYR D 118 20.36 -32.34 11.76
CA TYR D 118 21.56 -32.11 12.54
C TYR D 118 21.24 -31.74 13.98
N GLY D 119 19.97 -31.88 14.34
CA GLY D 119 19.51 -31.60 15.69
C GLY D 119 19.69 -30.15 16.08
N SER D 120 19.61 -29.23 15.12
CA SER D 120 19.82 -27.80 15.39
C SER D 120 18.69 -27.17 16.19
N TYR D 121 17.65 -27.95 16.45
CA TYR D 121 16.52 -27.52 17.27
C TYR D 121 16.61 -28.03 18.69
N LYS D 122 17.56 -28.90 18.97
CA LYS D 122 17.63 -29.50 20.31
C LYS D 122 18.29 -28.52 21.27
N ALA D 123 18.02 -28.69 22.57
CA ALA D 123 18.64 -27.86 23.60
C ALA D 123 20.10 -27.70 23.25
N PRO D 124 20.63 -26.48 23.39
CA PRO D 124 19.86 -25.37 23.95
C PRO D 124 19.16 -24.46 22.86
N ARG D 125 18.93 -24.98 21.65
CA ARG D 125 18.41 -24.16 20.57
C ARG D 125 16.88 -24.07 20.34
N GLU D 126 16.09 -24.52 21.33
CA GLU D 126 14.64 -24.51 21.18
C GLU D 126 14.12 -23.18 20.68
N VAL D 127 14.51 -22.11 21.37
CA VAL D 127 14.09 -20.74 21.03
C VAL D 127 14.46 -20.31 19.63
N THR D 128 15.70 -20.51 19.21
CA THR D 128 16.02 -20.25 17.81
C THR D 128 14.93 -20.89 16.92
N TRP D 129 14.50 -22.09 17.32
CA TRP D 129 13.63 -22.90 16.54
C TRP D 129 12.21 -22.34 16.52
N ILE D 130 11.67 -22.07 17.71
CA ILE D 130 10.34 -21.50 17.79
C ILE D 130 10.24 -20.20 16.99
N VAL D 131 11.25 -19.34 17.10
CA VAL D 131 11.27 -18.13 16.31
C VAL D 131 11.34 -18.51 14.82
N GLY D 132 12.13 -19.54 14.47
CA GLY D 132 12.03 -20.17 13.14
C GLY D 132 10.59 -20.49 12.69
N MET D 133 9.88 -21.25 13.51
CA MET D 133 8.56 -21.68 13.20
C MET D 133 7.62 -20.52 12.97
N LEU D 134 7.73 -19.52 13.83
CA LEU D 134 6.91 -18.31 13.70
C LEU D 134 7.13 -17.62 12.34
N ILE D 135 8.39 -17.34 12.02
CA ILE D 135 8.75 -16.78 10.75
C ILE D 135 8.10 -17.59 9.65
N TYR D 136 8.23 -18.91 9.77
CA TYR D 136 7.68 -19.84 8.77
C TYR D 136 6.21 -19.55 8.49
N LEU D 137 5.40 -19.54 9.56
CA LEU D 137 3.97 -19.17 9.55
C LEU D 137 3.70 -17.80 8.92
N MET D 138 4.54 -16.83 9.28
CA MET D 138 4.42 -15.52 8.70
C MET D 138 4.71 -15.58 7.17
N MET D 139 5.77 -16.29 6.78
CA MET D 139 6.07 -16.43 5.35
C MET D 139 4.87 -16.96 4.57
N MET D 140 4.18 -17.96 5.13
CA MET D 140 3.08 -18.53 4.38
C MET D 140 1.92 -17.56 4.23
N GLY D 141 1.53 -16.92 5.34
CA GLY D 141 0.52 -15.87 5.31
C GLY D 141 0.94 -14.83 4.29
N THR D 142 2.19 -14.36 4.40
CA THR D 142 2.61 -13.29 3.51
C THR D 142 2.43 -13.67 2.05
N ALA D 143 2.74 -14.92 1.74
CA ALA D 143 2.92 -15.34 0.37
C ALA D 143 1.55 -15.59 -0.19
N PHE D 144 0.63 -15.96 0.70
CA PHE D 144 -0.72 -16.26 0.28
C PHE D 144 -1.34 -14.96 -0.18
N MET D 145 -1.10 -13.92 0.59
CA MET D 145 -1.71 -12.67 0.28
C MET D 145 -1.09 -12.02 -0.97
N GLY D 146 0.22 -12.10 -1.14
CA GLY D 146 0.78 -11.48 -2.33
C GLY D 146 0.10 -12.13 -3.52
N TYR D 147 -0.05 -13.43 -3.42
CA TYR D 147 -0.55 -14.20 -4.51
C TYR D 147 -1.96 -13.74 -4.91
N VAL D 148 -2.67 -13.12 -3.98
CA VAL D 148 -4.04 -12.74 -4.22
C VAL D 148 -3.98 -11.49 -5.03
N LEU D 149 -2.85 -10.78 -4.91
CA LEU D 149 -2.81 -9.41 -5.43
C LEU D 149 -3.13 -9.25 -6.93
N PRO D 150 -2.59 -10.13 -7.80
CA PRO D 150 -2.84 -9.96 -9.22
C PRO D 150 -4.32 -10.08 -9.52
N TRP D 151 -5.06 -10.72 -8.63
CA TRP D 151 -6.51 -10.88 -8.82
C TRP D 151 -6.80 -11.71 -10.09
N GLY D 152 -6.01 -12.74 -10.31
CA GLY D 152 -6.36 -13.69 -11.37
C GLY D 152 -7.27 -14.76 -10.81
N GLN D 153 -7.40 -15.83 -11.58
CA GLN D 153 -8.22 -16.99 -11.15
C GLN D 153 -7.67 -17.72 -9.91
N MET D 154 -6.37 -18.05 -9.92
CA MET D 154 -5.72 -18.64 -8.76
C MET D 154 -5.81 -17.71 -7.54
N SER D 155 -5.53 -16.41 -7.71
CA SER D 155 -5.67 -15.39 -6.66
C SER D 155 -7.04 -15.43 -6.00
N PHE D 156 -8.08 -15.39 -6.83
CA PHE D 156 -9.45 -15.37 -6.31
C PHE D 156 -9.90 -16.67 -5.63
N TRP D 157 -9.66 -17.83 -6.25
CA TRP D 157 -10.14 -19.10 -5.61
C TRP D 157 -9.20 -19.55 -4.49
N GLY D 158 -7.91 -19.20 -4.62
CA GLY D 158 -7.00 -19.16 -3.45
C GLY D 158 -7.64 -18.45 -2.25
N ALA D 159 -8.20 -17.25 -2.49
CA ALA D 159 -8.56 -16.39 -1.40
C ALA D 159 -9.74 -17.04 -0.76
N THR D 160 -10.64 -17.50 -1.60
CA THR D 160 -11.80 -18.27 -1.13
C THR D 160 -11.38 -19.50 -0.29
N VAL D 161 -10.60 -20.39 -0.88
CA VAL D 161 -10.27 -21.60 -0.18
C VAL D 161 -9.61 -21.29 1.19
N ILE D 162 -8.61 -20.42 1.18
CA ILE D 162 -7.88 -20.17 2.40
C ILE D 162 -8.69 -19.40 3.44
N THR D 163 -9.44 -18.39 3.03
CA THR D 163 -10.32 -17.75 4.03
C THR D 163 -11.35 -18.75 4.52
N GLY D 164 -11.55 -19.81 3.73
CA GLY D 164 -12.51 -20.86 4.10
C GLY D 164 -11.99 -21.71 5.24
N LEU D 165 -10.66 -21.85 5.36
CA LEU D 165 -10.07 -22.69 6.43
C LEU D 165 -10.60 -22.25 7.80
N PHE D 166 -10.83 -20.95 7.94
CA PHE D 166 -11.17 -20.38 9.22
C PHE D 166 -12.64 -20.59 9.48
N GLY D 167 -13.44 -20.56 8.43
CA GLY D 167 -14.86 -20.73 8.62
C GLY D 167 -15.15 -22.18 9.00
N ALA D 168 -14.15 -23.04 8.97
CA ALA D 168 -14.36 -24.42 9.40
C ALA D 168 -14.33 -24.47 10.89
N ILE D 169 -13.66 -23.54 11.55
CA ILE D 169 -13.66 -23.62 13.01
C ILE D 169 -15.10 -23.70 13.52
N PRO D 170 -15.35 -24.59 14.49
CA PRO D 170 -16.70 -24.67 15.05
C PRO D 170 -17.01 -23.39 15.86
N GLY D 171 -18.28 -23.00 15.92
CA GLY D 171 -18.68 -21.86 16.75
C GLY D 171 -18.38 -20.50 16.18
N VAL D 172 -17.12 -20.18 16.01
CA VAL D 172 -16.76 -18.81 15.69
C VAL D 172 -16.26 -18.60 14.26
N GLY D 173 -16.05 -19.70 13.54
CA GLY D 173 -15.49 -19.66 12.20
C GLY D 173 -16.31 -18.86 11.21
N GLU D 174 -17.62 -18.81 11.36
CA GLU D 174 -18.37 -18.01 10.41
C GLU D 174 -17.98 -16.53 10.64
N ALA D 175 -17.84 -16.14 11.91
CA ALA D 175 -17.45 -14.79 12.23
C ALA D 175 -16.04 -14.44 11.76
N ILE D 176 -15.02 -15.25 12.09
CA ILE D 176 -13.65 -14.95 11.68
C ILE D 176 -13.64 -14.87 10.16
N GLN D 177 -14.45 -15.69 9.51
CA GLN D 177 -14.48 -15.65 8.07
C GLN D 177 -15.11 -14.36 7.53
N THR D 178 -16.32 -13.99 7.99
CA THR D 178 -16.89 -12.71 7.61
C THR D 178 -15.87 -11.54 7.83
N TRP D 179 -15.24 -11.56 9.00
CA TRP D 179 -14.18 -10.62 9.37
C TRP D 179 -13.05 -10.57 8.33
N LEU D 180 -12.43 -11.69 8.03
CA LEU D 180 -11.37 -11.66 7.04
C LEU D 180 -11.86 -11.20 5.68
N LEU D 181 -13.05 -11.65 5.28
CA LEU D 181 -13.53 -11.33 3.94
C LEU D 181 -13.87 -9.82 3.84
N GLY D 182 -14.48 -9.25 4.89
CA GLY D 182 -14.94 -7.88 4.82
C GLY D 182 -16.32 -7.85 4.22
N GLY D 183 -16.99 -8.98 4.30
CA GLY D 183 -18.33 -9.09 3.76
C GLY D 183 -18.57 -10.52 3.39
N PRO D 184 -19.58 -10.74 2.58
CA PRO D 184 -20.13 -12.06 2.37
C PRO D 184 -19.35 -12.82 1.31
N ALA D 185 -18.45 -12.16 0.60
CA ALA D 185 -17.65 -12.93 -0.34
C ALA D 185 -16.32 -12.30 -0.67
N VAL D 186 -15.35 -13.13 -1.00
CA VAL D 186 -14.14 -12.61 -1.53
C VAL D 186 -14.49 -11.55 -2.54
N ASP D 187 -14.15 -10.31 -2.24
CA ASP D 187 -14.47 -9.20 -3.10
C ASP D 187 -13.42 -8.05 -2.87
N ASN D 188 -13.69 -6.82 -3.27
CA ASN D 188 -12.74 -5.73 -3.10
C ASN D 188 -12.27 -5.51 -1.68
N PRO D 189 -13.20 -5.46 -0.72
CA PRO D 189 -12.60 -5.33 0.60
C PRO D 189 -11.48 -6.36 0.85
N THR D 190 -11.66 -7.62 0.43
CA THR D 190 -10.64 -8.65 0.66
C THR D 190 -9.34 -8.29 -0.05
N LEU D 191 -9.44 -7.86 -1.29
CA LEU D 191 -8.24 -7.49 -2.00
C LEU D 191 -7.57 -6.43 -1.16
N ASN D 192 -8.38 -5.43 -0.75
CA ASN D 192 -7.89 -4.19 -0.15
C ASN D 192 -7.18 -4.36 1.19
N ARG D 193 -7.68 -5.22 2.05
CA ARG D 193 -7.00 -5.46 3.32
C ARG D 193 -5.74 -6.36 3.19
N PHE D 194 -5.77 -7.32 2.25
CA PHE D 194 -4.65 -8.27 2.07
C PHE D 194 -3.51 -7.48 1.55
N PHE D 195 -3.83 -6.46 0.79
CA PHE D 195 -2.75 -5.69 0.23
C PHE D 195 -1.96 -5.02 1.36
N SER D 196 -2.71 -4.56 2.37
CA SER D 196 -2.10 -3.87 3.47
C SER D 196 -1.18 -4.80 4.27
N LEU D 197 -1.78 -5.88 4.75
CA LEU D 197 -1.05 -6.96 5.41
C LEU D 197 0.14 -7.47 4.56
N HIS D 198 -0.02 -7.64 3.26
CA HIS D 198 1.13 -8.10 2.46
C HIS D 198 2.31 -7.18 2.63
N TYR D 199 2.04 -5.87 2.74
CA TYR D 199 3.12 -4.91 2.90
C TYR D 199 3.70 -4.97 4.32
N LEU D 200 2.80 -5.04 5.30
CA LEU D 200 3.16 -5.08 6.70
C LEU D 200 3.95 -6.33 7.13
N LEU D 201 3.45 -7.52 6.78
CA LEU D 201 3.96 -8.75 7.39
C LEU D 201 5.43 -8.96 7.12
N PRO D 202 5.90 -8.62 5.91
CA PRO D 202 7.34 -8.81 5.69
C PRO D 202 8.22 -8.00 6.66
N PHE D 203 7.72 -6.87 7.14
CA PHE D 203 8.44 -6.15 8.20
C PHE D 203 8.45 -6.86 9.56
N VAL D 204 7.37 -7.54 9.87
CA VAL D 204 7.32 -8.28 11.10
C VAL D 204 8.27 -9.45 10.95
N ILE D 205 8.26 -10.06 9.77
CA ILE D 205 9.26 -11.06 9.48
C ILE D 205 10.72 -10.58 9.63
N ALA D 206 11.05 -9.39 9.12
CA ALA D 206 12.42 -8.90 9.30
C ALA D 206 12.78 -8.79 10.80
N ALA D 207 11.81 -8.38 11.61
CA ALA D 207 12.04 -8.22 13.02
C ALA D 207 12.33 -9.59 13.64
N LEU D 208 11.39 -10.52 13.46
CA LEU D 208 11.58 -11.86 13.95
C LEU D 208 12.93 -12.37 13.48
N VAL D 209 13.32 -12.01 12.28
CA VAL D 209 14.61 -12.50 11.83
C VAL D 209 15.72 -11.89 12.68
N VAL D 210 15.59 -10.60 13.02
CA VAL D 210 16.58 -10.02 13.94
C VAL D 210 16.65 -10.87 15.22
N VAL D 211 15.53 -11.16 15.85
CA VAL D 211 15.56 -11.97 17.06
C VAL D 211 16.14 -13.37 16.77
N HIS D 212 15.84 -13.88 15.59
CA HIS D 212 16.36 -15.20 15.15
C HIS D 212 17.89 -15.12 15.22
N ILE D 213 18.51 -14.29 14.41
CA ILE D 213 19.96 -14.19 14.50
C ILE D 213 20.48 -13.93 15.93
N TRP D 214 19.67 -13.30 16.76
CA TRP D 214 20.14 -12.89 18.07
C TRP D 214 20.32 -14.15 18.89
N ALA D 215 19.38 -15.05 18.73
CA ALA D 215 19.29 -16.25 19.54
C ALA D 215 20.40 -17.22 19.19
N PHE D 216 20.69 -17.38 17.91
CA PHE D 216 21.79 -18.27 17.64
C PHE D 216 23.16 -17.66 17.95
N HIS D 217 23.27 -16.32 17.92
CA HIS D 217 24.47 -15.67 18.42
C HIS D 217 24.60 -15.97 19.90
N THR D 218 23.49 -15.95 20.63
CA THR D 218 23.50 -16.33 22.04
C THR D 218 23.98 -17.77 22.33
N THR D 219 23.41 -18.77 21.67
CA THR D 219 23.80 -20.17 21.91
C THR D 219 25.09 -20.48 21.17
N GLY D 220 25.46 -19.68 20.19
CA GLY D 220 26.42 -20.18 19.22
C GLY D 220 25.78 -21.13 18.18
N ASN D 221 26.33 -21.08 16.97
CA ASN D 221 25.88 -21.95 15.89
C ASN D 221 25.98 -23.46 16.23
N ASN D 222 25.19 -24.29 15.56
CA ASN D 222 25.40 -25.73 15.57
C ASN D 222 26.40 -26.09 14.47
N ASN D 223 26.86 -27.33 14.46
CA ASN D 223 27.77 -27.75 13.41
C ASN D 223 27.47 -29.20 13.03
N PRO D 224 27.91 -29.62 11.84
CA PRO D 224 27.63 -30.98 11.36
C PRO D 224 27.76 -32.08 12.43
N THR D 225 28.69 -31.93 13.41
CA THR D 225 28.93 -32.99 14.42
C THR D 225 28.03 -32.99 15.64
N GLY D 226 27.41 -31.85 15.93
CA GLY D 226 26.59 -31.76 17.12
C GLY D 226 27.43 -31.56 18.37
N VAL D 227 28.74 -31.41 18.17
CA VAL D 227 29.64 -31.16 19.27
C VAL D 227 29.99 -29.65 19.40
N GLU D 228 29.56 -29.06 20.52
CA GLU D 228 29.76 -27.65 20.83
C GLU D 228 31.21 -27.19 20.73
N VAL D 229 31.39 -25.94 20.31
CA VAL D 229 32.68 -25.25 20.46
C VAL D 229 33.15 -25.38 21.92
N ARG D 230 34.45 -25.51 22.14
CA ARG D 230 34.97 -25.55 23.53
C ARG D 230 35.06 -24.15 24.19
N ARG D 231 34.49 -24.02 25.40
CA ARG D 231 34.45 -22.76 26.18
C ARG D 231 35.59 -22.65 27.20
N GLY D 232 36.41 -23.68 27.36
CA GLY D 232 37.39 -23.76 28.44
C GLY D 232 38.47 -22.68 28.45
N SER D 233 38.79 -22.13 27.27
CA SER D 233 39.77 -21.02 27.16
C SER D 233 39.81 -20.43 25.76
N LYS D 234 40.51 -19.31 25.60
CA LYS D 234 40.61 -18.71 24.28
C LYS D 234 41.33 -19.65 23.29
N GLU D 235 42.48 -20.20 23.69
CA GLU D 235 43.34 -21.01 22.80
C GLU D 235 42.60 -22.17 22.13
N GLU D 236 41.71 -22.82 22.87
CA GLU D 236 41.04 -23.98 22.30
C GLU D 236 39.72 -23.66 21.60
N ALA D 237 39.06 -22.57 22.01
CA ALA D 237 37.86 -22.12 21.30
C ALA D 237 38.32 -21.73 19.91
N LYS D 238 39.51 -21.17 19.81
CA LYS D 238 40.10 -20.80 18.54
C LYS D 238 40.36 -22.06 17.73
N LYS D 239 40.72 -23.14 18.42
CA LYS D 239 40.97 -24.40 17.73
C LYS D 239 39.75 -24.96 17.01
N ASP D 240 38.56 -24.64 17.54
CA ASP D 240 37.28 -25.13 17.03
C ASP D 240 36.55 -24.19 16.05
N THR D 241 36.99 -22.95 15.94
CA THR D 241 36.17 -21.95 15.29
C THR D 241 37.01 -21.17 14.32
N LEU D 242 36.34 -20.30 13.54
CA LEU D 242 36.96 -19.18 12.83
C LEU D 242 35.99 -17.99 12.94
N PRO D 243 36.49 -16.75 12.81
CA PRO D 243 35.56 -15.61 12.78
C PRO D 243 34.60 -15.59 11.55
N PHE D 244 33.29 -15.44 11.81
CA PHE D 244 32.30 -15.35 10.73
C PHE D 244 32.82 -14.43 9.62
N TRP D 245 33.35 -13.26 9.97
CA TRP D 245 34.07 -12.50 8.95
C TRP D 245 35.60 -12.68 9.09
N PRO D 246 36.33 -12.92 7.97
CA PRO D 246 35.85 -13.09 6.58
C PRO D 246 35.42 -14.51 6.12
N TYR D 247 35.70 -15.52 6.94
CA TYR D 247 35.71 -16.90 6.45
C TYR D 247 34.36 -17.43 5.94
N PHE D 248 33.34 -17.38 6.78
CA PHE D 248 32.03 -17.79 6.31
C PHE D 248 31.28 -16.72 5.48
N VAL D 249 31.56 -15.45 5.71
CA VAL D 249 30.92 -14.43 4.93
C VAL D 249 31.21 -14.70 3.45
N ILE D 250 32.46 -15.01 3.17
CA ILE D 250 32.85 -15.13 1.77
C ILE D 250 32.49 -16.50 1.16
N LYS D 251 32.45 -17.52 2.01
CA LYS D 251 31.97 -18.83 1.61
C LYS D 251 30.46 -18.80 1.31
N ASP D 252 29.72 -17.97 2.05
CA ASP D 252 28.29 -17.85 1.83
C ASP D 252 28.06 -17.00 0.61
N LEU D 253 28.80 -15.90 0.51
CA LEU D 253 28.62 -15.04 -0.62
C LEU D 253 28.79 -15.88 -1.88
N PHE D 254 29.82 -16.72 -1.91
CA PHE D 254 30.05 -17.69 -3.03
C PHE D 254 28.88 -18.66 -3.29
N ALA D 255 28.48 -19.41 -2.27
CA ALA D 255 27.31 -20.26 -2.37
C ALA D 255 26.13 -19.51 -2.97
N LEU D 256 25.96 -18.26 -2.49
CA LEU D 256 24.86 -17.38 -2.85
C LEU D 256 24.89 -17.06 -4.33
N ALA D 257 26.08 -16.77 -4.81
CA ALA D 257 26.26 -16.49 -6.20
C ALA D 257 25.88 -17.72 -6.97
N VAL D 258 26.33 -18.90 -6.55
CA VAL D 258 25.93 -20.09 -7.31
C VAL D 258 24.43 -20.27 -7.35
N VAL D 259 23.79 -20.10 -6.19
CA VAL D 259 22.33 -20.08 -6.17
C VAL D 259 21.79 -19.02 -7.15
N LEU D 260 22.38 -17.83 -7.14
CA LEU D 260 21.84 -16.77 -7.96
C LEU D 260 22.05 -16.99 -9.44
N VAL D 261 23.05 -17.76 -9.82
CA VAL D 261 23.20 -18.17 -11.21
C VAL D 261 21.94 -18.94 -11.64
N VAL D 262 21.51 -19.90 -10.84
CA VAL D 262 20.34 -20.65 -11.21
C VAL D 262 19.12 -19.73 -11.22
N PHE D 263 18.96 -18.99 -10.13
CA PHE D 263 17.83 -18.13 -9.97
C PHE D 263 17.59 -17.22 -11.17
N PHE D 264 18.64 -16.54 -11.60
CA PHE D 264 18.51 -15.61 -12.69
C PHE D 264 18.28 -16.38 -14.00
N ALA D 265 18.92 -17.53 -14.14
CA ALA D 265 18.61 -18.44 -15.23
C ALA D 265 17.09 -18.65 -15.34
N ILE D 266 16.48 -18.95 -14.22
CA ILE D 266 15.05 -19.12 -14.23
C ILE D 266 14.30 -17.80 -14.49
N VAL D 267 14.75 -16.70 -13.89
CA VAL D 267 14.03 -15.46 -14.06
C VAL D 267 14.15 -15.09 -15.53
N GLY D 268 15.31 -15.40 -16.09
CA GLY D 268 15.59 -14.98 -17.43
C GLY D 268 14.92 -15.86 -18.45
N PHE D 269 14.94 -17.18 -18.24
CA PHE D 269 14.54 -18.09 -19.35
C PHE D 269 13.33 -18.98 -19.14
N MET D 270 12.94 -19.15 -17.89
CA MET D 270 11.72 -19.87 -17.58
C MET D 270 11.01 -19.19 -16.44
N PRO D 271 10.57 -17.96 -16.68
CA PRO D 271 9.97 -17.10 -15.65
C PRO D 271 8.68 -17.67 -15.10
N ASN D 272 7.96 -18.43 -15.93
CA ASN D 272 6.62 -18.88 -15.58
C ASN D 272 6.56 -20.37 -15.29
N TYR D 273 7.66 -21.06 -15.53
CA TYR D 273 7.72 -22.46 -15.23
C TYR D 273 7.32 -22.88 -13.81
N LEU D 274 7.58 -22.08 -12.76
CA LEU D 274 7.12 -22.45 -11.39
C LEU D 274 5.71 -21.98 -10.99
N GLY D 275 4.99 -21.32 -11.90
CA GLY D 275 3.66 -20.84 -11.56
C GLY D 275 2.55 -21.56 -12.29
N HIS D 276 1.34 -21.13 -12.03
CA HIS D 276 0.19 -21.70 -12.65
C HIS D 276 -0.43 -20.74 -13.66
N PRO D 277 -0.19 -21.00 -14.95
CA PRO D 277 -0.72 -20.27 -16.10
C PRO D 277 -2.08 -19.68 -15.86
N ASP D 278 -2.87 -20.32 -15.02
CA ASP D 278 -4.23 -19.88 -14.89
C ASP D 278 -4.32 -18.52 -14.25
N ASN D 279 -3.30 -18.14 -13.49
CA ASN D 279 -3.33 -16.80 -12.90
C ASN D 279 -3.19 -15.70 -13.93
N TYR D 280 -3.00 -16.08 -15.19
CA TYR D 280 -3.08 -15.10 -16.28
C TYR D 280 -4.49 -14.90 -16.86
N ILE D 281 -5.50 -15.47 -16.22
CA ILE D 281 -6.88 -15.21 -16.54
C ILE D 281 -7.49 -14.43 -15.35
N GLU D 282 -8.36 -13.50 -15.64
CA GLU D 282 -8.84 -12.55 -14.63
C GLU D 282 -9.81 -13.22 -13.69
N ALA D 283 -9.63 -13.06 -12.39
CA ALA D 283 -10.58 -13.66 -11.45
C ALA D 283 -12.00 -13.69 -12.04
N ASN D 284 -12.73 -14.79 -11.83
CA ASN D 284 -14.15 -14.92 -12.20
C ASN D 284 -14.96 -15.53 -11.04
N PRO D 285 -15.85 -14.72 -10.48
CA PRO D 285 -16.53 -15.20 -9.27
C PRO D 285 -17.47 -16.41 -9.51
N LEU D 286 -17.82 -16.68 -10.77
CA LEU D 286 -18.75 -17.76 -11.11
C LEU D 286 -18.06 -19.08 -11.45
N VAL D 287 -16.78 -19.04 -11.79
CA VAL D 287 -16.07 -20.26 -12.24
C VAL D 287 -14.73 -20.44 -11.56
N THR D 288 -14.57 -21.62 -10.97
CA THR D 288 -13.28 -22.15 -10.55
C THR D 288 -12.83 -23.03 -11.70
N PRO D 289 -11.64 -22.78 -12.26
CA PRO D 289 -11.02 -23.56 -13.34
C PRO D 289 -10.79 -25.04 -13.01
N ALA D 290 -10.92 -25.89 -14.00
CA ALA D 290 -10.89 -27.33 -13.71
C ALA D 290 -9.58 -27.74 -13.04
N HIS D 291 -8.46 -27.21 -13.48
CA HIS D 291 -7.19 -27.63 -12.90
C HIS D 291 -6.67 -26.54 -11.97
N ILE D 292 -7.16 -26.53 -10.73
CA ILE D 292 -6.73 -25.53 -9.79
C ILE D 292 -5.67 -26.06 -8.81
N VAL D 293 -4.41 -26.00 -9.19
CA VAL D 293 -3.33 -26.47 -8.33
C VAL D 293 -2.68 -25.38 -7.50
N PRO D 294 -2.67 -25.55 -6.17
CA PRO D 294 -1.99 -24.66 -5.21
C PRO D 294 -0.55 -24.34 -5.63
N GLU D 295 0.02 -23.28 -5.08
CA GLU D 295 1.41 -22.92 -5.33
C GLU D 295 2.30 -24.04 -4.77
N TRP D 296 3.35 -24.41 -5.49
CA TRP D 296 4.04 -25.65 -5.18
C TRP D 296 4.46 -25.74 -3.73
N TYR D 297 4.98 -24.66 -3.16
CA TYR D 297 5.50 -24.74 -1.78
C TYR D 297 4.38 -24.89 -0.78
N PHE D 298 3.16 -24.94 -1.29
CA PHE D 298 1.99 -25.19 -0.44
C PHE D 298 1.45 -26.64 -0.56
N LEU D 299 2.01 -27.38 -1.54
CA LEU D 299 1.42 -28.65 -1.98
C LEU D 299 1.41 -29.74 -0.93
N PRO D 300 2.55 -29.91 -0.20
CA PRO D 300 2.51 -30.93 0.83
C PRO D 300 1.36 -30.67 1.81
N PHE D 301 1.14 -29.41 2.17
CA PHE D 301 0.19 -29.17 3.21
C PHE D 301 -1.16 -29.38 2.64
N TYR D 302 -1.30 -29.00 1.37
CA TYR D 302 -2.54 -29.21 0.68
C TYR D 302 -2.84 -30.74 0.49
N ALA D 303 -1.81 -31.52 0.12
CA ALA D 303 -1.95 -32.95 0.03
C ALA D 303 -2.48 -33.44 1.35
N ILE D 304 -1.95 -32.95 2.46
CA ILE D 304 -2.44 -33.48 3.73
C ILE D 304 -3.91 -33.16 3.86
N LEU D 305 -4.28 -31.94 3.57
CA LEU D 305 -5.65 -31.59 3.82
C LEU D 305 -6.65 -32.50 3.14
N ARG D 306 -6.57 -32.67 1.83
CA ARG D 306 -7.72 -33.29 1.14
C ARG D 306 -7.72 -34.80 1.25
N ALA D 307 -6.56 -35.35 1.57
CA ALA D 307 -6.48 -36.75 1.86
C ALA D 307 -7.58 -37.12 2.84
N PHE D 308 -8.02 -36.19 3.68
CA PHE D 308 -8.94 -36.58 4.76
C PHE D 308 -10.39 -36.41 4.41
N THR D 309 -10.93 -37.33 3.60
CA THR D 309 -12.36 -37.35 3.30
C THR D 309 -13.27 -38.20 4.24
N ALA D 310 -14.57 -38.25 3.92
CA ALA D 310 -15.57 -38.94 4.76
C ALA D 310 -15.29 -40.44 4.75
N ASP D 311 -14.79 -40.91 3.61
CA ASP D 311 -14.46 -42.30 3.41
C ASP D 311 -13.43 -42.73 4.46
N VAL D 312 -12.51 -41.83 4.86
CA VAL D 312 -11.38 -42.21 5.69
C VAL D 312 -11.79 -42.69 7.09
N TRP D 313 -11.27 -43.84 7.53
CA TRP D 313 -11.78 -44.43 8.81
C TRP D 313 -11.43 -43.66 10.06
N VAL D 314 -10.22 -43.07 10.13
CA VAL D 314 -9.93 -42.26 11.29
C VAL D 314 -10.93 -41.12 11.28
N VAL D 315 -11.30 -40.70 10.07
CA VAL D 315 -12.31 -39.64 9.90
C VAL D 315 -13.68 -40.01 10.45
N MET D 316 -14.20 -41.19 10.11
CA MET D 316 -15.48 -41.66 10.68
C MET D 316 -15.42 -41.98 12.16
N LEU D 317 -14.31 -42.58 12.60
CA LEU D 317 -14.01 -42.74 14.03
C LEU D 317 -14.17 -41.39 14.77
N VAL D 318 -13.24 -40.45 14.53
CA VAL D 318 -13.32 -39.13 15.15
C VAL D 318 -14.69 -38.48 14.90
N ASN D 319 -15.27 -38.74 13.75
CA ASN D 319 -16.50 -38.07 13.47
C ASN D 319 -17.55 -38.55 14.44
N TRP D 320 -17.56 -39.85 14.65
CA TRP D 320 -18.49 -40.45 15.58
C TRP D 320 -18.22 -39.99 17.05
N LEU D 321 -17.02 -40.26 17.56
CA LEU D 321 -16.64 -39.87 18.92
C LEU D 321 -17.00 -38.40 19.28
N SER D 322 -16.63 -37.48 18.42
CA SER D 322 -16.90 -36.08 18.68
C SER D 322 -18.37 -35.71 18.42
N PHE D 323 -19.24 -36.70 18.20
CA PHE D 323 -20.68 -36.42 18.00
C PHE D 323 -21.00 -35.50 16.80
N GLY D 324 -20.24 -35.58 15.72
CA GLY D 324 -20.49 -34.74 14.56
C GLY D 324 -19.71 -33.43 14.58
N ILE D 325 -19.22 -33.01 15.74
CA ILE D 325 -18.47 -31.75 15.81
C ILE D 325 -17.16 -31.79 15.04
N ILE D 326 -16.46 -32.93 14.95
CA ILE D 326 -15.30 -32.96 14.03
C ILE D 326 -15.52 -33.82 12.76
N ASP D 327 -15.94 -33.22 11.66
CA ASP D 327 -16.07 -33.98 10.45
C ASP D 327 -14.82 -33.84 9.53
N ALA D 328 -14.87 -34.46 8.36
CA ALA D 328 -13.76 -34.45 7.40
C ALA D 328 -13.22 -33.03 7.13
N LYS D 329 -14.12 -32.09 6.80
CA LYS D 329 -13.75 -30.70 6.61
C LYS D 329 -12.85 -30.10 7.73
N PHE D 330 -13.33 -30.17 8.97
CA PHE D 330 -12.55 -29.75 10.13
C PHE D 330 -11.32 -30.64 10.47
N PHE D 331 -11.47 -31.94 10.29
CA PHE D 331 -10.36 -32.85 10.51
C PHE D 331 -9.25 -32.45 9.56
N GLY D 332 -9.60 -32.28 8.29
CA GLY D 332 -8.58 -31.96 7.30
C GLY D 332 -7.79 -30.72 7.69
N VAL D 333 -8.50 -29.68 8.17
CA VAL D 333 -7.89 -28.41 8.58
C VAL D 333 -7.01 -28.63 9.84
N ILE D 334 -7.50 -29.41 10.80
CA ILE D 334 -6.68 -29.70 11.96
C ILE D 334 -5.45 -30.48 11.58
N ALA D 335 -5.55 -31.35 10.58
CA ALA D 335 -4.40 -32.18 10.19
C ALA D 335 -3.29 -31.35 9.54
N MET D 336 -3.69 -30.43 8.68
CA MET D 336 -2.73 -29.57 8.01
C MET D 336 -2.00 -28.57 8.96
N PHE D 337 -2.73 -27.90 9.85
CA PHE D 337 -2.07 -27.01 10.78
C PHE D 337 -1.32 -27.89 11.77
N GLY D 338 -1.94 -29.00 12.18
CA GLY D 338 -1.22 -29.98 12.99
C GLY D 338 0.10 -30.43 12.36
N ALA D 339 0.10 -30.55 11.04
CA ALA D 339 1.29 -31.10 10.44
C ALA D 339 2.36 -30.12 10.78
N ILE D 340 2.02 -28.83 10.70
CA ILE D 340 3.01 -27.77 10.97
C ILE D 340 3.44 -27.71 12.44
N LEU D 341 2.47 -27.85 13.34
CA LEU D 341 2.67 -27.68 14.74
C LEU D 341 3.61 -28.76 15.32
N VAL D 342 3.39 -30.02 14.96
CA VAL D 342 4.17 -31.05 15.60
C VAL D 342 5.61 -30.79 15.27
N MET D 343 5.88 -30.34 14.05
CA MET D 343 7.23 -29.88 13.66
C MET D 343 7.73 -28.72 14.58
N ALA D 344 6.86 -27.77 14.84
CA ALA D 344 7.21 -26.79 15.86
C ALA D 344 7.66 -27.49 17.16
N LEU D 345 6.94 -28.53 17.58
CA LEU D 345 7.18 -29.15 18.89
C LEU D 345 8.36 -30.14 18.96
N VAL D 346 9.09 -30.28 17.86
CA VAL D 346 10.08 -31.35 17.80
C VAL D 346 11.21 -31.24 18.85
N PRO D 347 11.43 -30.07 19.43
CA PRO D 347 12.48 -30.15 20.42
C PRO D 347 12.06 -31.02 21.61
N TRP D 348 10.75 -31.08 21.87
CA TRP D 348 10.21 -31.79 23.05
C TRP D 348 9.79 -33.21 22.72
N LEU D 349 9.74 -33.52 21.43
CA LEU D 349 9.35 -34.86 20.97
C LEU D 349 10.62 -35.72 20.84
N ASP D 350 11.70 -35.13 20.33
CA ASP D 350 12.89 -35.90 20.08
C ASP D 350 13.69 -36.04 21.36
N THR D 351 13.59 -37.20 21.98
CA THR D 351 14.09 -37.38 23.32
C THR D 351 15.44 -38.08 23.33
N SER D 352 15.98 -38.39 22.17
CA SER D 352 17.33 -38.88 22.10
C SER D 352 18.29 -37.81 22.57
N ARG D 353 19.13 -38.11 23.55
CA ARG D 353 20.16 -37.19 24.01
C ARG D 353 21.24 -36.89 22.97
N VAL D 354 21.30 -37.65 21.89
CA VAL D 354 22.35 -37.34 20.88
C VAL D 354 21.93 -36.20 19.91
N ARG D 355 22.87 -35.33 19.54
CA ARG D 355 22.47 -34.18 18.76
C ARG D 355 22.46 -34.41 17.27
N SER D 356 23.64 -34.53 16.65
CA SER D 356 23.73 -34.59 15.21
C SER D 356 23.18 -35.90 14.74
N GLY D 357 22.43 -35.89 13.63
CA GLY D 357 21.95 -37.15 13.01
C GLY D 357 23.12 -37.91 12.39
N GLN D 358 24.13 -37.17 11.96
CA GLN D 358 25.42 -37.74 11.58
C GLN D 358 25.70 -39.03 12.35
N TYR D 359 25.45 -39.04 13.66
CA TYR D 359 25.85 -40.20 14.48
C TYR D 359 24.71 -41.04 14.96
N ARG D 360 23.60 -41.04 14.26
CA ARG D 360 22.52 -41.95 14.67
C ARG D 360 22.06 -42.76 13.46
N PRO D 361 22.16 -44.10 13.56
CA PRO D 361 21.99 -44.95 12.38
C PRO D 361 20.54 -45.30 12.09
N LEU D 362 19.73 -45.48 13.13
CA LEU D 362 18.33 -45.74 12.95
C LEU D 362 17.65 -44.47 12.40
N PHE D 363 17.99 -43.35 13.03
CA PHE D 363 17.50 -42.05 12.65
C PHE D 363 17.67 -41.78 11.16
N LYS D 364 18.89 -41.86 10.64
CA LYS D 364 19.09 -41.50 9.24
C LYS D 364 17.97 -42.02 8.35
N TRP D 365 17.60 -43.29 8.52
CA TRP D 365 16.59 -43.93 7.69
C TRP D 365 15.24 -43.23 7.80
N TRP D 366 14.78 -43.04 9.04
CA TRP D 366 13.49 -42.41 9.26
C TRP D 366 13.43 -40.96 8.79
N PHE D 367 14.52 -40.24 8.97
CA PHE D 367 14.62 -38.86 8.54
C PHE D 367 14.48 -38.80 7.04
N TRP D 368 15.23 -39.64 6.35
CA TRP D 368 15.24 -39.61 4.89
C TRP D 368 13.90 -40.00 4.30
N LEU D 369 13.16 -40.80 5.04
CA LEU D 369 11.83 -41.17 4.62
C LEU D 369 10.95 -39.93 4.75
N LEU D 370 11.22 -39.14 5.78
CA LEU D 370 10.50 -37.89 6.00
C LEU D 370 10.73 -37.01 4.82
N ALA D 371 12.00 -36.91 4.49
CA ALA D 371 12.41 -36.11 3.36
C ALA D 371 11.71 -36.58 2.08
N VAL D 372 11.61 -37.89 1.88
CA VAL D 372 10.87 -38.37 0.73
C VAL D 372 9.38 -38.07 0.91
N ASP D 373 8.86 -38.37 2.08
CA ASP D 373 7.47 -38.09 2.37
C ASP D 373 7.10 -36.71 1.85
N PHE D 374 8.01 -35.79 2.11
CA PHE D 374 7.68 -34.40 1.96
C PHE D 374 7.61 -34.15 0.48
N VAL D 375 8.59 -34.63 -0.27
CA VAL D 375 8.54 -34.51 -1.72
C VAL D 375 7.38 -35.30 -2.30
N VAL D 376 6.99 -36.37 -1.67
CA VAL D 376 6.00 -37.18 -2.30
C VAL D 376 4.62 -36.56 -2.10
N LEU D 377 4.39 -36.01 -0.90
CA LEU D 377 3.20 -35.19 -0.62
C LEU D 377 3.12 -34.03 -1.62
N MET D 378 4.22 -33.30 -1.73
CA MET D 378 4.26 -32.23 -2.70
C MET D 378 3.74 -32.71 -4.04
N TRP D 379 4.32 -33.81 -4.53
CA TRP D 379 3.94 -34.35 -5.84
C TRP D 379 2.49 -34.86 -5.88
N VAL D 380 2.03 -35.53 -4.83
CA VAL D 380 0.63 -35.91 -4.83
C VAL D 380 -0.29 -34.73 -4.78
N GLY D 381 0.14 -33.64 -4.14
CA GLY D 381 -0.71 -32.44 -4.10
C GLY D 381 -1.09 -32.01 -5.51
N ALA D 382 -0.22 -32.33 -6.46
CA ALA D 382 -0.46 -32.02 -7.86
C ALA D 382 -1.25 -33.09 -8.64
N MET D 383 -1.58 -34.22 -8.03
CA MET D 383 -2.33 -35.28 -8.73
C MET D 383 -3.80 -35.22 -8.30
N PRO D 384 -4.75 -35.72 -9.12
CA PRO D 384 -6.15 -35.56 -8.70
C PRO D 384 -6.57 -36.61 -7.67
N ALA D 385 -7.66 -36.34 -6.95
CA ALA D 385 -8.24 -37.24 -5.92
C ALA D 385 -8.30 -38.72 -6.30
N GLU D 386 -9.16 -39.08 -7.25
CA GLU D 386 -9.15 -40.42 -7.87
C GLU D 386 -7.97 -41.32 -7.46
N GLY D 387 -8.24 -42.34 -6.63
CA GLY D 387 -7.19 -43.31 -6.13
C GLY D 387 -6.39 -43.62 -7.37
N ILE D 388 -5.11 -44.03 -7.29
CA ILE D 388 -4.36 -44.45 -6.11
C ILE D 388 -3.77 -43.30 -5.31
N TYR D 389 -3.98 -42.07 -5.76
CA TYR D 389 -3.31 -40.96 -5.10
C TYR D 389 -3.82 -40.74 -3.68
N PRO D 390 -5.12 -40.82 -3.49
CA PRO D 390 -5.49 -40.62 -2.11
C PRO D 390 -4.71 -41.50 -1.19
N TYR D 391 -4.46 -42.73 -1.61
CA TYR D 391 -3.82 -43.70 -0.71
C TYR D 391 -2.43 -43.24 -0.34
N ILE D 392 -1.70 -42.77 -1.35
CA ILE D 392 -0.36 -42.26 -1.17
C ILE D 392 -0.34 -41.07 -0.22
N ALA D 393 -1.35 -40.22 -0.37
CA ALA D 393 -1.51 -39.04 0.45
C ALA D 393 -1.85 -39.45 1.87
N LEU D 394 -2.76 -40.39 2.02
CA LEU D 394 -3.04 -40.93 3.34
C LEU D 394 -1.80 -41.54 4.03
N ALA D 395 -1.06 -42.41 3.33
CA ALA D 395 0.16 -42.96 3.86
C ALA D 395 1.12 -41.85 4.31
N GLY D 396 1.32 -40.88 3.43
CA GLY D 396 2.25 -39.79 3.67
C GLY D 396 1.91 -39.01 4.92
N SER D 397 0.63 -38.69 5.07
CA SER D 397 0.23 -37.94 6.23
C SER D 397 0.66 -38.72 7.44
N ALA D 398 0.25 -39.99 7.46
CA ALA D 398 0.46 -40.83 8.59
C ALA D 398 1.95 -40.87 8.83
N TYR D 399 2.73 -40.98 7.77
CA TYR D 399 4.15 -41.05 8.06
C TYR D 399 4.64 -39.75 8.73
N TRP D 400 4.12 -38.62 8.23
CA TRP D 400 4.46 -37.32 8.82
C TRP D 400 4.22 -37.28 10.35
N PHE D 401 3.02 -37.62 10.83
CA PHE D 401 2.80 -37.62 12.27
C PHE D 401 3.53 -38.76 12.97
N ALA D 402 3.60 -39.93 12.33
CA ALA D 402 4.28 -41.05 12.97
C ALA D 402 5.70 -40.62 13.28
N TYR D 403 6.28 -39.86 12.35
CA TYR D 403 7.68 -39.54 12.52
C TYR D 403 7.89 -38.70 13.80
N PHE D 404 7.11 -37.63 13.95
CA PHE D 404 7.26 -36.71 15.07
C PHE D 404 6.66 -37.24 16.36
N LEU D 405 5.55 -37.95 16.25
CA LEU D 405 4.83 -38.41 17.44
C LEU D 405 5.27 -39.78 17.97
N ILE D 406 5.67 -40.68 17.07
CA ILE D 406 5.96 -42.04 17.43
C ILE D 406 7.46 -42.38 17.22
N ILE D 407 7.96 -42.20 16.01
CA ILE D 407 9.31 -42.68 15.72
C ILE D 407 10.34 -41.97 16.60
N LEU D 408 10.33 -40.64 16.59
CA LEU D 408 11.34 -39.86 17.30
C LEU D 408 11.42 -40.16 18.81
N PRO D 409 10.26 -40.21 19.50
CA PRO D 409 10.31 -40.57 20.93
C PRO D 409 10.88 -41.99 21.15
N LEU D 410 10.37 -43.01 20.44
CA LEU D 410 10.91 -44.37 20.59
C LEU D 410 12.42 -44.37 20.45
N LEU D 411 12.94 -43.74 19.41
CA LEU D 411 14.38 -43.79 19.21
C LEU D 411 15.16 -43.31 20.43
N GLY D 412 14.70 -42.24 21.06
CA GLY D 412 15.36 -41.75 22.26
C GLY D 412 15.69 -42.92 23.17
N ILE D 413 14.76 -43.85 23.25
CA ILE D 413 14.82 -45.02 24.11
C ILE D 413 15.68 -46.14 23.56
N ILE D 414 15.52 -46.46 22.28
CA ILE D 414 16.18 -47.62 21.68
C ILE D 414 17.56 -47.43 21.04
N GLU D 415 17.86 -46.24 20.52
CA GLU D 415 18.99 -46.11 19.58
C GLU D 415 20.40 -46.04 20.21
N LYS D 416 21.39 -46.49 19.44
CA LYS D 416 22.78 -46.49 19.89
C LYS D 416 23.70 -45.57 19.08
N PRO D 417 24.01 -44.39 19.64
CA PRO D 417 24.91 -43.45 19.01
C PRO D 417 26.14 -44.14 18.44
N ASP D 418 26.52 -43.80 17.23
CA ASP D 418 27.82 -44.19 16.78
C ASP D 418 28.78 -43.40 17.62
N ALA D 419 30.07 -43.45 17.29
CA ALA D 419 31.11 -42.82 18.09
C ALA D 419 31.34 -41.43 17.52
N MET D 420 31.30 -40.42 18.38
CA MET D 420 31.45 -39.01 17.99
C MET D 420 32.87 -38.58 18.16
N PRO D 421 33.29 -37.56 17.39
CA PRO D 421 34.59 -36.93 17.65
C PRO D 421 34.53 -36.22 18.99
N GLN D 422 35.68 -36.07 19.62
CA GLN D 422 35.80 -35.37 20.91
C GLN D 422 35.43 -33.90 20.73
N THR D 423 35.93 -33.32 19.64
CA THR D 423 35.83 -31.90 19.39
C THR D 423 35.72 -31.54 17.90
N ILE D 424 35.39 -30.29 17.61
CA ILE D 424 35.29 -29.86 16.25
C ILE D 424 36.66 -29.85 15.56
N GLU D 425 37.67 -29.43 16.30
CA GLU D 425 39.00 -29.40 15.73
C GLU D 425 39.35 -30.80 15.26
N GLU D 426 38.91 -31.79 16.03
CA GLU D 426 39.10 -33.18 15.64
C GLU D 426 38.34 -33.48 14.34
N ASP D 427 37.02 -33.41 14.38
CA ASP D 427 36.27 -33.53 13.14
C ASP D 427 36.98 -32.80 11.99
N PHE D 428 37.32 -31.53 12.16
CA PHE D 428 37.89 -30.78 11.05
C PHE D 428 39.08 -31.51 10.41
N ASN D 429 39.97 -32.05 11.24
CA ASN D 429 41.21 -32.65 10.73
C ASN D 429 41.06 -33.80 9.72
N ALA D 430 40.01 -34.62 9.86
CA ALA D 430 39.57 -35.40 8.69
C ALA D 430 38.69 -34.56 7.71
N ASP E 30 3.41 -30.67 -31.72
CA ASP E 30 4.58 -29.94 -31.11
C ASP E 30 5.44 -29.15 -32.12
N ILE E 31 4.80 -28.45 -33.06
CA ILE E 31 5.48 -27.51 -33.96
C ILE E 31 6.62 -26.72 -33.29
N SER E 32 7.30 -25.87 -34.06
CA SER E 32 8.37 -25.04 -33.48
C SER E 32 8.35 -23.60 -34.03
N PHE E 33 9.00 -22.69 -33.27
CA PHE E 33 8.92 -21.26 -33.51
C PHE E 33 10.32 -20.68 -33.32
N SER E 34 10.66 -19.63 -34.05
CA SER E 34 11.95 -18.99 -33.86
C SER E 34 12.17 -18.53 -32.40
N PHE E 35 11.09 -18.34 -31.65
CA PHE E 35 11.24 -17.77 -30.32
C PHE E 35 11.57 -18.77 -29.19
N GLU E 36 11.11 -20.02 -29.23
CA GLU E 36 11.46 -20.95 -28.14
C GLU E 36 13.01 -21.07 -27.99
N GLY E 37 13.46 -21.55 -26.82
CA GLY E 37 14.89 -21.65 -26.52
C GLY E 37 15.51 -20.33 -26.09
N PRO E 38 16.67 -20.38 -25.43
CA PRO E 38 17.42 -19.25 -24.88
C PRO E 38 17.91 -18.24 -25.92
N PHE E 39 18.16 -18.70 -27.13
CA PHE E 39 18.65 -17.83 -28.20
C PHE E 39 17.58 -17.55 -29.22
N GLY E 40 16.34 -17.87 -28.88
CA GLY E 40 15.23 -17.64 -29.79
C GLY E 40 14.83 -16.17 -29.83
N LYS E 41 14.55 -15.66 -31.02
CA LYS E 41 14.02 -14.33 -31.18
C LYS E 41 12.73 -14.45 -31.96
N PHE E 42 11.90 -13.42 -31.96
CA PHE E 42 10.69 -13.47 -32.75
C PHE E 42 11.12 -13.29 -34.17
N ASP E 43 10.25 -13.63 -35.11
CA ASP E 43 10.43 -13.26 -36.51
C ASP E 43 9.51 -12.10 -36.82
N GLN E 44 10.10 -10.96 -37.06
CA GLN E 44 9.28 -9.78 -37.28
C GLN E 44 8.19 -9.98 -38.35
N HIS E 45 8.54 -10.62 -39.47
CA HIS E 45 7.55 -10.81 -40.52
C HIS E 45 6.42 -11.74 -40.09
N GLN E 46 6.76 -12.84 -39.42
CA GLN E 46 5.75 -13.76 -38.94
C GLN E 46 4.80 -13.01 -38.05
N LEU E 47 5.37 -12.23 -37.14
CA LEU E 47 4.55 -11.39 -36.28
C LEU E 47 3.58 -10.48 -37.07
N GLN E 48 4.00 -10.03 -38.25
CA GLN E 48 3.17 -9.12 -39.05
C GLN E 48 2.06 -9.94 -39.68
N ARG E 49 2.44 -11.11 -40.16
CA ARG E 49 1.50 -12.05 -40.69
C ARG E 49 0.47 -12.41 -39.61
N GLY E 50 0.94 -12.70 -38.41
CA GLY E 50 0.06 -12.99 -37.28
C GLY E 50 -0.86 -11.84 -36.87
N LEU E 51 -0.37 -10.62 -36.89
CA LEU E 51 -1.19 -9.48 -36.58
C LEU E 51 -2.26 -9.31 -37.67
N GLN E 52 -1.87 -9.53 -38.92
CA GLN E 52 -2.84 -9.46 -40.02
C GLN E 52 -3.92 -10.51 -39.85
N VAL E 53 -3.51 -11.73 -39.51
CA VAL E 53 -4.45 -12.79 -39.23
C VAL E 53 -5.34 -12.30 -38.10
N TYR E 54 -4.74 -11.79 -37.03
CA TYR E 54 -5.57 -11.27 -35.93
C TYR E 54 -6.62 -10.28 -36.42
N THR E 55 -6.12 -9.19 -37.00
CA THR E 55 -6.96 -8.07 -37.40
C THR E 55 -8.09 -8.54 -38.33
N GLU E 56 -7.81 -9.51 -39.18
CA GLU E 56 -8.78 -9.86 -40.21
C GLU E 56 -9.70 -11.01 -39.88
N VAL E 57 -9.28 -11.85 -38.94
CA VAL E 57 -10.09 -12.99 -38.55
C VAL E 57 -10.52 -13.00 -37.07
N CYS E 58 -9.60 -12.78 -36.13
CA CYS E 58 -9.88 -13.03 -34.70
C CYS E 58 -10.56 -11.86 -33.95
N SER E 59 -10.20 -10.64 -34.33
CA SER E 59 -10.72 -9.43 -33.72
C SER E 59 -12.24 -9.31 -33.80
N ALA E 60 -12.88 -10.06 -34.71
CA ALA E 60 -14.35 -10.03 -34.76
C ALA E 60 -14.86 -10.57 -33.44
N CYS E 61 -14.19 -11.62 -32.95
CA CYS E 61 -14.65 -12.36 -31.77
C CYS E 61 -13.72 -12.21 -30.55
N HIS E 62 -12.55 -11.58 -30.71
CA HIS E 62 -11.56 -11.56 -29.62
C HIS E 62 -10.84 -10.24 -29.43
N GLY E 63 -10.79 -9.72 -28.20
CA GLY E 63 -10.08 -8.46 -28.00
C GLY E 63 -8.64 -8.64 -27.55
N LEU E 64 -7.91 -7.55 -27.44
CA LEU E 64 -6.60 -7.60 -26.80
C LEU E 64 -6.44 -6.38 -25.90
N ARG E 65 -7.31 -6.27 -24.90
CA ARG E 65 -7.32 -5.13 -23.96
C ARG E 65 -5.99 -4.71 -23.32
N TYR E 66 -5.05 -5.64 -23.09
CA TYR E 66 -3.79 -5.26 -22.45
C TYR E 66 -2.71 -4.94 -23.45
N VAL E 67 -3.05 -4.86 -24.72
CA VAL E 67 -2.02 -4.54 -25.72
C VAL E 67 -2.31 -3.12 -26.18
N PRO E 68 -1.39 -2.21 -25.87
CA PRO E 68 -1.65 -0.86 -26.35
C PRO E 68 -1.10 -0.74 -27.77
N LEU E 69 -1.89 -0.16 -28.67
CA LEU E 69 -1.54 -0.08 -30.08
C LEU E 69 -0.16 0.44 -30.36
N ARG E 70 0.31 1.37 -29.54
CA ARG E 70 1.62 2.00 -29.80
C ARG E 70 2.76 0.96 -29.76
N THR E 71 2.60 -0.10 -28.97
CA THR E 71 3.64 -1.10 -28.87
C THR E 71 3.80 -1.95 -30.15
N LEU E 72 2.85 -1.85 -31.08
CA LEU E 72 3.01 -2.47 -32.38
C LEU E 72 4.25 -1.92 -33.07
N ALA E 73 4.78 -0.82 -32.55
CA ALA E 73 5.99 -0.18 -33.08
C ALA E 73 7.29 -0.45 -32.33
N ASP E 74 7.29 -1.30 -31.31
CA ASP E 74 8.49 -1.41 -30.50
C ASP E 74 9.45 -2.46 -31.00
N GLU E 75 10.69 -2.29 -30.61
CA GLU E 75 11.66 -3.34 -30.76
C GLU E 75 11.13 -4.57 -30.05
N GLY E 76 11.39 -5.72 -30.63
CA GLY E 76 11.04 -6.97 -30.01
C GLY E 76 9.71 -7.45 -30.52
N GLY E 77 9.12 -6.73 -31.46
CA GLY E 77 7.78 -7.05 -31.95
C GLY E 77 7.65 -6.94 -33.44
N PRO E 78 6.41 -6.93 -33.96
CA PRO E 78 6.09 -6.65 -35.36
C PRO E 78 6.82 -5.41 -35.86
N GLN E 79 6.86 -4.37 -35.03
CA GLN E 79 7.70 -3.24 -35.31
C GLN E 79 7.35 -2.53 -36.60
N LEU E 80 6.06 -2.28 -36.81
CA LEU E 80 5.64 -1.44 -37.92
C LEU E 80 6.25 -0.06 -37.73
N PRO E 81 6.23 0.76 -38.79
CA PRO E 81 6.64 2.16 -38.60
C PRO E 81 5.53 2.99 -37.92
N GLU E 82 5.89 4.15 -37.37
CA GLU E 82 4.91 5.03 -36.72
C GLU E 82 3.65 5.23 -37.56
N ASP E 83 3.82 5.88 -38.71
CA ASP E 83 2.69 6.21 -39.60
C ASP E 83 1.70 5.06 -39.77
N GLN E 84 2.22 3.83 -39.91
CA GLN E 84 1.38 2.65 -40.09
C GLN E 84 0.66 2.22 -38.82
N VAL E 85 1.32 2.38 -37.67
CA VAL E 85 0.71 2.05 -36.40
C VAL E 85 -0.47 2.99 -36.26
N ARG E 86 -0.20 4.27 -36.49
CA ARG E 86 -1.24 5.29 -36.47
C ARG E 86 -2.35 5.01 -37.50
N ALA E 87 -1.93 4.70 -38.73
CA ALA E 87 -2.90 4.34 -39.76
C ALA E 87 -3.70 3.08 -39.34
N TYR E 88 -3.01 2.09 -38.80
CA TYR E 88 -3.66 0.92 -38.22
C TYR E 88 -4.64 1.23 -37.08
N ALA E 89 -4.18 1.93 -36.05
CA ALA E 89 -5.04 2.33 -34.93
C ALA E 89 -6.32 2.96 -35.44
N ALA E 90 -6.26 3.50 -36.66
CA ALA E 90 -7.33 4.32 -37.21
C ALA E 90 -8.61 3.55 -37.54
N ASN E 91 -8.45 2.28 -37.89
CA ASN E 91 -9.56 1.43 -38.25
C ASN E 91 -10.40 1.06 -37.05
N PHE E 92 -9.99 1.50 -35.87
CA PHE E 92 -10.73 1.16 -34.68
C PHE E 92 -11.43 2.35 -34.09
N ASP E 93 -12.58 2.11 -33.48
CA ASP E 93 -13.35 3.17 -32.88
C ASP E 93 -13.22 3.05 -31.38
N ILE E 94 -13.41 4.17 -30.70
CA ILE E 94 -13.52 4.14 -29.26
C ILE E 94 -14.35 5.32 -28.78
N THR E 95 -15.17 5.06 -27.77
CA THR E 95 -15.95 6.07 -27.10
C THR E 95 -15.03 6.86 -26.22
N ASP E 96 -14.81 8.13 -26.54
CA ASP E 96 -13.89 8.95 -25.75
C ASP E 96 -14.37 9.14 -24.30
N PRO E 97 -13.57 8.68 -23.33
CA PRO E 97 -14.00 8.69 -21.93
C PRO E 97 -14.39 10.11 -21.47
N GLU E 98 -13.47 11.06 -21.66
CA GLU E 98 -13.68 12.45 -21.25
C GLU E 98 -14.63 13.23 -22.17
N THR E 99 -14.88 12.69 -23.36
CA THR E 99 -15.81 13.29 -24.32
C THR E 99 -17.17 12.60 -24.25
N GLU E 100 -17.35 11.60 -25.11
CA GLU E 100 -18.62 10.89 -25.22
C GLU E 100 -18.90 10.77 -26.70
N GLU E 101 -17.97 11.34 -27.48
CA GLU E 101 -17.99 11.21 -28.92
C GLU E 101 -17.14 10.00 -29.28
N ASP E 102 -17.48 9.33 -30.37
CA ASP E 102 -16.60 8.31 -30.90
C ASP E 102 -15.35 8.98 -31.39
N ARG E 103 -14.46 8.18 -31.98
CA ARG E 103 -13.28 8.70 -32.68
C ARG E 103 -12.40 7.57 -33.11
N PRO E 104 -11.74 7.73 -34.26
CA PRO E 104 -10.82 6.65 -34.60
C PRO E 104 -9.76 6.55 -33.48
N ARG E 105 -9.12 5.38 -33.35
CA ARG E 105 -8.14 5.19 -32.28
C ARG E 105 -6.79 5.79 -32.60
N VAL E 106 -6.07 6.18 -31.57
CA VAL E 106 -4.69 6.59 -31.70
C VAL E 106 -3.85 5.57 -30.95
N PRO E 107 -2.57 5.47 -31.30
CA PRO E 107 -1.61 4.55 -30.70
C PRO E 107 -1.60 4.46 -29.16
N THR E 108 -2.03 5.48 -28.44
CA THR E 108 -1.99 5.30 -27.00
C THR E 108 -3.17 4.52 -26.43
N ASP E 109 -4.24 4.37 -27.20
CA ASP E 109 -5.33 3.48 -26.80
C ASP E 109 -4.87 2.03 -26.82
N HIS E 110 -5.58 1.15 -26.10
CA HIS E 110 -5.38 -0.29 -26.24
C HIS E 110 -6.26 -0.80 -27.36
N PHE E 111 -5.98 -1.99 -27.84
CA PHE E 111 -6.86 -2.62 -28.80
C PHE E 111 -8.22 -2.67 -28.16
N PRO E 112 -9.27 -2.91 -28.94
CA PRO E 112 -10.59 -2.95 -28.36
C PRO E 112 -10.74 -4.15 -27.44
N THR E 113 -11.64 -4.02 -26.47
CA THR E 113 -12.09 -5.10 -25.61
C THR E 113 -13.35 -5.64 -26.27
N VAL E 114 -13.41 -6.95 -26.55
CA VAL E 114 -14.60 -7.48 -27.19
C VAL E 114 -15.31 -8.34 -26.18
N SER E 115 -16.63 -8.31 -26.17
CA SER E 115 -17.34 -9.31 -25.39
C SER E 115 -18.85 -9.20 -25.56
N GLY E 116 -19.56 -10.24 -25.14
CA GLY E 116 -20.99 -10.31 -25.35
C GLY E 116 -21.39 -11.73 -25.68
N GLU E 117 -22.55 -11.88 -26.32
CA GLU E 117 -23.01 -13.20 -26.66
C GLU E 117 -22.13 -13.68 -27.81
N GLY E 118 -21.59 -14.89 -27.70
CA GLY E 118 -20.86 -15.51 -28.80
C GLY E 118 -19.45 -15.01 -28.97
N MET E 119 -18.94 -14.23 -28.01
CA MET E 119 -17.59 -13.70 -28.11
C MET E 119 -16.61 -14.58 -27.34
N GLY E 120 -15.32 -14.45 -27.64
CA GLY E 120 -14.32 -15.34 -27.06
C GLY E 120 -13.56 -14.68 -25.93
N PRO E 121 -12.79 -15.45 -25.18
CA PRO E 121 -11.96 -14.89 -24.11
C PRO E 121 -10.94 -13.92 -24.67
N ASP E 122 -10.59 -12.88 -23.91
CA ASP E 122 -9.58 -11.96 -24.39
C ASP E 122 -8.34 -12.74 -24.77
N LEU E 123 -7.59 -12.26 -25.75
CA LEU E 123 -6.45 -13.02 -26.23
C LEU E 123 -5.09 -12.48 -25.80
N SER E 124 -5.03 -11.25 -25.31
CA SER E 124 -3.74 -10.63 -24.92
C SER E 124 -2.76 -11.59 -24.21
N LEU E 125 -3.27 -12.39 -23.27
CA LEU E 125 -2.43 -13.29 -22.44
C LEU E 125 -2.56 -14.82 -22.72
N MET E 126 -3.44 -15.21 -23.66
CA MET E 126 -3.71 -16.63 -23.97
C MET E 126 -2.45 -17.50 -24.06
N ALA E 127 -1.49 -17.03 -24.85
CA ALA E 127 -0.30 -17.82 -25.12
C ALA E 127 0.50 -18.10 -23.85
N LYS E 128 0.29 -17.33 -22.78
CA LYS E 128 0.87 -17.67 -21.45
C LYS E 128 -0.15 -18.33 -20.50
N ALA E 129 -1.43 -18.05 -20.70
CA ALA E 129 -2.49 -18.66 -19.88
C ALA E 129 -2.77 -20.14 -20.17
N ARG E 130 -2.05 -20.75 -21.11
CA ARG E 130 -2.38 -22.10 -21.52
C ARG E 130 -1.20 -23.07 -21.51
N ILE E 148 5.77 -24.30 -21.41
CA ILE E 148 4.36 -24.50 -21.06
C ILE E 148 3.50 -24.88 -22.28
N GLY E 149 4.06 -24.69 -23.48
CA GLY E 149 3.38 -24.97 -24.75
C GLY E 149 2.13 -24.11 -24.98
N GLY E 150 2.25 -22.82 -24.77
CA GLY E 150 1.18 -21.89 -25.03
C GLY E 150 0.90 -21.70 -26.52
N PRO E 151 1.88 -21.22 -27.27
CA PRO E 151 1.54 -21.02 -28.68
C PRO E 151 1.22 -22.34 -29.39
N GLU E 152 1.79 -23.45 -28.94
CA GLU E 152 1.43 -24.78 -29.46
C GLU E 152 -0.04 -25.03 -29.26
N TYR E 153 -0.51 -24.87 -28.03
CA TYR E 153 -1.92 -24.99 -27.78
C TYR E 153 -2.77 -24.14 -28.76
N ILE E 154 -2.45 -22.85 -28.91
CA ILE E 154 -3.25 -22.04 -29.81
C ILE E 154 -3.27 -22.70 -31.19
N HIS E 155 -2.10 -23.10 -31.65
CA HIS E 155 -1.96 -23.71 -32.95
C HIS E 155 -2.70 -25.05 -32.99
N ALA E 156 -2.35 -25.92 -32.05
CA ALA E 156 -3.00 -27.21 -31.98
C ALA E 156 -4.53 -27.06 -32.00
N VAL E 157 -5.05 -25.92 -31.55
CA VAL E 157 -6.50 -25.76 -31.45
C VAL E 157 -7.13 -25.24 -32.71
N LEU E 158 -6.39 -24.39 -33.42
CA LEU E 158 -6.92 -23.78 -34.65
C LEU E 158 -6.87 -24.86 -35.72
N THR E 159 -6.10 -25.88 -35.42
CA THR E 159 -5.62 -26.82 -36.41
C THR E 159 -6.17 -28.22 -36.11
N GLY E 160 -7.16 -28.27 -35.23
CA GLY E 160 -7.62 -29.55 -34.71
C GLY E 160 -9.11 -29.76 -34.86
N TYR E 161 -9.75 -28.98 -35.72
CA TYR E 161 -11.16 -29.20 -36.04
C TYR E 161 -11.32 -30.35 -37.05
N ASP E 162 -12.19 -31.30 -36.72
CA ASP E 162 -12.37 -32.54 -37.50
C ASP E 162 -13.65 -32.58 -38.33
N GLY E 163 -14.50 -31.55 -38.21
CA GLY E 163 -15.75 -31.51 -38.96
C GLY E 163 -16.99 -31.55 -38.08
N GLU E 164 -17.02 -32.48 -37.13
CA GLU E 164 -18.23 -32.75 -36.33
C GLU E 164 -18.86 -31.54 -35.63
N GLU E 165 -20.11 -31.70 -35.20
CA GLU E 165 -20.89 -30.62 -34.58
C GLU E 165 -21.92 -31.22 -33.62
N LYS E 166 -22.43 -30.44 -32.67
CA LYS E 166 -23.33 -30.97 -31.65
C LYS E 166 -24.42 -30.00 -31.23
N VAL E 172 -24.32 -25.69 -29.43
CA VAL E 172 -23.64 -25.70 -30.72
C VAL E 172 -22.14 -25.95 -30.58
N LEU E 173 -21.75 -27.18 -30.26
CA LEU E 173 -20.32 -27.46 -30.09
C LEU E 173 -19.63 -27.96 -31.38
N TYR E 174 -18.33 -28.26 -31.32
CA TYR E 174 -17.52 -28.66 -32.50
C TYR E 174 -16.30 -29.47 -32.09
N HIS E 175 -16.28 -30.78 -32.35
CA HIS E 175 -15.12 -31.60 -31.94
C HIS E 175 -13.79 -30.93 -32.32
N ASN E 176 -12.87 -30.90 -31.35
CA ASN E 176 -11.54 -30.34 -31.58
C ASN E 176 -10.50 -31.20 -30.90
N ALA E 177 -9.44 -31.51 -31.64
CA ALA E 177 -8.37 -32.40 -31.17
C ALA E 177 -7.80 -31.93 -29.83
N ALA E 178 -7.67 -30.61 -29.68
CA ALA E 178 -6.78 -30.09 -28.67
C ALA E 178 -7.48 -29.39 -27.50
N PHE E 179 -8.73 -28.94 -27.69
CA PHE E 179 -9.47 -28.24 -26.65
C PHE E 179 -9.63 -29.05 -25.36
N ALA E 180 -10.40 -28.52 -24.41
CA ALA E 180 -10.62 -29.18 -23.12
C ALA E 180 -11.37 -30.50 -23.33
N GLY E 181 -10.87 -31.31 -24.27
CA GLY E 181 -11.53 -32.56 -24.65
C GLY E 181 -13.04 -32.44 -24.72
N ASN E 182 -13.58 -32.18 -25.89
CA ASN E 182 -12.82 -31.91 -27.08
C ASN E 182 -13.81 -31.11 -27.86
N TRP E 183 -14.76 -30.54 -27.15
CA TRP E 183 -15.79 -29.80 -27.82
C TRP E 183 -15.72 -28.34 -27.47
N ILE E 184 -15.42 -27.54 -28.48
CA ILE E 184 -15.24 -26.12 -28.31
C ILE E 184 -16.47 -25.46 -28.84
N GLN E 185 -16.78 -24.29 -28.33
CA GLN E 185 -17.92 -23.54 -28.82
C GLN E 185 -17.46 -22.64 -29.95
N MET E 186 -16.23 -22.81 -30.42
CA MET E 186 -15.72 -21.94 -31.52
C MET E 186 -15.68 -22.62 -32.92
N ALA E 187 -16.65 -22.28 -33.76
CA ALA E 187 -16.61 -22.70 -35.14
C ALA E 187 -15.17 -22.49 -35.62
N ALA E 188 -14.58 -23.52 -36.23
CA ALA E 188 -13.32 -23.35 -36.94
C ALA E 188 -13.32 -21.98 -37.60
N PRO E 189 -12.38 -21.11 -37.19
CA PRO E 189 -12.23 -19.74 -37.69
C PRO E 189 -11.46 -19.61 -38.99
N LEU E 190 -10.57 -20.57 -39.27
CA LEU E 190 -9.69 -20.44 -40.44
C LEU E 190 -10.01 -21.35 -41.64
N SER E 191 -10.04 -20.78 -42.83
CA SER E 191 -9.90 -21.57 -44.06
C SER E 191 -8.94 -20.91 -45.10
N ASP E 192 -8.43 -21.71 -46.04
CA ASP E 192 -7.25 -21.28 -46.82
C ASP E 192 -7.45 -20.07 -47.71
N ASP E 193 -6.36 -19.32 -47.87
CA ASP E 193 -6.41 -18.07 -48.61
C ASP E 193 -7.46 -17.18 -47.99
N GLN E 194 -7.74 -17.42 -46.72
CA GLN E 194 -8.67 -16.56 -46.05
C GLN E 194 -8.03 -15.21 -45.80
N VAL E 195 -6.75 -15.10 -46.15
CA VAL E 195 -5.97 -13.90 -45.89
C VAL E 195 -4.91 -13.84 -46.99
N THR E 196 -4.60 -12.64 -47.47
CA THR E 196 -3.53 -12.49 -48.46
C THR E 196 -2.36 -11.76 -47.83
N TYR E 197 -1.26 -12.47 -47.58
CA TYR E 197 -0.07 -11.81 -46.99
C TYR E 197 0.68 -10.99 -48.02
N GLU E 198 0.96 -9.73 -47.68
CA GLU E 198 1.68 -8.85 -48.59
C GLU E 198 3.07 -9.36 -48.87
N ASP E 199 3.47 -10.43 -48.20
CA ASP E 199 4.84 -10.95 -48.33
C ASP E 199 4.88 -12.30 -49.07
N GLY E 200 3.71 -12.75 -49.55
CA GLY E 200 3.63 -13.94 -50.40
C GLY E 200 3.65 -15.32 -49.76
N THR E 201 3.55 -15.41 -48.44
CA THR E 201 3.51 -16.72 -47.78
C THR E 201 2.18 -17.41 -48.09
N PRO E 202 2.25 -18.69 -48.49
CA PRO E 202 1.00 -19.39 -48.71
C PRO E 202 0.09 -19.26 -47.50
N ALA E 203 -1.09 -18.70 -47.71
CA ALA E 203 -2.06 -18.56 -46.62
C ALA E 203 -2.81 -19.88 -46.33
N THR E 204 -2.04 -20.94 -46.11
CA THR E 204 -2.67 -22.19 -45.72
C THR E 204 -3.13 -22.03 -44.25
N VAL E 205 -4.22 -22.70 -43.91
CA VAL E 205 -4.66 -22.75 -42.54
C VAL E 205 -3.49 -22.95 -41.56
N ASP E 206 -2.68 -23.98 -41.81
CA ASP E 206 -1.56 -24.28 -40.93
C ASP E 206 -0.68 -23.05 -40.75
N GLN E 207 -0.23 -22.47 -41.86
CA GLN E 207 0.49 -21.21 -41.83
C GLN E 207 -0.17 -20.22 -40.89
N MET E 208 -1.41 -19.83 -41.22
CA MET E 208 -2.12 -18.79 -40.46
C MET E 208 -2.22 -19.16 -38.98
N ALA E 209 -2.36 -20.43 -38.68
CA ALA E 209 -2.53 -20.80 -37.28
C ALA E 209 -1.21 -20.49 -36.62
N THR E 210 -0.14 -20.84 -37.31
CA THR E 210 1.20 -20.66 -36.81
C THR E 210 1.54 -19.17 -36.63
N ASP E 211 1.11 -18.31 -37.55
CA ASP E 211 1.50 -16.92 -37.49
C ASP E 211 0.78 -16.22 -36.34
N VAL E 212 -0.54 -16.33 -36.31
CA VAL E 212 -1.24 -15.69 -35.22
C VAL E 212 -0.76 -16.26 -33.85
N ALA E 213 -0.29 -17.50 -33.86
CA ALA E 213 0.22 -18.09 -32.62
C ALA E 213 1.49 -17.35 -32.13
N ALA E 214 2.49 -17.24 -32.98
CA ALA E 214 3.59 -16.31 -32.71
C ALA E 214 3.06 -14.92 -32.30
N PHE E 215 2.21 -14.29 -33.11
CA PHE E 215 1.73 -12.95 -32.77
C PHE E 215 1.22 -12.94 -31.33
N LEU E 216 0.39 -13.93 -31.01
CA LEU E 216 -0.14 -14.02 -29.68
C LEU E 216 0.92 -14.32 -28.61
N MET E 217 2.05 -14.92 -29.00
CA MET E 217 3.11 -15.11 -28.02
C MET E 217 3.67 -13.73 -27.67
N TRP E 218 3.73 -12.87 -28.66
CA TRP E 218 4.29 -11.57 -28.45
C TRP E 218 3.33 -10.71 -27.66
N THR E 219 2.03 -10.84 -27.87
CA THR E 219 1.09 -10.00 -27.10
C THR E 219 1.11 -10.43 -25.63
N ALA E 220 1.50 -11.67 -25.38
CA ALA E 220 1.53 -12.14 -24.03
C ALA E 220 2.83 -11.69 -23.34
N GLU E 221 3.97 -11.86 -24.05
CA GLU E 221 5.30 -11.44 -23.61
C GLU E 221 5.94 -10.44 -24.56
N PRO E 222 5.46 -9.20 -24.56
CA PRO E 222 6.09 -8.36 -25.56
C PRO E 222 7.56 -8.13 -25.26
N LYS E 223 8.01 -8.55 -24.07
CA LYS E 223 9.34 -8.22 -23.60
C LYS E 223 10.18 -9.46 -23.51
N MET E 224 9.76 -10.49 -24.22
CA MET E 224 10.52 -11.72 -24.24
C MET E 224 12.00 -11.48 -24.54
N MET E 225 12.27 -10.63 -25.50
CA MET E 225 13.63 -10.48 -25.94
C MET E 225 14.52 -9.67 -25.02
N ASP E 226 13.98 -8.62 -24.41
CA ASP E 226 14.72 -7.89 -23.37
C ASP E 226 15.03 -8.87 -22.24
N ARG E 227 14.06 -9.70 -21.91
CA ARG E 227 14.18 -10.65 -20.79
C ARG E 227 15.26 -11.71 -21.03
N LYS E 228 15.20 -12.39 -22.18
CA LYS E 228 16.27 -13.27 -22.62
C LYS E 228 17.62 -12.57 -22.55
N GLN E 229 17.70 -11.39 -23.17
CA GLN E 229 18.96 -10.67 -23.21
C GLN E 229 19.49 -10.21 -21.86
N VAL E 230 18.60 -9.74 -21.00
CA VAL E 230 19.02 -9.40 -19.66
C VAL E 230 19.40 -10.70 -18.98
N GLY E 231 18.67 -11.76 -19.30
CA GLY E 231 18.96 -13.10 -18.77
C GLY E 231 20.37 -13.50 -19.07
N PHE E 232 20.74 -13.33 -20.34
CA PHE E 232 22.07 -13.71 -20.77
C PHE E 232 23.16 -12.98 -19.99
N VAL E 233 23.01 -11.66 -19.87
CA VAL E 233 24.00 -10.82 -19.20
C VAL E 233 24.11 -11.10 -17.70
N SER E 234 23.02 -11.48 -17.03
CA SER E 234 23.06 -11.73 -15.57
C SER E 234 23.71 -13.06 -15.20
N VAL E 235 23.35 -14.09 -15.96
CA VAL E 235 23.91 -15.41 -15.77
C VAL E 235 25.40 -15.36 -16.05
N ILE E 236 25.80 -14.84 -17.20
CA ILE E 236 27.20 -14.73 -17.45
C ILE E 236 27.90 -13.93 -16.36
N PHE E 237 27.31 -12.80 -15.95
CA PHE E 237 27.90 -11.96 -14.90
C PHE E 237 28.02 -12.70 -13.58
N LEU E 238 26.99 -13.46 -13.26
CA LEU E 238 27.00 -14.15 -12.02
C LEU E 238 28.02 -15.29 -12.05
N ILE E 239 28.11 -15.98 -13.19
CA ILE E 239 29.08 -17.05 -13.33
C ILE E 239 30.47 -16.47 -13.10
N VAL E 240 30.79 -15.36 -13.76
CA VAL E 240 32.04 -14.70 -13.49
C VAL E 240 32.20 -14.32 -12.01
N LEU E 241 31.18 -13.68 -11.43
CA LEU E 241 31.20 -13.35 -9.97
C LEU E 241 31.42 -14.58 -9.09
N ALA E 242 30.65 -15.63 -9.36
CA ALA E 242 30.78 -16.89 -8.64
C ALA E 242 32.22 -17.37 -8.65
N ALA E 243 32.87 -17.21 -9.80
CA ALA E 243 34.23 -17.71 -9.97
C ALA E 243 35.24 -16.91 -9.12
N LEU E 244 35.14 -15.58 -9.14
CA LEU E 244 36.07 -14.74 -8.39
C LEU E 244 35.86 -14.98 -6.90
N LEU E 245 34.60 -15.12 -6.49
CA LEU E 245 34.32 -15.38 -5.10
C LEU E 245 34.90 -16.73 -4.66
N TYR E 246 34.75 -17.74 -5.53
CA TYR E 246 35.36 -19.05 -5.33
C TYR E 246 36.85 -18.97 -5.12
N LEU E 247 37.55 -18.27 -6.02
CA LEU E 247 39.00 -18.16 -5.91
C LEU E 247 39.39 -17.42 -4.64
N THR E 248 38.72 -16.31 -4.38
CA THR E 248 38.86 -15.61 -3.11
C THR E 248 38.58 -16.54 -1.92
N ASN E 249 37.53 -17.33 -2.00
CA ASN E 249 37.26 -18.16 -0.85
C ASN E 249 38.38 -19.18 -0.66
N LYS E 250 38.89 -19.66 -1.80
CA LYS E 250 39.91 -20.66 -1.74
C LYS E 250 41.19 -20.08 -1.11
N LYS E 251 41.59 -18.91 -1.58
CA LYS E 251 42.81 -18.28 -1.11
C LYS E 251 42.73 -18.00 0.39
N LEU E 252 41.51 -17.78 0.86
CA LEU E 252 41.22 -17.50 2.24
C LEU E 252 41.25 -18.75 3.09
N TRP E 253 40.73 -19.85 2.57
CA TRP E 253 40.66 -21.10 3.34
C TRP E 253 41.85 -22.08 3.17
N GLN E 254 42.74 -21.86 2.20
CA GLN E 254 43.92 -22.74 2.06
C GLN E 254 44.76 -22.82 3.35
N PRO E 255 45.16 -21.66 3.91
CA PRO E 255 46.00 -21.70 5.10
C PRO E 255 45.33 -22.43 6.24
N ILE E 256 44.01 -22.49 6.25
CA ILE E 256 43.31 -23.14 7.36
C ILE E 256 43.22 -24.66 7.20
N LYS E 257 43.20 -25.14 5.97
CA LYS E 257 42.87 -26.54 5.72
C LYS E 257 44.05 -27.53 5.77
N ASP F 17 45.11 -10.39 -4.76
CA ASP F 17 45.08 -8.90 -4.60
C ASP F 17 45.00 -8.13 -5.93
N PHE F 18 44.85 -8.87 -7.03
CA PHE F 18 44.20 -8.35 -8.21
C PHE F 18 42.85 -9.05 -8.21
N LEU F 19 42.87 -10.29 -7.74
CA LEU F 19 41.68 -11.01 -7.38
C LEU F 19 40.77 -10.13 -6.54
N TYR F 20 41.41 -9.36 -5.67
CA TYR F 20 40.70 -8.53 -4.73
C TYR F 20 39.93 -7.40 -5.43
N TYR F 21 40.53 -6.84 -6.48
CA TYR F 21 39.89 -5.75 -7.22
C TYR F 21 38.77 -6.24 -8.13
N ALA F 22 39.01 -7.34 -8.83
CA ALA F 22 37.99 -7.87 -9.71
C ALA F 22 36.76 -8.26 -8.88
N THR F 23 37.00 -8.88 -7.73
CA THR F 23 35.92 -9.32 -6.89
C THR F 23 35.17 -8.12 -6.28
N ALA F 24 35.89 -7.18 -5.68
CA ALA F 24 35.21 -6.00 -5.11
C ALA F 24 34.53 -5.23 -6.24
N GLY F 25 35.22 -5.09 -7.37
CA GLY F 25 34.69 -4.38 -8.54
C GLY F 25 33.41 -5.03 -8.99
N ALA F 26 33.43 -6.36 -9.08
CA ALA F 26 32.25 -7.12 -9.52
C ALA F 26 31.10 -6.88 -8.56
N GLY F 27 31.37 -6.86 -7.27
CA GLY F 27 30.34 -6.57 -6.30
C GLY F 27 29.75 -5.21 -6.59
N THR F 28 30.62 -4.19 -6.58
CA THR F 28 30.23 -2.85 -6.96
C THR F 28 29.20 -3.00 -8.05
N VAL F 29 29.63 -3.52 -9.19
CA VAL F 29 28.77 -3.58 -10.36
C VAL F 29 27.41 -4.21 -10.03
N ALA F 30 27.45 -5.33 -9.33
CA ALA F 30 26.20 -5.99 -9.03
C ALA F 30 25.32 -5.03 -8.22
N ALA F 31 25.93 -4.36 -7.24
CA ALA F 31 25.21 -3.41 -6.41
C ALA F 31 24.63 -2.27 -7.28
N GLY F 32 25.40 -1.78 -8.26
CA GLY F 32 24.96 -0.61 -9.04
C GLY F 32 23.83 -0.95 -9.99
N ALA F 33 23.85 -2.18 -10.50
CA ALA F 33 22.89 -2.66 -11.44
C ALA F 33 21.61 -2.91 -10.69
N ALA F 34 21.75 -3.37 -9.45
CA ALA F 34 20.57 -3.58 -8.61
C ALA F 34 19.92 -2.25 -8.26
N ALA F 35 20.74 -1.31 -7.79
CA ALA F 35 20.31 0.03 -7.38
C ALA F 35 19.63 0.74 -8.56
N TRP F 36 20.24 0.60 -9.73
CA TRP F 36 19.68 1.23 -10.92
C TRP F 36 18.29 0.72 -11.33
N THR F 37 18.06 -0.58 -11.30
CA THR F 37 16.74 -1.11 -11.64
C THR F 37 15.75 -0.48 -10.69
N LEU F 38 16.13 -0.39 -9.43
CA LEU F 38 15.26 0.12 -8.40
C LEU F 38 15.01 1.60 -8.69
N VAL F 39 16.06 2.34 -9.03
CA VAL F 39 15.90 3.75 -9.33
C VAL F 39 15.13 3.94 -10.66
N ASN F 40 15.42 3.12 -11.66
CA ASN F 40 14.94 3.40 -13.00
C ASN F 40 13.45 3.07 -13.26
N GLN F 41 12.85 2.30 -12.37
CA GLN F 41 11.43 1.98 -12.55
C GLN F 41 10.53 3.21 -12.26
N MET F 42 11.13 4.29 -11.77
CA MET F 42 10.38 5.50 -11.34
C MET F 42 10.41 6.53 -12.43
N ASN F 43 11.29 6.33 -13.41
CA ASN F 43 11.33 7.18 -14.59
C ASN F 43 10.16 6.90 -15.46
N PRO F 44 9.77 7.90 -16.27
CA PRO F 44 8.49 7.75 -16.93
C PRO F 44 8.37 6.41 -17.61
N SER F 45 7.24 5.74 -17.43
CA SER F 45 7.01 4.44 -18.02
C SER F 45 6.57 4.65 -19.49
N ALA F 46 6.45 3.58 -20.28
CA ALA F 46 6.27 3.76 -21.74
C ALA F 46 4.97 4.42 -22.21
N ASP F 47 3.89 4.26 -21.45
CA ASP F 47 2.59 4.81 -21.85
C ASP F 47 2.54 6.29 -21.62
N VAL F 48 3.22 6.71 -20.59
CA VAL F 48 3.28 8.10 -20.24
C VAL F 48 4.13 8.95 -21.19
N GLN F 49 4.70 8.35 -22.22
CA GLN F 49 5.70 9.06 -23.00
C GLN F 49 5.15 9.62 -24.29
N ALA F 50 3.89 9.30 -24.59
CA ALA F 50 3.22 9.88 -25.77
C ALA F 50 2.76 11.28 -25.43
N LEU F 51 3.55 12.27 -25.87
CA LEU F 51 3.23 13.70 -25.77
C LEU F 51 2.79 14.21 -27.14
N ALA F 52 1.54 13.92 -27.48
CA ALA F 52 0.97 14.27 -28.79
C ALA F 52 0.56 15.74 -28.92
N SER F 53 0.49 16.20 -30.17
CA SER F 53 -0.05 17.51 -30.49
C SER F 53 -1.51 17.62 -30.01
N ILE F 54 -2.18 18.73 -30.34
CA ILE F 54 -3.64 18.88 -30.16
C ILE F 54 -4.07 20.16 -30.86
N GLN F 55 -5.39 20.36 -30.95
CA GLN F 55 -5.95 21.56 -31.57
C GLN F 55 -7.07 22.13 -30.71
N VAL F 56 -6.83 23.29 -30.13
CA VAL F 56 -7.92 23.97 -29.45
C VAL F 56 -8.61 24.89 -30.43
N ASP F 57 -9.93 24.75 -30.53
CA ASP F 57 -10.73 25.63 -31.34
C ASP F 57 -11.08 26.88 -30.54
N VAL F 58 -10.52 28.01 -30.94
CA VAL F 58 -10.69 29.26 -30.21
C VAL F 58 -11.86 30.09 -30.74
N SER F 59 -12.64 29.52 -31.65
CA SER F 59 -13.81 30.24 -32.19
C SER F 59 -14.69 30.83 -31.08
N GLY F 60 -14.65 30.21 -29.90
CA GLY F 60 -15.49 30.61 -28.78
C GLY F 60 -15.05 31.87 -28.03
N VAL F 61 -13.79 31.91 -27.61
CA VAL F 61 -13.28 32.99 -26.74
C VAL F 61 -13.47 34.46 -27.24
N GLU F 62 -14.33 35.20 -26.55
CA GLU F 62 -14.51 36.64 -26.79
C GLU F 62 -13.35 37.41 -26.17
N THR F 63 -13.50 38.73 -26.09
CA THR F 63 -12.45 39.63 -25.66
C THR F 63 -12.40 39.95 -24.16
N GLY F 64 -11.19 39.92 -23.60
CA GLY F 64 -10.98 40.12 -22.17
C GLY F 64 -11.36 38.84 -21.48
N THR F 65 -11.15 37.74 -22.20
CA THR F 65 -11.57 36.43 -21.75
C THR F 65 -10.41 35.48 -21.96
N GLN F 66 -10.30 34.48 -21.08
CA GLN F 66 -9.30 33.44 -21.26
C GLN F 66 -9.92 32.03 -21.17
N LEU F 67 -9.55 31.20 -22.12
CA LEU F 67 -10.01 29.84 -22.13
C LEU F 67 -8.84 29.11 -21.54
N THR F 68 -9.09 28.01 -20.87
CA THR F 68 -8.01 27.20 -20.30
C THR F 68 -8.25 25.75 -20.66
N VAL F 69 -7.29 25.15 -21.37
CA VAL F 69 -7.39 23.78 -21.87
C VAL F 69 -6.35 22.88 -21.22
N LYS F 70 -6.73 21.65 -20.88
CA LYS F 70 -5.69 20.73 -20.42
C LYS F 70 -4.79 20.24 -21.56
N TRP F 71 -3.50 20.39 -21.38
CA TRP F 71 -2.56 19.82 -22.32
C TRP F 71 -1.29 19.34 -21.60
N LEU F 72 -1.19 18.02 -21.43
CA LEU F 72 0.04 17.45 -20.92
C LEU F 72 0.10 17.51 -19.39
N GLY F 73 -1.06 17.37 -18.76
CA GLY F 73 -1.17 17.41 -17.31
C GLY F 73 -1.28 18.84 -16.81
N LYS F 74 -1.08 19.80 -17.71
CA LYS F 74 -0.94 21.23 -17.38
C LYS F 74 -1.96 22.07 -18.12
N PRO F 75 -2.26 23.28 -17.58
CA PRO F 75 -3.25 24.12 -18.21
C PRO F 75 -2.54 24.87 -19.29
N VAL F 76 -3.26 25.29 -20.31
CA VAL F 76 -2.76 26.27 -21.26
C VAL F 76 -3.68 27.46 -21.14
N PHE F 77 -3.14 28.67 -21.15
CA PHE F 77 -3.95 29.85 -21.19
C PHE F 77 -4.00 30.36 -22.62
N ILE F 78 -5.20 30.62 -23.11
CA ILE F 78 -5.38 31.34 -24.35
C ILE F 78 -6.23 32.58 -24.10
N ARG F 79 -5.59 33.75 -24.13
CA ARG F 79 -6.30 34.97 -23.85
C ARG F 79 -6.37 35.89 -25.07
N ARG F 80 -7.54 36.47 -25.25
CA ARG F 80 -7.77 37.41 -26.30
C ARG F 80 -7.71 38.76 -25.60
N ARG F 81 -6.62 39.49 -25.80
CA ARG F 81 -6.41 40.70 -25.03
C ARG F 81 -7.22 41.90 -25.55
N THR F 82 -7.65 42.75 -24.61
CA THR F 82 -8.38 43.95 -24.90
C THR F 82 -7.39 44.90 -25.50
N GLU F 83 -7.86 46.05 -25.98
CA GLU F 83 -7.01 47.11 -26.51
C GLU F 83 -5.94 47.48 -25.50
N ASP F 84 -6.38 47.81 -24.29
CA ASP F 84 -5.50 48.41 -23.27
C ASP F 84 -4.35 47.51 -22.85
N GLU F 85 -4.69 46.27 -22.53
CA GLU F 85 -3.67 45.25 -22.29
C GLU F 85 -2.56 45.21 -23.36
N ILE F 86 -2.94 45.32 -24.63
CA ILE F 86 -1.95 45.31 -25.70
C ILE F 86 -1.09 46.57 -25.61
N GLN F 87 -1.74 47.68 -25.25
CA GLN F 87 -1.06 48.93 -24.94
C GLN F 87 -0.15 48.72 -23.74
N ALA F 88 -0.77 48.51 -22.58
CA ALA F 88 -0.07 48.20 -21.33
C ALA F 88 1.18 47.37 -21.62
N GLY F 89 0.98 46.29 -22.36
CA GLY F 89 2.04 45.39 -22.73
C GLY F 89 3.16 46.13 -23.43
N ARG F 90 2.79 46.88 -24.48
CA ARG F 90 3.75 47.56 -25.33
C ARG F 90 4.55 48.70 -24.70
N GLU F 91 4.01 49.32 -23.65
CA GLU F 91 4.77 50.35 -22.94
C GLU F 91 6.07 49.74 -22.36
N VAL F 92 6.10 49.49 -21.06
CA VAL F 92 7.09 48.56 -20.46
C VAL F 92 8.37 48.30 -21.28
N ASP F 93 9.51 48.71 -20.73
CA ASP F 93 10.83 48.59 -21.37
C ASP F 93 11.58 47.30 -21.02
N LEU F 94 12.10 46.62 -22.02
CA LEU F 94 12.99 45.51 -21.75
C LEU F 94 13.64 45.66 -20.38
N GLY F 95 14.21 46.83 -20.11
CA GLY F 95 15.00 46.99 -18.89
C GLY F 95 14.21 46.97 -17.59
N GLN F 96 12.89 47.18 -17.65
CA GLN F 96 12.14 47.21 -16.40
C GLN F 96 11.83 45.77 -15.96
N LEU F 97 12.32 44.78 -16.71
CA LEU F 97 11.91 43.38 -16.54
C LEU F 97 12.87 42.51 -15.72
N ILE F 98 12.30 41.48 -15.09
CA ILE F 98 13.06 40.45 -14.43
C ILE F 98 13.59 39.48 -15.49
N ASP F 99 12.73 39.06 -16.40
CA ASP F 99 13.20 38.13 -17.41
C ASP F 99 13.19 38.76 -18.80
N ARG F 100 14.37 39.11 -19.31
CA ARG F 100 14.46 39.80 -20.58
C ARG F 100 14.16 38.84 -21.72
N SER F 101 13.94 37.58 -21.36
CA SER F 101 13.71 36.59 -22.39
C SER F 101 12.21 36.47 -22.68
N ALA F 102 11.88 36.16 -23.92
CA ALA F 102 10.49 36.03 -24.29
C ALA F 102 10.05 34.59 -24.14
N GLN F 103 10.86 33.78 -23.47
CA GLN F 103 10.50 32.40 -23.21
C GLN F 103 9.54 31.85 -24.26
N ASN F 104 9.91 32.00 -25.53
CA ASN F 104 8.99 31.66 -26.59
C ASN F 104 9.56 30.58 -27.49
N SER F 105 8.92 29.41 -27.55
CA SER F 105 9.46 28.29 -28.33
C SER F 105 9.38 28.40 -29.86
N ASN F 106 8.84 29.49 -30.39
CA ASN F 106 8.84 29.63 -31.82
C ASN F 106 9.25 31.00 -32.21
N LYS F 107 10.01 31.65 -31.33
CA LYS F 107 10.78 32.85 -31.61
C LYS F 107 11.96 32.72 -30.66
N PRO F 108 12.82 31.73 -30.91
CA PRO F 108 13.47 30.95 -29.86
C PRO F 108 14.62 31.66 -29.16
N ASP F 109 15.09 32.79 -29.68
CA ASP F 109 16.06 33.56 -28.92
C ASP F 109 15.67 35.04 -28.83
N ALA F 110 14.38 35.31 -28.85
CA ALA F 110 13.88 36.69 -28.84
C ALA F 110 13.92 37.40 -27.48
N PRO F 111 13.97 38.72 -27.48
CA PRO F 111 13.80 39.45 -26.23
C PRO F 111 12.33 39.50 -25.82
N ALA F 112 12.09 39.92 -24.58
CA ALA F 112 10.78 39.82 -23.93
C ALA F 112 9.82 40.99 -24.23
N THR F 113 9.97 41.62 -25.39
CA THR F 113 8.98 42.61 -25.81
C THR F 113 7.67 41.90 -26.11
N ASP F 114 6.57 42.61 -25.90
CA ASP F 114 5.23 42.13 -26.23
C ASP F 114 5.13 41.43 -27.61
N GLU F 115 5.69 42.01 -28.67
CA GLU F 115 5.52 41.42 -30.00
C GLU F 115 6.04 39.99 -30.11
N ASN F 116 7.00 39.60 -29.28
CA ASN F 116 7.52 38.23 -29.37
C ASN F 116 6.82 37.31 -28.40
N ARG F 117 5.78 37.84 -27.78
CA ARG F 117 5.00 37.10 -26.81
C ARG F 117 3.70 36.55 -27.39
N THR F 118 3.11 37.24 -28.38
CA THR F 118 1.82 36.82 -28.95
C THR F 118 1.96 36.11 -30.29
N MET F 119 1.01 35.23 -30.61
CA MET F 119 1.02 34.52 -31.88
C MET F 119 0.80 35.47 -33.05
N ASP F 120 -0.19 36.34 -32.94
CA ASP F 120 -0.57 37.24 -34.02
C ASP F 120 0.37 38.43 -34.10
N GLU F 121 0.88 38.75 -35.29
CA GLU F 121 1.77 39.89 -35.45
C GLU F 121 1.09 41.18 -34.97
N ALA F 122 -0.09 41.04 -34.36
CA ALA F 122 -1.01 42.17 -34.09
C ALA F 122 -1.32 42.48 -32.60
N GLY F 123 -0.94 41.56 -31.71
CA GLY F 123 -1.06 41.81 -30.26
C GLY F 123 -2.17 41.08 -29.53
N GLU F 124 -3.20 40.68 -30.26
CA GLU F 124 -4.44 40.19 -29.65
C GLU F 124 -4.39 38.81 -28.95
N TRP F 125 -3.71 37.84 -29.55
CA TRP F 125 -3.70 36.49 -28.99
C TRP F 125 -2.51 36.18 -28.06
N LEU F 126 -2.82 35.86 -26.80
CA LEU F 126 -1.79 35.55 -25.83
C LEU F 126 -1.95 34.10 -25.45
N VAL F 127 -1.07 33.27 -25.98
CA VAL F 127 -1.06 31.86 -25.63
C VAL F 127 0.12 31.45 -24.72
N MET F 128 -0.20 30.80 -23.61
CA MET F 128 0.83 30.51 -22.62
C MET F 128 0.52 29.23 -21.88
N ILE F 129 1.57 28.50 -21.55
CA ILE F 129 1.47 27.46 -20.56
C ILE F 129 1.07 28.15 -19.25
N GLY F 130 -0.08 27.78 -18.71
CA GLY F 130 -0.60 28.43 -17.52
C GLY F 130 0.07 27.86 -16.29
N VAL F 131 1.39 27.76 -16.35
CA VAL F 131 2.10 27.25 -15.21
C VAL F 131 3.10 28.26 -14.69
N CYS F 132 2.99 28.57 -13.39
CA CYS F 132 3.90 29.52 -12.75
C CYS F 132 5.33 29.00 -12.80
N THR F 133 6.26 29.81 -13.31
CA THR F 133 7.61 29.32 -13.53
C THR F 133 8.32 29.18 -12.17
N HIS F 134 7.62 29.50 -11.09
CA HIS F 134 8.24 29.34 -9.79
C HIS F 134 8.32 27.87 -9.40
N LEU F 135 7.18 27.32 -8.99
CA LEU F 135 7.07 25.98 -8.41
C LEU F 135 5.74 25.36 -8.88
N GLY F 136 5.29 25.82 -10.04
CA GLY F 136 4.29 25.16 -10.83
C GLY F 136 2.86 25.40 -10.45
N CYS F 137 2.55 26.34 -9.57
CA CYS F 137 1.13 26.67 -9.49
C CYS F 137 0.56 27.27 -10.77
N VAL F 138 -0.74 27.60 -10.74
CA VAL F 138 -1.46 28.09 -11.92
C VAL F 138 -1.83 29.46 -11.56
N PRO F 139 -1.31 30.46 -12.27
CA PRO F 139 -1.66 31.82 -11.82
C PRO F 139 -3.12 32.21 -12.16
N ILE F 140 -3.83 32.81 -11.19
CA ILE F 140 -5.12 33.40 -11.44
C ILE F 140 -5.02 34.60 -12.44
N GLY F 141 -5.88 34.63 -13.46
CA GLY F 141 -5.90 35.69 -14.48
C GLY F 141 -6.88 36.85 -14.21
N ASP F 142 -7.81 37.11 -15.13
CA ASP F 142 -8.62 38.36 -15.17
C ASP F 142 -7.92 39.54 -14.51
N GLY F 143 -6.64 39.71 -14.82
CA GLY F 143 -5.89 40.83 -14.29
C GLY F 143 -5.82 40.86 -12.78
N ALA F 144 -5.75 39.70 -12.14
CA ALA F 144 -5.49 39.77 -10.74
C ALA F 144 -4.00 40.06 -10.62
N GLY F 145 -3.58 40.67 -9.53
CA GLY F 145 -2.19 41.02 -9.41
C GLY F 145 -1.94 42.49 -9.69
N ASP F 146 -0.78 42.95 -9.25
CA ASP F 146 -0.34 44.33 -9.36
C ASP F 146 -0.03 44.82 -10.79
N PHE F 147 -0.36 44.04 -11.80
CA PHE F 147 -0.10 44.46 -13.17
C PHE F 147 -1.25 43.90 -13.96
N GLY F 148 -2.36 43.68 -13.27
CA GLY F 148 -3.59 43.20 -13.87
C GLY F 148 -3.30 42.16 -14.92
N GLY F 149 -2.46 41.20 -14.56
CA GLY F 149 -2.07 40.20 -15.52
C GLY F 149 -2.61 38.95 -14.92
N TRP F 150 -1.68 38.23 -14.28
CA TRP F 150 -1.96 37.10 -13.44
C TRP F 150 -1.19 37.29 -12.12
N PHE F 151 -1.81 36.76 -11.08
CA PHE F 151 -1.25 36.64 -9.76
C PHE F 151 -1.31 35.15 -9.48
N CYS F 152 -0.27 34.64 -8.84
CA CYS F 152 -0.14 33.22 -8.56
C CYS F 152 -0.23 33.05 -7.10
N PRO F 153 -1.31 32.46 -6.62
CA PRO F 153 -1.46 32.52 -5.19
C PRO F 153 -0.41 31.71 -4.45
N CYS F 154 0.48 30.97 -5.10
CA CYS F 154 1.33 30.09 -4.29
C CYS F 154 2.48 30.78 -3.53
N HIS F 155 3.10 31.75 -4.15
CA HIS F 155 4.01 32.52 -3.34
C HIS F 155 3.97 34.02 -3.65
N GLY F 156 2.94 34.47 -4.36
CA GLY F 156 2.83 35.90 -4.62
C GLY F 156 3.66 36.37 -5.80
N SER F 157 3.48 35.75 -6.96
CA SER F 157 4.12 36.21 -8.19
C SER F 157 3.11 36.92 -9.05
N HIS F 158 3.49 38.12 -9.51
CA HIS F 158 2.64 38.91 -10.37
C HIS F 158 3.22 38.91 -11.75
N TYR F 159 2.37 38.58 -12.72
CA TYR F 159 2.77 38.60 -14.11
C TYR F 159 2.07 39.76 -14.80
N ASP F 160 2.70 40.39 -15.76
CA ASP F 160 2.07 41.56 -16.38
C ASP F 160 1.15 41.14 -17.52
N THR F 161 0.77 42.11 -18.35
CA THR F 161 -0.32 41.90 -19.30
C THR F 161 0.14 41.05 -20.46
N SER F 162 1.45 40.95 -20.65
CA SER F 162 1.96 40.01 -21.66
C SER F 162 2.64 38.80 -21.04
N GLY F 163 2.24 38.50 -19.80
CA GLY F 163 2.63 37.25 -19.16
C GLY F 163 4.03 37.24 -18.57
N ARG F 164 4.66 38.41 -18.51
CA ARG F 164 6.00 38.52 -17.99
C ARG F 164 6.05 38.70 -16.49
N ILE F 165 7.09 38.14 -15.86
CA ILE F 165 7.10 38.10 -14.41
C ILE F 165 7.62 39.43 -13.84
N ARG F 166 6.85 40.07 -12.98
CA ARG F 166 7.19 41.40 -12.49
C ARG F 166 7.59 41.43 -11.01
N ARG F 167 6.92 40.66 -10.19
CA ARG F 167 7.17 40.70 -8.77
C ARG F 167 7.09 39.26 -8.22
N GLY F 168 7.92 38.94 -7.22
CA GLY F 168 7.90 37.62 -6.58
C GLY F 168 9.10 36.70 -6.81
N PRO F 169 8.92 35.37 -6.59
CA PRO F 169 10.04 34.40 -6.68
C PRO F 169 10.21 33.78 -8.05
N ALA F 170 9.13 33.80 -8.86
CA ALA F 170 9.14 33.15 -10.15
C ALA F 170 10.29 33.68 -11.01
N PRO F 171 11.14 32.81 -11.56
CA PRO F 171 12.24 33.43 -12.22
C PRO F 171 11.96 33.79 -13.69
N GLN F 172 10.94 33.23 -14.32
CA GLN F 172 10.73 33.44 -15.78
C GLN F 172 9.33 33.84 -16.24
N ASN F 173 9.26 34.41 -17.44
CA ASN F 173 7.97 34.88 -17.94
C ASN F 173 7.27 33.63 -18.28
N LEU F 174 5.95 33.61 -18.18
CA LEU F 174 5.24 32.38 -18.51
C LEU F 174 5.63 31.96 -19.93
N HIS F 175 6.06 30.73 -20.12
CA HIS F 175 6.58 30.30 -21.41
C HIS F 175 5.53 30.38 -22.52
N ILE F 176 6.01 30.37 -23.75
CA ILE F 176 5.13 30.18 -24.89
C ILE F 176 5.47 28.91 -25.65
N PRO F 177 4.45 28.07 -25.88
CA PRO F 177 4.50 26.75 -26.54
C PRO F 177 4.52 26.86 -28.04
N VAL F 178 5.27 25.97 -28.67
CA VAL F 178 5.11 25.77 -30.11
C VAL F 178 3.62 25.87 -30.45
N ALA F 179 3.25 26.76 -31.38
CA ALA F 179 1.83 26.97 -31.66
C ALA F 179 1.55 27.93 -32.82
N GLU F 180 0.54 27.60 -33.64
CA GLU F 180 0.10 28.50 -34.72
C GLU F 180 -1.39 28.41 -34.99
N PHE F 181 -1.87 29.28 -35.86
CA PHE F 181 -3.25 29.19 -36.33
C PHE F 181 -3.35 28.27 -37.53
N LEU F 182 -4.29 27.32 -37.51
CA LEU F 182 -4.67 26.61 -38.74
C LEU F 182 -5.77 27.41 -39.46
N ASP F 183 -7.04 27.09 -39.25
CA ASP F 183 -8.09 28.01 -39.72
C ASP F 183 -7.95 29.37 -39.01
N ASP F 184 -8.65 30.40 -39.47
CA ASP F 184 -8.58 31.66 -38.77
C ASP F 184 -9.05 31.40 -37.33
N THR F 185 -9.99 30.46 -37.18
CA THR F 185 -10.67 30.22 -35.89
C THR F 185 -10.12 29.02 -35.11
N THR F 186 -8.85 28.68 -35.32
CA THR F 186 -8.28 27.52 -34.62
C THR F 186 -6.78 27.65 -34.30
N ILE F 187 -6.36 26.98 -33.23
CA ILE F 187 -4.95 27.02 -32.82
C ILE F 187 -4.40 25.61 -32.57
N LYS F 188 -3.17 25.37 -33.01
CA LYS F 188 -2.56 24.05 -32.87
C LYS F 188 -1.41 24.07 -31.86
N LEU F 189 -1.51 23.21 -30.87
CA LEU F 189 -0.58 23.23 -29.78
C LEU F 189 0.48 22.18 -29.95
N GLY F 190 1.71 22.64 -30.18
CA GLY F 190 2.85 21.75 -30.31
C GLY F 190 2.93 20.99 -31.63
#